data_7MVT
#
_entry.id   7MVT
#
_cell.length_a   76.776
_cell.length_b   76.776
_cell.length_c   712.505
_cell.angle_alpha   90.000
_cell.angle_beta   90.000
_cell.angle_gamma   90.000
#
_symmetry.space_group_name_H-M   'P 41 21 2'
#
loop_
_entity.id
_entity.type
_entity.pdbx_description
1 polymer 'Nucleoporin NIC96'
2 polymer 'Nucleoporin NUP192'
#
loop_
_entity_poly.entity_id
_entity_poly.type
_entity_poly.pdbx_seq_one_letter_code
_entity_poly.pdbx_strand_id
1 'polypeptide(L)'
;SEPGKAHYFLAASGVDPGAAVRDLGALGLQAKTERTAASVGPAAGPSGVSTTGFGTGLGEVDVDTYLSNLQTKTTLSMIA
DGLERSARDFDAFLEENVTLEWEAQRKRIYQHFGIK
;
B
2 'polypeptide(L)'
;GPHMGLQESFGVAAEDKIFGGSGSFIPRCMEAMKGVRSMLQCMADKANARNMLQQASLVRPLDNQETLDFSRLSLVEQHE
CLASILHAAVQRHHATIADFQDFIKILRKWDKYDHFLIHLIPVLAAYITEFGSPEGMGDLQQARRLNDFICKGGDEDSWA
LPVLGAAVRAWWIAEHNGFYLDDTVQDLRGINLDEEDEQRTKQFLDALKEGAFDFILSVAADCKAQEWQDPSQLGARQWL
QRKIPSLPSEPFPFSHFLQHSLMVHLEGFVDATISNLPDVLRKLRTEEDEQRQLRPNHEQDMDLERFLIIISYAYEGRPD
AAMSFWEDPDSNLAGFLQWASRRASTPLVSAFCEMLRCLADNEECATAAHNFLLDEGHQASGKMKRSQSLTWSQIFKELE
YFTTKVCSERPNPPQASMHRPGRPGADPAEIEPESALMLECYLRLIAKLATESEIARKRLIMDEDFNLVDTILKLSVGVI
PHRLRACIFYVLKALMIRKTHEELDAMWRWVEAWMTNPFSSLPGSQGAPQRISFLGQTPGPQECMEMMFREFGTGFEQSN
AFIQLLTTLLVPPEGLNSLNDSVPFPEWLGSSIRTLGIEPYVDFVFDVFANRTKDISDPSQLRILRLSCLDFVMVCLVTF
NEDLIVLGHESNISIDDAMAATNLATYVRLHPFSRVMEWLFNEKVITSLINTIHQDPISLGSASPDSPLVVSILRAIQVM
IKALELQETYLHLVRPEVLRYQGEAGVRRKPVANAAYSAFEDGILSHLSLVVDLGKYCNLGHAELTLACLKLLEKISTSS
RILSAWSPDSGRLGHRNKAIVQLERNGEGETISASLSASIMATLDPALAASGENYRVKLAILDFLYACLRATPDQPTIAH
QLLGFHCELSKLGIEPKGPFDMQKSLFHSLLNVLITLTVSEEEQGMRGYLVTLKYRVLRILQLLWKSPLSASLVMDELRA
TNFLFHMLLREVQIQPQLPWDGQLVTGCEFLLSDASLAYIDYLASRAAIFEYIGKELCSVSQNRIPSIKRQIFDALNGQI
FVDEEAPLTIPSIFDFFDFINTDYKWEEIPSPHFTYLKDLDLGPCILEHKYAGVHYDIRKAQEILALKRKEYEHSQLATP
EFLETVELEEKVLIEWLTVRNRANLLLTARLNLLQAWANLLLVMIESNDFKSTPKMAFLLQALQAILPTLEAFSSLKSDE
AFELARVAKVLLWKLDFSQDSDAGLDREQFTVGNLIGDKLFQLFQLCLSAISQCSGTPELRSLYYSICYRYLTAVVDNDA
TVAATPASSTIGPTRSVTNARARTLKAITLYGDRLLNVICDDAYGSDTTCQTAAMILLNALVHTSRASSAAGVSPADVDC
PIIDALNRLNFIGVLVDSLKEILNEWLAPSSTFDPSLSTNASPSLPIPASPSQQYTSAKLALLLQLCQTRQGAKYVLQAN
LFRALEQSGVFAADPELVEVDSESGVPRVVALERHYALLVALARVVGAAVTARGAHNIVQGRKFLTQHRGLVVHVLKKNA
GIGGGVVGNSLASSINGGSTATMTRRDEILAQQALEERIEELAEAFMLLITATGFLEYESEQVPSEQPRAHTTFFH
;
A
#
# COMPACT_ATOMS: atom_id res chain seq x y z
N GLY A 55 21.16 17.75 19.92
CA GLY A 55 20.74 19.08 19.50
C GLY A 55 20.47 20.01 20.66
N THR A 56 21.38 20.06 21.62
CA THR A 56 21.27 20.95 22.76
C THR A 56 22.52 21.78 23.03
N GLY A 57 23.68 21.39 22.50
CA GLY A 57 24.90 22.18 22.66
C GLY A 57 24.99 23.24 21.58
N LEU A 58 25.50 24.42 21.96
CA LEU A 58 25.62 25.51 21.02
C LEU A 58 26.41 25.08 19.79
N GLY A 59 25.91 25.46 18.62
CA GLY A 59 26.51 25.11 17.36
C GLY A 59 25.79 24.02 16.59
N GLU A 60 24.98 23.22 17.28
CA GLU A 60 24.20 22.19 16.61
C GLU A 60 23.36 22.79 15.50
N VAL A 61 23.58 22.30 14.27
CA VAL A 61 22.81 22.74 13.11
C VAL A 61 22.49 21.50 12.28
N ASP A 62 21.52 21.67 11.38
CA ASP A 62 21.10 20.56 10.54
C ASP A 62 22.27 20.04 9.72
N VAL A 63 22.28 18.72 9.50
CA VAL A 63 23.33 18.11 8.67
C VAL A 63 23.44 18.84 7.34
N ASP A 64 22.30 19.26 6.78
CA ASP A 64 22.32 20.00 5.53
C ASP A 64 23.14 21.28 5.67
N THR A 65 22.80 22.12 6.65
CA THR A 65 23.54 23.35 6.88
C THR A 65 25.01 23.05 7.17
N TYR A 66 25.27 22.00 7.96
CA TYR A 66 26.63 21.69 8.38
C TYR A 66 27.53 21.45 7.18
N LEU A 67 27.15 20.54 6.29
CA LEU A 67 28.00 20.20 5.16
C LEU A 67 27.91 21.20 4.02
N SER A 68 26.82 21.97 3.92
CA SER A 68 26.79 23.06 2.96
C SER A 68 27.74 24.17 3.37
N ASN A 69 27.78 24.49 4.67
CA ASN A 69 28.78 25.41 5.17
C ASN A 69 30.19 24.87 4.96
N LEU A 70 30.35 23.55 4.98
CA LEU A 70 31.62 22.94 4.62
C LEU A 70 31.97 23.26 3.16
N GLN A 71 31.04 23.02 2.24
CA GLN A 71 31.29 23.31 0.84
C GLN A 71 31.69 24.77 0.65
N THR A 72 30.94 25.69 1.27
CA THR A 72 31.27 27.10 1.16
C THR A 72 32.65 27.40 1.75
N LYS A 73 32.99 26.74 2.86
CA LYS A 73 34.29 26.95 3.48
C LYS A 73 35.42 26.51 2.55
N THR A 74 35.26 25.37 1.89
CA THR A 74 36.30 24.91 0.97
C THR A 74 36.46 25.85 -0.21
N THR A 75 35.34 26.37 -0.73
CA THR A 75 35.43 27.30 -1.85
C THR A 75 36.13 28.59 -1.45
N LEU A 76 35.83 29.11 -0.26
CA LEU A 76 36.49 30.33 0.19
C LEU A 76 37.97 30.11 0.40
N SER A 77 38.36 28.95 0.91
CA SER A 77 39.78 28.65 1.08
C SER A 77 40.48 28.58 -0.27
N MET A 78 39.80 28.08 -1.30
CA MET A 78 40.37 28.08 -2.64
C MET A 78 40.59 29.50 -3.14
N ILE A 79 39.60 30.37 -2.94
CA ILE A 79 39.74 31.77 -3.35
C ILE A 79 40.96 32.39 -2.68
N ALA A 80 41.06 32.25 -1.35
CA ALA A 80 42.17 32.86 -0.63
C ALA A 80 43.51 32.28 -1.06
N ASP A 81 43.57 30.95 -1.21
CA ASP A 81 44.82 30.33 -1.63
C ASP A 81 45.27 30.86 -2.99
N GLY A 82 44.33 30.97 -3.93
CA GLY A 82 44.68 31.50 -5.24
C GLY A 82 45.19 32.92 -5.17
N LEU A 83 44.53 33.76 -4.37
CA LEU A 83 44.98 35.14 -4.20
C LEU A 83 46.39 35.18 -3.61
N GLU A 84 46.61 34.46 -2.52
CA GLU A 84 47.92 34.44 -1.88
C GLU A 84 49.01 34.06 -2.87
N ARG A 85 48.86 32.90 -3.52
CA ARG A 85 49.93 32.42 -4.40
C ARG A 85 50.15 33.37 -5.57
N SER A 86 49.08 33.96 -6.09
CA SER A 86 49.24 34.98 -7.15
C SER A 86 50.12 36.12 -6.66
N ALA A 87 49.81 36.67 -5.49
CA ALA A 87 50.61 37.76 -4.95
C ALA A 87 52.07 37.34 -4.78
N ARG A 88 52.30 36.12 -4.26
CA ARG A 88 53.68 35.68 -4.06
C ARG A 88 54.38 35.42 -5.38
N ASP A 89 53.71 34.71 -6.30
CA ASP A 89 54.31 34.46 -7.60
C ASP A 89 54.71 35.76 -8.29
N PHE A 90 53.83 36.77 -8.21
CA PHE A 90 54.20 38.09 -8.74
C PHE A 90 55.40 38.65 -8.00
N ASP A 91 55.36 38.64 -6.67
CA ASP A 91 56.49 39.10 -5.88
C ASP A 91 57.79 38.43 -6.33
N ALA A 92 57.74 37.13 -6.63
CA ALA A 92 58.93 36.43 -7.09
C ALA A 92 59.37 36.94 -8.46
N PHE A 93 58.42 37.29 -9.32
CA PHE A 93 58.76 37.78 -10.65
C PHE A 93 59.61 39.05 -10.57
N LEU A 94 59.09 40.08 -9.88
CA LEU A 94 59.84 41.33 -9.79
C LEU A 94 61.08 41.18 -8.91
N GLU A 95 61.10 40.21 -8.00
CA GLU A 95 62.32 39.94 -7.25
C GLU A 95 63.42 39.44 -8.18
N GLU A 96 63.06 38.55 -9.10
CA GLU A 96 64.02 38.13 -10.14
C GLU A 96 64.49 39.33 -10.96
N ASN A 97 63.57 40.22 -11.33
CA ASN A 97 63.92 41.29 -12.26
C ASN A 97 64.75 42.37 -11.58
N VAL A 98 64.51 42.64 -10.30
CA VAL A 98 65.17 43.76 -9.63
C VAL A 98 66.48 43.32 -8.98
N THR A 99 66.53 42.10 -8.43
CA THR A 99 67.73 41.67 -7.74
C THR A 99 68.97 41.69 -8.64
N LEU A 100 68.79 41.64 -9.96
CA LEU A 100 69.93 41.56 -10.86
C LEU A 100 70.76 42.84 -10.84
N GLU A 101 70.14 43.98 -10.61
CA GLU A 101 70.90 45.22 -10.54
C GLU A 101 70.00 46.37 -10.09
N TRP A 102 70.63 47.38 -9.49
CA TRP A 102 69.99 48.65 -9.16
C TRP A 102 68.77 48.44 -8.25
N GLU A 103 69.08 48.01 -7.02
CA GLU A 103 68.07 47.96 -5.98
C GLU A 103 67.91 49.31 -5.30
N ALA A 104 69.03 49.93 -4.90
CA ALA A 104 69.00 51.20 -4.19
C ALA A 104 68.99 52.40 -5.12
N GLN A 105 69.57 52.27 -6.32
CA GLN A 105 69.57 53.40 -7.25
C GLN A 105 68.15 53.70 -7.74
N ARG A 106 67.34 52.65 -7.94
CA ARG A 106 65.99 52.86 -8.45
C ARG A 106 65.12 53.62 -7.45
N LYS A 107 65.29 53.36 -6.16
CA LYS A 107 64.51 54.08 -5.17
C LYS A 107 65.06 55.50 -4.97
N ARG A 108 66.38 55.66 -5.01
CA ARG A 108 66.97 56.97 -4.77
C ARG A 108 66.59 57.96 -5.85
N ILE A 109 66.65 57.55 -7.12
CA ILE A 109 66.43 58.48 -8.22
C ILE A 109 65.10 59.22 -8.06
N TYR A 110 64.04 58.50 -7.65
CA TYR A 110 62.77 59.18 -7.43
C TYR A 110 62.61 59.70 -6.02
N GLN A 111 63.39 59.21 -5.06
CA GLN A 111 63.50 59.91 -3.78
C GLN A 111 63.89 61.37 -4.02
N HIS A 112 64.65 61.63 -5.09
CA HIS A 112 65.08 62.98 -5.42
C HIS A 112 64.12 63.68 -6.38
N PHE A 113 63.75 63.03 -7.48
CA PHE A 113 62.93 63.68 -8.51
C PHE A 113 61.73 64.39 -7.89
N GLY A 114 60.94 63.66 -7.12
CA GLY A 114 59.87 64.27 -6.36
C GLY A 114 60.34 64.72 -4.99
N ILE A 115 59.55 65.59 -4.37
CA ILE A 115 59.90 66.08 -3.04
C ILE A 115 60.11 64.89 -2.11
N LYS A 116 61.28 64.85 -1.47
CA LYS A 116 61.64 63.73 -0.62
C LYS A 116 60.60 63.49 0.46
N ILE B 26 -10.83 -47.76 29.14
CA ILE B 26 -12.23 -47.39 28.94
C ILE B 26 -12.83 -46.85 30.23
N PRO B 27 -12.82 -47.64 31.31
CA PRO B 27 -13.40 -47.16 32.57
C PRO B 27 -12.74 -45.90 33.08
N ARG B 28 -11.44 -45.74 32.89
CA ARG B 28 -10.78 -44.50 33.28
C ARG B 28 -11.40 -43.31 32.56
N CYS B 29 -11.84 -43.50 31.31
CA CYS B 29 -12.52 -42.42 30.60
C CYS B 29 -13.87 -42.11 31.22
N MET B 30 -14.63 -43.14 31.59
CA MET B 30 -15.88 -42.91 32.30
C MET B 30 -15.64 -42.11 33.58
N GLU B 31 -14.59 -42.46 34.33
CA GLU B 31 -14.27 -41.74 35.56
C GLU B 31 -13.93 -40.29 35.28
N ALA B 32 -13.11 -40.04 34.25
CA ALA B 32 -12.73 -38.66 33.94
C ALA B 32 -13.94 -37.83 33.54
N MET B 33 -14.83 -38.40 32.72
CA MET B 33 -16.03 -37.66 32.34
C MET B 33 -16.91 -37.37 33.56
N LYS B 34 -17.10 -38.35 34.42
CA LYS B 34 -17.88 -38.13 35.63
C LYS B 34 -17.27 -37.04 36.49
N GLY B 35 -15.94 -37.02 36.59
CA GLY B 35 -15.29 -35.97 37.36
C GLY B 35 -15.50 -34.59 36.75
N VAL B 36 -15.36 -34.49 35.43
CA VAL B 36 -15.58 -33.21 34.76
C VAL B 36 -17.00 -32.72 35.01
N ARG B 37 -17.99 -33.61 34.88
CA ARG B 37 -19.37 -33.22 35.09
C ARG B 37 -19.61 -32.80 36.54
N SER B 38 -19.06 -33.55 37.50
CA SER B 38 -19.22 -33.16 38.90
C SER B 38 -18.58 -31.81 39.17
N MET B 39 -17.41 -31.56 38.59
CA MET B 39 -16.75 -30.26 38.77
C MET B 39 -17.60 -29.13 38.21
N LEU B 40 -18.13 -29.30 37.00
CA LEU B 40 -18.92 -28.25 36.38
C LEU B 40 -20.23 -28.02 37.11
N GLN B 41 -20.76 -29.06 37.76
CA GLN B 41 -22.04 -28.92 38.46
C GLN B 41 -21.85 -28.26 39.83
N CYS B 42 -20.75 -28.58 40.51
CA CYS B 42 -20.48 -27.97 41.82
C CYS B 42 -19.95 -26.56 41.68
N MET B 43 -19.27 -26.25 40.56
CA MET B 43 -18.73 -24.91 40.37
C MET B 43 -19.84 -23.89 40.15
N ALA B 44 -20.89 -24.27 39.43
CA ALA B 44 -21.98 -23.34 39.15
C ALA B 44 -22.79 -23.01 40.39
N ASP B 45 -22.69 -23.81 41.45
CA ASP B 45 -23.44 -23.59 42.67
C ASP B 45 -22.51 -23.25 43.83
N THR B 67 -13.04 -15.65 33.61
CA THR B 67 -12.31 -16.72 34.30
C THR B 67 -13.22 -17.93 34.50
N LEU B 68 -14.42 -17.69 35.03
CA LEU B 68 -15.36 -18.78 35.23
C LEU B 68 -15.91 -19.28 33.89
N ASP B 69 -16.28 -18.36 33.00
CA ASP B 69 -16.81 -18.76 31.71
C ASP B 69 -15.77 -19.54 30.90
N PHE B 70 -14.52 -19.06 30.88
CA PHE B 70 -13.48 -19.77 30.15
C PHE B 70 -13.20 -21.15 30.75
N SER B 71 -13.35 -21.28 32.07
CA SER B 71 -13.18 -22.58 32.70
C SER B 71 -14.26 -23.55 32.24
N ARG B 72 -15.53 -23.12 32.31
CA ARG B 72 -16.62 -23.97 31.84
C ARG B 72 -16.41 -24.38 30.39
N LEU B 73 -15.96 -23.45 29.55
CA LEU B 73 -15.73 -23.76 28.14
C LEU B 73 -14.64 -24.80 27.97
N SER B 74 -13.51 -24.61 28.67
CA SER B 74 -12.39 -25.54 28.54
C SER B 74 -12.79 -26.94 29.00
N LEU B 75 -13.56 -27.04 30.09
CA LEU B 75 -13.90 -28.35 30.63
C LEU B 75 -14.90 -29.07 29.74
N VAL B 76 -15.89 -28.35 29.20
CA VAL B 76 -16.83 -28.99 28.28
C VAL B 76 -16.11 -29.42 27.01
N GLU B 77 -15.12 -28.63 26.56
CA GLU B 77 -14.30 -29.05 25.43
C GLU B 77 -13.54 -30.32 25.75
N GLN B 78 -12.96 -30.40 26.96
CA GLN B 78 -12.27 -31.62 27.36
C GLN B 78 -13.23 -32.80 27.38
N HIS B 79 -14.44 -32.61 27.91
CA HIS B 79 -15.41 -33.69 27.95
C HIS B 79 -15.82 -34.14 26.54
N GLU B 80 -15.96 -33.17 25.63
CA GLU B 80 -16.31 -33.53 24.26
C GLU B 80 -15.17 -34.30 23.58
N CYS B 81 -13.93 -33.88 23.81
CA CYS B 81 -12.79 -34.64 23.29
C CYS B 81 -12.77 -36.04 23.87
N LEU B 82 -13.08 -36.18 25.16
CA LEU B 82 -13.10 -37.50 25.79
C LEU B 82 -14.17 -38.38 25.17
N ALA B 83 -15.37 -37.83 24.96
CA ALA B 83 -16.41 -38.59 24.29
C ALA B 83 -16.01 -38.95 22.87
N SER B 84 -15.32 -38.03 22.18
CA SER B 84 -14.81 -38.33 20.85
C SER B 84 -13.87 -39.53 20.90
N ILE B 85 -12.92 -39.51 21.84
CA ILE B 85 -11.97 -40.61 21.97
C ILE B 85 -12.68 -41.89 22.37
N LEU B 86 -13.75 -41.78 23.17
CA LEU B 86 -14.43 -42.98 23.63
C LEU B 86 -15.12 -43.69 22.47
N HIS B 87 -15.85 -42.96 21.63
CA HIS B 87 -16.48 -43.60 20.48
C HIS B 87 -15.46 -44.05 19.44
N ALA B 88 -14.29 -43.39 19.41
CA ALA B 88 -13.21 -43.87 18.55
C ALA B 88 -12.71 -45.24 19.00
N ALA B 89 -12.61 -45.44 20.32
CA ALA B 89 -12.18 -46.74 20.84
C ALA B 89 -13.25 -47.80 20.61
N VAL B 90 -14.51 -47.47 20.91
CA VAL B 90 -15.60 -48.43 20.72
C VAL B 90 -15.67 -48.88 19.27
N GLN B 91 -15.49 -47.95 18.33
CA GLN B 91 -15.45 -48.32 16.92
C GLN B 91 -14.37 -49.37 16.65
N ARG B 92 -13.32 -49.38 17.46
CA ARG B 92 -12.27 -50.39 17.36
C ARG B 92 -12.67 -51.61 18.17
N HIS B 93 -11.89 -52.69 18.01
CA HIS B 93 -12.21 -53.96 18.63
C HIS B 93 -11.77 -54.04 20.09
N HIS B 94 -11.41 -52.92 20.71
CA HIS B 94 -10.92 -52.95 22.08
C HIS B 94 -12.06 -53.00 23.10
N ALA B 95 -13.17 -52.33 22.80
CA ALA B 95 -14.31 -52.33 23.71
C ALA B 95 -14.74 -53.77 24.00
N THR B 96 -14.88 -54.09 25.28
CA THR B 96 -15.19 -55.45 25.70
C THR B 96 -16.70 -55.63 25.87
N ILE B 97 -17.10 -56.80 26.38
CA ILE B 97 -18.52 -57.07 26.55
C ILE B 97 -19.08 -56.34 27.77
N ALA B 98 -18.27 -56.14 28.80
CA ALA B 98 -18.76 -55.52 30.04
C ALA B 98 -18.83 -54.01 29.94
N ASP B 99 -17.92 -53.38 29.18
CA ASP B 99 -17.99 -51.93 29.02
C ASP B 99 -19.28 -51.52 28.31
N PHE B 100 -19.77 -52.35 27.39
CA PHE B 100 -21.08 -52.11 26.79
C PHE B 100 -22.15 -51.99 27.87
N GLN B 101 -22.22 -52.98 28.76
CA GLN B 101 -23.24 -52.98 29.79
C GLN B 101 -23.07 -51.80 30.74
N ASP B 102 -21.82 -51.48 31.09
CA ASP B 102 -21.58 -50.34 31.97
C ASP B 102 -22.04 -49.04 31.32
N PHE B 103 -21.76 -48.88 30.03
CA PHE B 103 -22.17 -47.67 29.33
C PHE B 103 -23.69 -47.57 29.24
N ILE B 104 -24.36 -48.68 28.89
CA ILE B 104 -25.81 -48.67 28.84
C ILE B 104 -26.39 -48.45 30.23
N LYS B 105 -25.67 -48.86 31.28
CA LYS B 105 -26.15 -48.62 32.64
C LYS B 105 -26.03 -47.14 33.00
N ILE B 106 -24.93 -46.50 32.61
CA ILE B 106 -24.80 -45.06 32.84
C ILE B 106 -25.93 -44.31 32.15
N LEU B 107 -26.28 -44.72 30.92
CA LEU B 107 -27.36 -44.07 30.20
C LEU B 107 -28.70 -44.32 30.89
N ARG B 108 -28.96 -45.56 31.31
CA ARG B 108 -30.16 -45.85 32.08
C ARG B 108 -30.28 -44.90 33.26
N LYS B 109 -29.15 -44.59 33.91
CA LYS B 109 -29.14 -43.68 35.05
C LYS B 109 -29.20 -42.21 34.66
N TRP B 110 -28.82 -41.88 33.42
CA TRP B 110 -28.85 -40.49 32.99
C TRP B 110 -30.25 -39.91 33.16
N ASP B 111 -30.32 -38.66 33.58
CA ASP B 111 -31.58 -38.02 33.92
C ASP B 111 -31.85 -36.73 33.19
N LYS B 112 -30.82 -35.91 32.95
CA LYS B 112 -30.99 -34.58 32.40
C LYS B 112 -30.58 -34.54 30.93
N TYR B 113 -31.41 -33.89 30.12
CA TYR B 113 -31.10 -33.63 28.71
C TYR B 113 -30.06 -32.53 28.66
N ASP B 114 -28.80 -32.89 28.45
CA ASP B 114 -27.71 -31.94 28.48
C ASP B 114 -26.75 -32.25 27.34
N HIS B 115 -25.87 -31.28 27.06
CA HIS B 115 -24.89 -31.46 25.99
C HIS B 115 -24.03 -32.70 26.24
N PHE B 116 -23.72 -32.96 27.52
CA PHE B 116 -22.93 -34.15 27.85
C PHE B 116 -23.60 -35.42 27.33
N LEU B 117 -24.93 -35.46 27.38
CA LEU B 117 -25.65 -36.63 26.85
C LEU B 117 -25.50 -36.71 25.34
N ILE B 118 -25.62 -35.59 24.64
CA ILE B 118 -25.46 -35.58 23.19
C ILE B 118 -24.06 -36.07 22.81
N HIS B 119 -23.07 -35.80 23.67
CA HIS B 119 -21.70 -36.22 23.38
C HIS B 119 -21.56 -37.74 23.36
N LEU B 120 -22.46 -38.46 24.02
CA LEU B 120 -22.38 -39.91 24.12
C LEU B 120 -23.19 -40.63 23.07
N ILE B 121 -23.93 -39.91 22.23
CA ILE B 121 -24.76 -40.56 21.20
C ILE B 121 -23.90 -41.37 20.24
N PRO B 122 -22.77 -40.85 19.72
CA PRO B 122 -21.92 -41.68 18.87
C PRO B 122 -21.40 -42.92 19.57
N VAL B 123 -21.14 -42.85 20.87
CA VAL B 123 -20.67 -44.02 21.61
C VAL B 123 -21.74 -45.11 21.59
N LEU B 124 -22.99 -44.74 21.90
CA LEU B 124 -24.08 -45.71 21.87
C LEU B 124 -24.24 -46.31 20.48
N ALA B 125 -24.23 -45.47 19.45
CA ALA B 125 -24.40 -45.96 18.09
C ALA B 125 -23.31 -46.96 17.72
N ALA B 126 -22.07 -46.69 18.14
CA ALA B 126 -20.98 -47.62 17.82
C ALA B 126 -21.15 -48.93 18.57
N TYR B 127 -21.55 -48.87 19.85
CA TYR B 127 -21.83 -50.09 20.60
C TYR B 127 -22.88 -50.94 19.90
N ILE B 128 -23.99 -50.30 19.51
CA ILE B 128 -25.08 -51.04 18.87
C ILE B 128 -24.62 -51.60 17.52
N THR B 129 -23.80 -50.83 16.78
CA THR B 129 -23.34 -51.31 15.48
C THR B 129 -22.44 -52.53 15.64
N GLU B 130 -21.54 -52.51 16.62
CA GLU B 130 -20.62 -53.62 16.80
C GLU B 130 -21.36 -54.89 17.23
N PHE B 131 -22.18 -54.80 18.28
CA PHE B 131 -22.90 -55.95 18.79
C PHE B 131 -24.25 -56.14 18.11
N GLY B 132 -25.05 -55.08 18.06
CA GLY B 132 -26.37 -55.18 17.42
C GLY B 132 -26.29 -55.44 15.93
N GLN B 141 -25.32 -65.17 19.05
CA GLN B 141 -25.71 -65.42 20.44
C GLN B 141 -25.51 -64.17 21.28
N GLN B 142 -24.33 -63.55 21.17
CA GLN B 142 -24.10 -62.28 21.85
C GLN B 142 -25.19 -61.28 21.51
N ALA B 143 -25.59 -61.22 20.23
CA ALA B 143 -26.61 -60.27 19.81
C ALA B 143 -27.93 -60.52 20.51
N ARG B 144 -28.33 -61.79 20.63
CA ARG B 144 -29.62 -62.10 21.23
C ARG B 144 -29.62 -61.80 22.73
N ARG B 145 -28.53 -62.15 23.43
CA ARG B 145 -28.48 -61.87 24.86
C ARG B 145 -28.53 -60.36 25.12
N LEU B 146 -27.77 -59.59 24.35
CA LEU B 146 -27.77 -58.14 24.54
C LEU B 146 -29.11 -57.53 24.14
N ASN B 147 -29.81 -58.13 23.18
CA ASN B 147 -31.14 -57.68 22.85
C ASN B 147 -32.08 -57.81 24.04
N ASP B 148 -32.11 -59.01 24.65
CA ASP B 148 -32.95 -59.21 25.82
C ASP B 148 -32.51 -58.33 26.98
N PHE B 149 -31.19 -58.12 27.12
CA PHE B 149 -30.68 -57.27 28.19
C PHE B 149 -31.29 -55.87 28.11
N ILE B 150 -31.56 -55.38 26.91
CA ILE B 150 -32.19 -54.08 26.73
C ILE B 150 -33.70 -54.23 26.81
N LEU B 161 -33.67 -39.82 31.28
CA LEU B 161 -35.10 -39.63 30.97
C LEU B 161 -35.59 -40.83 30.15
N PRO B 162 -36.84 -41.25 30.37
CA PRO B 162 -37.32 -42.46 29.67
C PRO B 162 -37.23 -42.37 28.15
N VAL B 163 -37.44 -41.19 27.57
CA VAL B 163 -37.40 -41.08 26.11
C VAL B 163 -36.07 -41.59 25.58
N LEU B 164 -34.99 -41.41 26.33
CA LEU B 164 -33.70 -41.99 25.94
C LEU B 164 -33.81 -43.50 25.78
N GLY B 165 -34.31 -44.18 26.82
CA GLY B 165 -34.47 -45.61 26.73
C GLY B 165 -35.28 -46.04 25.53
N ALA B 166 -36.36 -45.31 25.24
CA ALA B 166 -37.17 -45.63 24.07
C ALA B 166 -36.35 -45.50 22.78
N ALA B 167 -35.57 -44.43 22.67
CA ALA B 167 -34.74 -44.25 21.48
C ALA B 167 -33.69 -45.36 21.38
N VAL B 168 -33.09 -45.74 22.52
CA VAL B 168 -32.12 -46.83 22.50
C VAL B 168 -32.79 -48.12 22.04
N ARG B 169 -34.00 -48.39 22.53
CA ARG B 169 -34.72 -49.59 22.11
C ARG B 169 -34.96 -49.56 20.60
N ALA B 170 -35.44 -48.43 20.08
CA ALA B 170 -35.69 -48.33 18.65
C ALA B 170 -34.42 -48.53 17.84
N TRP B 171 -33.30 -47.97 18.32
CA TRP B 171 -32.04 -48.11 17.59
C TRP B 171 -31.62 -49.57 17.51
N TRP B 172 -31.66 -50.29 18.64
CA TRP B 172 -31.26 -51.68 18.62
C TRP B 172 -32.17 -52.51 17.71
N ILE B 173 -33.49 -52.27 17.78
CA ILE B 173 -34.42 -53.04 16.96
C ILE B 173 -34.12 -52.86 15.49
N ALA B 174 -33.70 -51.65 15.09
CA ALA B 174 -33.39 -51.40 13.69
C ALA B 174 -32.04 -51.98 13.29
N GLU B 175 -31.12 -52.14 14.24
CA GLU B 175 -29.78 -52.61 13.92
C GLU B 175 -29.63 -54.12 13.99
N HIS B 176 -30.45 -54.79 14.80
CA HIS B 176 -30.34 -56.24 14.97
C HIS B 176 -31.31 -57.03 14.11
N ASN B 177 -32.51 -56.52 13.88
CA ASN B 177 -33.51 -57.23 13.10
C ASN B 177 -33.06 -57.41 11.65
N ASP B 194 -41.61 -65.78 12.59
CA ASP B 194 -42.82 -64.96 12.51
C ASP B 194 -43.15 -64.32 13.86
N GLU B 195 -42.97 -65.08 14.93
CA GLU B 195 -43.20 -64.53 16.27
C GLU B 195 -42.19 -63.45 16.59
N GLU B 196 -40.91 -63.68 16.25
CA GLU B 196 -39.89 -62.67 16.49
C GLU B 196 -40.21 -61.37 15.78
N ASP B 197 -40.49 -61.45 14.47
CA ASP B 197 -40.80 -60.25 13.71
C ASP B 197 -42.01 -59.52 14.29
N GLU B 198 -43.02 -60.27 14.74
CA GLU B 198 -44.19 -59.65 15.34
C GLU B 198 -43.81 -58.90 16.62
N GLN B 199 -42.99 -59.52 17.48
CA GLN B 199 -42.53 -58.84 18.69
C GLN B 199 -41.74 -57.59 18.33
N ARG B 200 -40.85 -57.69 17.34
CA ARG B 200 -40.07 -56.52 16.93
C ARG B 200 -40.97 -55.38 16.51
N THR B 201 -41.90 -55.64 15.59
CA THR B 201 -42.83 -54.60 15.16
C THR B 201 -43.60 -54.03 16.35
N LYS B 202 -44.07 -54.91 17.25
CA LYS B 202 -44.83 -54.46 18.39
C LYS B 202 -44.02 -53.49 19.25
N GLN B 203 -42.85 -53.92 19.71
CA GLN B 203 -42.07 -53.09 20.61
C GLN B 203 -41.44 -51.89 19.90
N PHE B 204 -41.23 -51.97 18.59
CA PHE B 204 -40.73 -50.82 17.86
C PHE B 204 -41.79 -49.73 17.77
N LEU B 205 -43.02 -50.10 17.44
CA LEU B 205 -44.11 -49.13 17.43
C LEU B 205 -44.38 -48.58 18.83
N ASP B 206 -44.17 -49.40 19.86
CA ASP B 206 -44.32 -48.91 21.22
C ASP B 206 -43.31 -47.81 21.52
N ALA B 207 -42.05 -48.02 21.12
CA ALA B 207 -41.03 -47.02 21.35
C ALA B 207 -41.32 -45.74 20.56
N LEU B 208 -41.75 -45.90 19.31
CA LEU B 208 -42.06 -44.73 18.48
C LEU B 208 -43.20 -43.92 19.08
N LYS B 209 -44.27 -44.60 19.47
CA LYS B 209 -45.41 -43.89 20.06
C LYS B 209 -44.98 -43.04 21.25
N GLU B 210 -44.22 -43.64 22.16
CA GLU B 210 -43.71 -42.91 23.32
C GLU B 210 -42.70 -41.85 22.90
N PHE B 213 -38.60 -41.23 17.82
CA PHE B 213 -38.13 -40.39 16.73
C PHE B 213 -38.06 -38.92 17.15
N ASP B 214 -39.03 -38.49 17.96
CA ASP B 214 -39.03 -37.10 18.42
C ASP B 214 -37.74 -36.76 19.15
N PHE B 215 -37.26 -37.68 19.98
CA PHE B 215 -35.99 -37.48 20.66
C PHE B 215 -34.83 -37.47 19.67
N ILE B 216 -34.81 -38.46 18.76
CA ILE B 216 -33.73 -38.53 17.78
C ILE B 216 -33.68 -37.27 16.95
N LEU B 217 -34.85 -36.76 16.55
CA LEU B 217 -34.89 -35.53 15.76
C LEU B 217 -34.41 -34.33 16.57
N SER B 218 -34.88 -34.21 17.82
CA SER B 218 -34.45 -33.10 18.66
C SER B 218 -32.95 -33.09 18.83
N VAL B 219 -32.34 -34.28 19.00
CA VAL B 219 -30.89 -34.36 19.13
C VAL B 219 -30.21 -33.96 17.83
N ALA B 220 -30.65 -34.52 16.71
CA ALA B 220 -30.04 -34.21 15.43
C ALA B 220 -30.09 -32.72 15.13
N ALA B 221 -31.16 -32.03 15.56
CA ALA B 221 -31.28 -30.61 15.30
C ALA B 221 -30.42 -29.80 16.26
N ASP B 222 -30.52 -30.07 17.56
CA ASP B 222 -29.80 -29.27 18.54
C ASP B 222 -28.29 -29.43 18.39
N CYS B 223 -27.82 -30.65 18.09
CA CYS B 223 -26.39 -30.89 17.98
C CYS B 223 -25.77 -30.00 16.93
N LYS B 224 -26.30 -30.06 15.70
CA LYS B 224 -25.80 -29.25 14.59
C LYS B 224 -26.71 -28.02 14.48
N ALA B 225 -26.35 -26.97 15.21
CA ALA B 225 -27.14 -25.74 15.25
C ALA B 225 -26.18 -24.55 15.14
N GLN B 226 -26.09 -23.99 13.94
CA GLN B 226 -25.26 -22.80 13.75
C GLN B 226 -25.85 -21.61 14.49
N GLU B 227 -24.97 -20.78 15.04
CA GLU B 227 -25.42 -19.67 15.88
C GLU B 227 -26.14 -18.59 15.07
N TRP B 228 -25.76 -18.40 13.81
CA TRP B 228 -26.38 -17.40 12.95
C TRP B 228 -27.47 -18.08 12.11
N GLN B 229 -28.66 -17.48 12.09
CA GLN B 229 -29.78 -18.04 11.37
C GLN B 229 -29.71 -17.67 9.90
N ASP B 230 -30.06 -18.63 9.03
CA ASP B 230 -30.10 -18.40 7.60
C ASP B 230 -31.52 -18.00 7.23
N PRO B 231 -31.76 -16.76 6.78
CA PRO B 231 -33.15 -16.36 6.48
C PRO B 231 -33.80 -17.17 5.37
N SER B 232 -33.02 -17.72 4.44
CA SER B 232 -33.61 -18.43 3.32
C SER B 232 -34.31 -19.71 3.73
N GLN B 233 -34.05 -20.23 4.93
CA GLN B 233 -34.65 -21.48 5.40
C GLN B 233 -35.22 -21.29 6.81
N LEU B 234 -35.87 -20.16 7.04
CA LEU B 234 -36.51 -19.93 8.34
C LEU B 234 -37.78 -20.76 8.44
N GLY B 235 -37.96 -21.41 9.60
CA GLY B 235 -39.09 -22.30 9.83
C GLY B 235 -38.90 -23.68 9.27
N ALA B 236 -38.05 -23.84 8.26
CA ALA B 236 -37.78 -25.15 7.68
C ALA B 236 -37.32 -26.12 8.75
N ARG B 237 -37.95 -27.29 8.79
CA ARG B 237 -37.62 -28.34 9.74
C ARG B 237 -37.82 -27.91 11.19
N GLN B 238 -38.69 -26.92 11.42
CA GLN B 238 -38.92 -26.39 12.76
C GLN B 238 -40.40 -26.17 13.01
N TRP B 239 -41.25 -27.04 12.45
CA TRP B 239 -42.69 -26.93 12.61
C TRP B 239 -43.32 -28.17 13.25
N LEU B 240 -42.51 -29.15 13.65
CA LEU B 240 -43.04 -30.35 14.29
C LEU B 240 -43.14 -30.15 15.79
N GLN B 241 -44.16 -30.75 16.39
CA GLN B 241 -44.34 -30.65 17.83
C GLN B 241 -43.19 -31.33 18.55
N ARG B 242 -42.63 -30.63 19.54
CA ARG B 242 -41.46 -31.10 20.28
C ARG B 242 -41.81 -31.15 21.77
N LYS B 243 -42.08 -32.35 22.28
CA LYS B 243 -42.22 -32.54 23.72
C LYS B 243 -40.87 -32.59 24.43
N ILE B 244 -39.78 -32.72 23.68
CA ILE B 244 -38.45 -32.71 24.31
C ILE B 244 -38.20 -31.35 24.94
N PRO B 245 -37.56 -31.26 26.11
CA PRO B 245 -37.29 -29.95 26.69
C PRO B 245 -36.02 -29.33 26.12
N SER B 246 -36.10 -28.03 25.82
CA SER B 246 -34.97 -27.34 25.21
C SER B 246 -33.76 -27.35 26.13
N LEU B 247 -32.59 -27.65 25.57
CA LEU B 247 -31.36 -27.69 26.34
C LEU B 247 -31.12 -26.34 27.01
N PRO B 248 -30.32 -26.32 28.08
CA PRO B 248 -30.12 -25.07 28.82
C PRO B 248 -29.38 -24.02 28.00
N SER B 249 -29.31 -22.82 28.57
CA SER B 249 -28.82 -21.65 27.86
C SER B 249 -27.30 -21.53 27.82
N GLU B 250 -26.56 -22.45 28.43
CA GLU B 250 -25.11 -22.35 28.44
C GLU B 250 -24.58 -22.42 27.01
N PRO B 251 -23.69 -21.50 26.60
CA PRO B 251 -23.18 -21.52 25.21
C PRO B 251 -22.03 -22.50 25.01
N PHE B 252 -22.39 -23.78 24.92
CA PHE B 252 -21.43 -24.85 24.63
C PHE B 252 -21.58 -25.26 23.17
N PRO B 253 -20.75 -24.78 22.26
CA PRO B 253 -20.92 -25.14 20.84
C PRO B 253 -20.29 -26.49 20.54
N PHE B 254 -21.06 -27.37 19.92
CA PHE B 254 -20.57 -28.70 19.58
C PHE B 254 -19.43 -28.61 18.57
N SER B 255 -18.61 -29.66 18.54
CA SER B 255 -17.50 -29.72 17.60
C SER B 255 -18.00 -30.10 16.22
N HIS B 256 -17.37 -29.51 15.19
CA HIS B 256 -17.74 -29.82 13.82
C HIS B 256 -17.62 -31.32 13.55
N PHE B 257 -16.55 -31.94 14.06
CA PHE B 257 -16.36 -33.37 13.83
C PHE B 257 -17.42 -34.19 14.54
N LEU B 258 -17.81 -33.79 15.75
CA LEU B 258 -18.86 -34.51 16.45
C LEU B 258 -20.18 -34.43 15.67
N GLN B 259 -20.47 -33.26 15.10
CA GLN B 259 -21.63 -33.15 14.23
C GLN B 259 -21.52 -34.14 13.07
N HIS B 260 -20.37 -34.15 12.40
CA HIS B 260 -20.18 -35.10 11.31
C HIS B 260 -20.37 -36.54 11.78
N SER B 261 -19.80 -36.88 12.94
CA SER B 261 -19.92 -38.24 13.44
C SER B 261 -21.37 -38.60 13.72
N LEU B 262 -22.11 -37.69 14.37
CA LEU B 262 -23.51 -37.98 14.67
C LEU B 262 -24.32 -38.13 13.38
N MET B 263 -24.02 -37.32 12.36
CA MET B 263 -24.74 -37.45 11.11
C MET B 263 -24.38 -38.74 10.38
N VAL B 264 -23.16 -39.23 10.55
CA VAL B 264 -22.81 -40.55 10.02
C VAL B 264 -23.64 -41.63 10.72
N HIS B 265 -23.76 -41.53 12.04
CA HIS B 265 -24.51 -42.54 12.79
C HIS B 265 -25.99 -42.47 12.44
N LEU B 266 -26.53 -41.28 12.24
CA LEU B 266 -27.93 -41.17 11.83
C LEU B 266 -28.12 -41.69 10.41
N GLU B 267 -27.13 -41.52 9.55
CA GLU B 267 -27.18 -42.15 8.23
C GLU B 267 -27.28 -43.67 8.37
N GLY B 268 -26.46 -44.25 9.25
CA GLY B 268 -26.54 -45.68 9.49
C GLY B 268 -27.89 -46.10 10.04
N PHE B 269 -28.44 -45.30 10.97
CA PHE B 269 -29.76 -45.61 11.51
C PHE B 269 -30.82 -45.56 10.43
N VAL B 270 -30.78 -44.55 9.56
CA VAL B 270 -31.74 -44.47 8.47
C VAL B 270 -31.60 -45.68 7.56
N ASP B 271 -30.37 -46.02 7.18
CA ASP B 271 -30.16 -47.16 6.29
C ASP B 271 -30.65 -48.46 6.93
N ALA B 272 -30.48 -48.58 8.25
CA ALA B 272 -30.93 -49.79 8.94
C ALA B 272 -32.45 -49.88 8.95
N THR B 273 -33.12 -48.78 9.31
CA THR B 273 -34.58 -48.79 9.35
C THR B 273 -35.18 -49.07 7.99
N ILE B 274 -34.63 -48.45 6.94
CA ILE B 274 -35.11 -48.67 5.58
C ILE B 274 -34.75 -50.08 5.15
N ARG B 282 -44.47 -49.13 5.92
CA ARG B 282 -45.68 -49.39 5.15
C ARG B 282 -46.89 -49.48 6.07
N LYS B 283 -46.63 -49.72 7.36
CA LYS B 283 -47.68 -49.73 8.37
C LYS B 283 -47.91 -48.35 8.97
N LEU B 284 -46.84 -47.59 9.17
CA LEU B 284 -46.97 -46.26 9.76
C LEU B 284 -47.75 -45.31 8.85
N ARG B 285 -47.43 -45.31 7.55
CA ARG B 285 -48.10 -44.40 6.63
C ARG B 285 -49.60 -44.66 6.60
N THR B 286 -50.00 -45.92 6.42
CA THR B 286 -51.41 -46.26 6.38
C THR B 286 -52.10 -45.89 7.69
N GLU B 287 -51.47 -46.22 8.82
CA GLU B 287 -52.06 -45.92 10.12
C GLU B 287 -52.29 -44.42 10.29
N GLU B 288 -51.27 -43.61 9.98
CA GLU B 288 -51.35 -42.19 10.30
C GLU B 288 -52.27 -41.45 9.34
N ASP B 289 -52.29 -41.84 8.06
CA ASP B 289 -53.12 -41.12 7.10
C ASP B 289 -54.59 -41.45 7.29
N GLU B 290 -54.91 -42.72 7.58
CA GLU B 290 -56.28 -43.06 7.93
C GLU B 290 -56.67 -42.44 9.27
N GLN B 291 -55.72 -42.32 10.20
CA GLN B 291 -56.00 -41.62 11.45
C GLN B 291 -56.25 -40.14 11.20
N ARG B 292 -55.56 -39.55 10.21
CA ARG B 292 -55.80 -38.16 9.87
C ARG B 292 -57.20 -37.97 9.29
N GLN B 293 -57.62 -38.84 8.38
CA GLN B 293 -58.91 -38.67 7.74
C GLN B 293 -60.06 -38.93 8.71
N LEU B 294 -59.94 -39.97 9.54
CA LEU B 294 -61.03 -40.32 10.43
C LEU B 294 -61.22 -39.25 11.51
N ARG B 295 -60.16 -38.89 12.21
CA ARG B 295 -60.19 -37.86 13.26
C ARG B 295 -59.12 -36.82 12.96
N PRO B 296 -59.36 -35.94 11.99
CA PRO B 296 -58.35 -34.90 11.67
C PRO B 296 -58.18 -33.88 12.76
N ASN B 297 -59.16 -33.70 13.66
CA ASN B 297 -59.03 -32.69 14.70
C ASN B 297 -57.96 -33.06 15.72
N HIS B 298 -57.75 -34.36 15.96
CA HIS B 298 -56.74 -34.83 16.90
C HIS B 298 -55.55 -35.36 16.09
N GLU B 299 -54.65 -34.45 15.72
CA GLU B 299 -53.40 -34.86 15.10
C GLU B 299 -52.55 -35.60 16.12
N GLN B 300 -52.00 -36.75 15.73
CA GLN B 300 -51.25 -37.58 16.66
C GLN B 300 -50.43 -38.58 15.87
N ASP B 301 -49.35 -39.05 16.49
CA ASP B 301 -48.45 -40.04 15.89
C ASP B 301 -47.92 -39.53 14.54
N MET B 302 -47.37 -38.33 14.56
CA MET B 302 -46.70 -37.76 13.39
C MET B 302 -45.20 -38.06 13.48
N ASP B 303 -44.90 -39.35 13.40
CA ASP B 303 -43.53 -39.85 13.53
C ASP B 303 -42.82 -40.02 12.20
N LEU B 304 -43.54 -40.42 11.14
CA LEU B 304 -42.90 -40.58 9.84
C LEU B 304 -42.29 -39.27 9.35
N GLU B 305 -43.00 -38.15 9.55
CA GLU B 305 -42.44 -36.86 9.19
C GLU B 305 -41.16 -36.59 9.98
N ARG B 306 -41.16 -36.87 11.28
CA ARG B 306 -39.95 -36.72 12.08
C ARG B 306 -38.80 -37.54 11.51
N PHE B 307 -39.12 -38.74 10.99
CA PHE B 307 -38.08 -39.58 10.40
C PHE B 307 -37.51 -38.94 9.14
N LEU B 308 -38.36 -38.35 8.30
CA LEU B 308 -37.87 -37.68 7.10
C LEU B 308 -36.98 -36.50 7.46
N ILE B 309 -37.36 -35.74 8.49
CA ILE B 309 -36.52 -34.63 8.93
C ILE B 309 -35.22 -35.14 9.52
N ILE B 310 -35.24 -36.32 10.15
CA ILE B 310 -34.00 -36.93 10.62
C ILE B 310 -33.10 -37.23 9.42
N ILE B 311 -33.66 -37.79 8.35
CA ILE B 311 -32.89 -38.01 7.13
C ILE B 311 -32.32 -36.69 6.63
N SER B 312 -33.15 -35.64 6.64
CA SER B 312 -32.69 -34.34 6.13
C SER B 312 -31.50 -33.83 6.92
N TYR B 313 -31.60 -33.84 8.26
CA TYR B 313 -30.49 -33.39 9.08
C TYR B 313 -29.27 -34.29 8.89
N ALA B 314 -29.48 -35.58 8.66
CA ALA B 314 -28.36 -36.51 8.55
C ALA B 314 -27.56 -36.25 7.28
N TYR B 315 -28.20 -36.36 6.12
CA TYR B 315 -27.53 -36.20 4.84
C TYR B 315 -27.25 -34.75 4.48
N GLU B 316 -27.54 -33.80 5.37
CA GLU B 316 -27.31 -32.40 5.06
C GLU B 316 -25.82 -32.12 4.87
N GLY B 317 -25.49 -31.41 3.80
CA GLY B 317 -24.13 -31.02 3.51
C GLY B 317 -23.25 -32.12 2.92
N ARG B 318 -23.65 -33.38 3.02
CA ARG B 318 -22.85 -34.48 2.50
C ARG B 318 -23.44 -34.99 1.19
N PRO B 319 -23.03 -34.45 0.04
CA PRO B 319 -23.51 -35.01 -1.23
C PRO B 319 -22.87 -36.34 -1.57
N ASP B 320 -21.60 -36.54 -1.19
CA ASP B 320 -20.97 -37.83 -1.43
C ASP B 320 -21.75 -38.97 -0.78
N ALA B 321 -22.34 -38.70 0.39
CA ALA B 321 -23.17 -39.70 1.05
C ALA B 321 -24.60 -39.67 0.52
N ALA B 322 -25.11 -38.49 0.17
CA ALA B 322 -26.46 -38.40 -0.38
C ALA B 322 -26.59 -39.07 -1.74
N MET B 323 -25.46 -39.33 -2.42
CA MET B 323 -25.51 -40.01 -3.70
C MET B 323 -26.11 -41.41 -3.59
N SER B 324 -26.16 -41.97 -2.39
CA SER B 324 -26.78 -43.28 -2.22
C SER B 324 -28.24 -43.26 -2.66
N PHE B 325 -28.88 -42.09 -2.61
CA PHE B 325 -30.26 -41.96 -3.06
C PHE B 325 -30.37 -41.80 -4.58
N TRP B 326 -29.26 -41.48 -5.25
CA TRP B 326 -29.25 -41.30 -6.70
C TRP B 326 -28.27 -42.20 -7.42
N GLU B 327 -27.44 -42.96 -6.70
CA GLU B 327 -26.44 -43.79 -7.35
C GLU B 327 -27.08 -44.97 -8.08
N ASP B 328 -27.96 -45.69 -7.40
CA ASP B 328 -28.59 -46.87 -7.96
C ASP B 328 -30.11 -46.71 -7.92
N PRO B 329 -30.82 -46.98 -9.02
CA PRO B 329 -32.28 -46.81 -9.00
C PRO B 329 -33.00 -47.95 -8.27
N ASP B 330 -32.45 -49.15 -8.33
CA ASP B 330 -33.07 -50.33 -7.75
C ASP B 330 -32.75 -50.51 -6.27
N SER B 331 -31.89 -49.68 -5.69
CA SER B 331 -31.53 -49.83 -4.30
C SER B 331 -32.73 -49.56 -3.40
N ASN B 332 -32.60 -49.94 -2.12
CA ASN B 332 -33.68 -49.73 -1.17
C ASN B 332 -33.89 -48.26 -0.87
N LEU B 333 -32.83 -47.45 -0.98
CA LEU B 333 -32.97 -46.02 -0.73
C LEU B 333 -33.76 -45.34 -1.86
N ALA B 334 -33.41 -45.64 -3.11
CA ALA B 334 -34.21 -45.16 -4.23
C ALA B 334 -35.64 -45.67 -4.12
N GLY B 335 -35.81 -46.90 -3.62
CA GLY B 335 -37.15 -47.41 -3.41
C GLY B 335 -37.90 -46.65 -2.34
N PHE B 336 -37.20 -46.27 -1.26
CA PHE B 336 -37.83 -45.45 -0.23
C PHE B 336 -38.27 -44.11 -0.79
N LEU B 337 -37.46 -43.50 -1.64
CA LEU B 337 -37.83 -42.21 -2.23
C LEU B 337 -39.03 -42.37 -3.17
N GLN B 338 -39.07 -43.46 -3.93
CA GLN B 338 -40.22 -43.71 -4.79
C GLN B 338 -41.48 -43.98 -3.97
N TRP B 339 -41.33 -44.51 -2.75
CA TRP B 339 -42.46 -44.89 -1.94
C TRP B 339 -43.03 -43.72 -1.15
N ALA B 340 -42.15 -42.90 -0.56
CA ALA B 340 -42.62 -41.78 0.25
C ALA B 340 -43.27 -40.68 -0.57
N SER B 341 -43.08 -40.68 -1.89
CA SER B 341 -43.60 -39.63 -2.76
C SER B 341 -44.88 -40.04 -3.48
N ARG B 342 -45.35 -41.27 -3.30
CA ARG B 342 -46.57 -41.71 -3.98
C ARG B 342 -47.77 -40.87 -3.53
N ARG B 343 -48.04 -40.85 -2.23
CA ARG B 343 -49.17 -40.11 -1.68
C ARG B 343 -48.72 -38.74 -1.19
N ALA B 344 -49.62 -37.76 -1.30
CA ALA B 344 -49.33 -36.37 -1.00
C ALA B 344 -50.18 -35.93 0.20
N SER B 345 -49.66 -36.16 1.40
CA SER B 345 -50.25 -35.67 2.64
C SER B 345 -49.49 -34.41 3.05
N THR B 346 -50.21 -33.28 3.12
CA THR B 346 -49.57 -31.97 3.29
C THR B 346 -48.42 -31.95 4.26
N PRO B 347 -48.52 -32.50 5.49
CA PRO B 347 -47.33 -32.51 6.36
C PRO B 347 -46.25 -33.43 5.85
N LEU B 348 -46.61 -34.59 5.31
CA LEU B 348 -45.61 -35.51 4.77
C LEU B 348 -44.94 -34.92 3.53
N VAL B 349 -45.69 -34.20 2.71
CA VAL B 349 -45.11 -33.57 1.53
C VAL B 349 -44.12 -32.48 1.95
N SER B 350 -44.48 -31.69 2.95
CA SER B 350 -43.55 -30.68 3.47
C SER B 350 -42.26 -31.35 3.94
N ALA B 351 -42.39 -32.43 4.71
CA ALA B 351 -41.20 -33.13 5.19
C ALA B 351 -40.39 -33.71 4.04
N PHE B 352 -41.07 -34.26 3.03
CA PHE B 352 -40.36 -34.85 1.90
C PHE B 352 -39.61 -33.79 1.11
N CYS B 353 -40.20 -32.61 0.94
CA CYS B 353 -39.51 -31.54 0.23
C CYS B 353 -38.33 -31.01 1.04
N GLU B 354 -38.47 -30.96 2.37
CA GLU B 354 -37.33 -30.63 3.21
C GLU B 354 -36.23 -31.66 3.06
N MET B 355 -36.60 -32.95 3.00
CA MET B 355 -35.61 -34.00 2.81
C MET B 355 -34.90 -33.84 1.47
N LEU B 356 -35.65 -33.54 0.41
CA LEU B 356 -35.03 -33.30 -0.89
C LEU B 356 -34.09 -32.11 -0.85
N ARG B 357 -34.54 -31.01 -0.24
CA ARG B 357 -33.70 -29.82 -0.14
C ARG B 357 -32.37 -30.14 0.54
N CYS B 358 -32.38 -31.03 1.53
CA CYS B 358 -31.15 -31.40 2.21
C CYS B 358 -30.32 -32.38 1.38
N LEU B 359 -30.96 -33.41 0.82
CA LEU B 359 -30.24 -34.36 -0.01
C LEU B 359 -29.57 -33.66 -1.19
N ALA B 360 -30.38 -33.04 -2.05
CA ALA B 360 -29.87 -32.32 -3.23
C ALA B 360 -29.06 -31.13 -2.75
N ASP B 361 -27.81 -31.40 -2.38
CA ASP B 361 -26.91 -30.37 -1.88
C ASP B 361 -25.75 -30.07 -2.82
N ASN B 362 -25.60 -30.84 -3.91
CA ASN B 362 -24.54 -30.63 -4.88
C ASN B 362 -25.14 -30.65 -6.28
N GLU B 363 -24.34 -30.20 -7.26
CA GLU B 363 -24.83 -30.12 -8.64
C GLU B 363 -25.32 -31.48 -9.12
N GLU B 364 -24.57 -32.54 -8.83
CA GLU B 364 -24.98 -33.88 -9.26
C GLU B 364 -26.24 -34.32 -8.53
N CYS B 365 -26.27 -34.13 -7.20
CA CYS B 365 -27.47 -34.49 -6.44
C CYS B 365 -28.64 -33.59 -6.82
N ALA B 366 -28.38 -32.33 -7.14
CA ALA B 366 -29.46 -31.44 -7.56
C ALA B 366 -30.03 -31.85 -8.92
N THR B 367 -29.16 -32.22 -9.85
CA THR B 367 -29.64 -32.69 -11.15
C THR B 367 -30.44 -33.98 -10.99
N ALA B 368 -29.99 -34.89 -10.14
CA ALA B 368 -30.72 -36.13 -9.92
C ALA B 368 -32.10 -35.85 -9.35
N ALA B 369 -32.19 -34.96 -8.35
CA ALA B 369 -33.48 -34.60 -7.80
C ALA B 369 -34.37 -33.95 -8.85
N HIS B 370 -33.80 -33.02 -9.63
CA HIS B 370 -34.56 -32.37 -10.70
C HIS B 370 -35.13 -33.42 -11.66
N ASN B 371 -34.35 -34.44 -11.99
CA ASN B 371 -34.83 -35.47 -12.90
C ASN B 371 -35.93 -36.31 -12.26
N PHE B 372 -35.81 -36.59 -10.95
CA PHE B 372 -36.82 -37.38 -10.27
C PHE B 372 -38.19 -36.73 -10.38
N LEU B 373 -38.26 -35.42 -10.16
CA LEU B 373 -39.53 -34.70 -10.22
C LEU B 373 -40.03 -34.49 -11.63
N LEU B 374 -39.24 -34.88 -12.65
CA LEU B 374 -39.70 -34.77 -14.03
C LEU B 374 -40.44 -36.04 -14.48
N ASP B 375 -39.95 -37.21 -14.08
CA ASP B 375 -40.59 -38.48 -14.42
C ASP B 375 -40.64 -38.66 -15.93
N GLU B 376 -39.53 -38.37 -16.59
CA GLU B 376 -39.43 -38.49 -18.04
C GLU B 376 -38.30 -39.43 -18.43
N SER B 387 -49.07 -45.14 -9.39
CA SER B 387 -47.83 -45.12 -8.63
C SER B 387 -47.00 -43.90 -8.97
N GLN B 388 -47.63 -42.89 -9.57
CA GLN B 388 -46.90 -41.69 -9.96
C GLN B 388 -46.37 -40.97 -8.73
N SER B 389 -45.09 -40.60 -8.77
CA SER B 389 -44.46 -39.90 -7.67
C SER B 389 -44.71 -38.39 -7.78
N LEU B 390 -44.25 -37.66 -6.77
CA LEU B 390 -44.39 -36.21 -6.76
C LEU B 390 -43.50 -35.62 -7.84
N THR B 391 -44.11 -35.01 -8.85
CA THR B 391 -43.41 -34.44 -9.99
C THR B 391 -43.61 -32.93 -10.02
N TRP B 392 -42.78 -32.26 -10.84
CA TRP B 392 -42.93 -30.82 -11.01
C TRP B 392 -44.34 -30.46 -11.47
N SER B 393 -44.97 -31.32 -12.28
CA SER B 393 -46.32 -31.05 -12.74
C SER B 393 -47.27 -30.87 -11.56
N GLN B 394 -47.25 -31.80 -10.61
CA GLN B 394 -48.14 -31.71 -9.46
C GLN B 394 -47.83 -30.47 -8.62
N ILE B 395 -46.55 -30.18 -8.40
CA ILE B 395 -46.17 -29.03 -7.59
C ILE B 395 -46.72 -27.75 -8.19
N PHE B 396 -46.53 -27.56 -9.50
CA PHE B 396 -47.00 -26.34 -10.14
C PHE B 396 -48.52 -26.33 -10.27
N LYS B 397 -49.15 -27.50 -10.35
CA LYS B 397 -50.61 -27.55 -10.32
C LYS B 397 -51.14 -26.99 -9.00
N GLU B 398 -50.60 -27.48 -7.88
CA GLU B 398 -51.06 -27.01 -6.58
C GLU B 398 -50.75 -25.53 -6.39
N LEU B 399 -49.62 -25.06 -6.93
CA LEU B 399 -49.30 -23.64 -6.87
C LEU B 399 -50.40 -22.82 -7.55
N GLU B 400 -50.82 -23.25 -8.75
CA GLU B 400 -51.91 -22.57 -9.43
C GLU B 400 -53.19 -22.64 -8.63
N TYR B 401 -53.50 -23.81 -8.06
CA TYR B 401 -54.73 -23.98 -7.30
C TYR B 401 -54.79 -23.01 -6.12
N PHE B 402 -53.70 -22.93 -5.34
CA PHE B 402 -53.70 -22.02 -4.20
C PHE B 402 -53.60 -20.57 -4.64
N THR B 403 -52.93 -20.29 -5.76
CA THR B 403 -52.91 -18.93 -6.29
C THR B 403 -54.32 -18.42 -6.50
N THR B 404 -55.14 -19.18 -7.23
CA THR B 404 -56.53 -18.78 -7.43
C THR B 404 -57.30 -18.71 -6.13
N LYS B 405 -56.92 -19.53 -5.14
CA LYS B 405 -57.63 -19.53 -3.86
C LYS B 405 -57.50 -18.17 -3.16
N VAL B 406 -56.28 -17.66 -3.05
CA VAL B 406 -56.06 -16.43 -2.29
C VAL B 406 -56.71 -15.25 -2.99
N CYS B 407 -56.70 -15.23 -4.32
CA CYS B 407 -57.29 -14.13 -5.08
C CYS B 407 -58.18 -14.68 -6.20
N PRO B 428 -62.62 -17.22 5.95
CA PRO B 428 -62.19 -16.35 4.85
C PRO B 428 -61.36 -17.10 3.80
N ALA B 429 -60.88 -16.38 2.80
CA ALA B 429 -60.07 -16.97 1.73
C ALA B 429 -58.58 -16.83 2.04
N GLU B 430 -58.18 -17.45 3.16
CA GLU B 430 -56.80 -17.45 3.62
C GLU B 430 -56.30 -18.89 3.72
N ILE B 431 -55.08 -19.12 3.26
CA ILE B 431 -54.57 -20.48 3.14
C ILE B 431 -54.40 -21.12 4.51
N GLU B 432 -54.70 -22.40 4.59
CA GLU B 432 -54.51 -23.16 5.82
C GLU B 432 -53.04 -23.12 6.23
N PRO B 433 -52.74 -23.13 7.54
CA PRO B 433 -51.33 -23.16 7.95
C PRO B 433 -50.54 -24.30 7.34
N GLU B 434 -51.10 -25.52 7.30
CA GLU B 434 -50.40 -26.63 6.69
C GLU B 434 -50.15 -26.38 5.20
N SER B 435 -51.14 -25.82 4.51
CA SER B 435 -50.98 -25.56 3.08
C SER B 435 -49.96 -24.44 2.85
N ALA B 436 -50.00 -23.39 3.68
CA ALA B 436 -49.00 -22.34 3.56
C ALA B 436 -47.60 -22.90 3.78
N LEU B 437 -47.44 -23.75 4.79
CA LEU B 437 -46.16 -24.42 5.01
C LEU B 437 -45.77 -25.26 3.79
N MET B 438 -46.75 -25.97 3.22
CA MET B 438 -46.49 -26.76 2.01
C MET B 438 -45.94 -25.88 0.90
N LEU B 439 -46.57 -24.73 0.66
CA LEU B 439 -46.08 -23.81 -0.36
C LEU B 439 -44.67 -23.32 -0.02
N GLU B 440 -44.42 -23.04 1.26
CA GLU B 440 -43.09 -22.59 1.67
C GLU B 440 -42.03 -23.65 1.37
N CYS B 441 -42.33 -24.92 1.67
CA CYS B 441 -41.39 -25.99 1.37
C CYS B 441 -41.20 -26.12 -0.14
N TYR B 442 -42.27 -25.98 -0.93
CA TYR B 442 -42.15 -26.02 -2.37
C TYR B 442 -41.18 -24.96 -2.87
N LEU B 443 -41.40 -23.70 -2.48
CA LEU B 443 -40.56 -22.62 -2.97
C LEU B 443 -39.12 -22.77 -2.48
N ARG B 444 -38.92 -23.29 -1.28
CA ARG B 444 -37.55 -23.51 -0.80
C ARG B 444 -36.87 -24.61 -1.60
N LEU B 445 -37.61 -25.69 -1.91
CA LEU B 445 -37.04 -26.73 -2.76
C LEU B 445 -36.75 -26.20 -4.16
N ILE B 446 -37.62 -25.34 -4.69
CA ILE B 446 -37.36 -24.73 -5.98
C ILE B 446 -36.07 -23.92 -5.94
N ALA B 447 -35.93 -23.07 -4.92
CA ALA B 447 -34.74 -22.22 -4.82
C ALA B 447 -33.47 -23.07 -4.72
N LYS B 448 -33.51 -24.13 -3.92
CA LYS B 448 -32.32 -24.96 -3.74
C LYS B 448 -31.91 -25.62 -5.04
N LEU B 449 -32.87 -26.24 -5.73
CA LEU B 449 -32.57 -26.94 -6.98
C LEU B 449 -32.23 -25.98 -8.11
N ALA B 450 -32.59 -24.71 -7.97
CA ALA B 450 -32.23 -23.72 -9.00
C ALA B 450 -30.82 -23.19 -8.80
N THR B 451 -30.43 -22.93 -7.54
CA THR B 451 -29.08 -22.46 -7.28
C THR B 451 -28.05 -23.56 -7.49
N GLU B 452 -28.40 -24.79 -7.13
CA GLU B 452 -27.44 -25.89 -7.21
C GLU B 452 -27.21 -26.32 -8.65
N SER B 453 -28.28 -26.53 -9.41
CA SER B 453 -28.21 -27.09 -10.75
C SER B 453 -28.50 -26.02 -11.79
N GLU B 454 -27.72 -26.04 -12.87
CA GLU B 454 -27.99 -25.17 -14.02
C GLU B 454 -29.13 -25.72 -14.86
N ILE B 455 -29.18 -27.04 -15.03
CA ILE B 455 -30.23 -27.66 -15.82
C ILE B 455 -31.60 -27.36 -15.21
N ALA B 456 -31.71 -27.48 -13.89
CA ALA B 456 -32.99 -27.23 -13.22
C ALA B 456 -33.45 -25.80 -13.44
N ARG B 457 -32.55 -24.83 -13.22
CA ARG B 457 -32.93 -23.43 -13.37
C ARG B 457 -33.33 -23.12 -14.80
N LYS B 458 -32.51 -23.54 -15.76
CA LYS B 458 -32.84 -23.27 -17.16
C LYS B 458 -34.17 -23.88 -17.56
N ARG B 459 -34.45 -25.10 -17.09
CA ARG B 459 -35.71 -25.74 -17.41
C ARG B 459 -36.88 -25.00 -16.77
N LEU B 460 -36.75 -24.62 -15.50
CA LEU B 460 -37.88 -24.06 -14.76
C LEU B 460 -38.21 -22.64 -15.20
N ILE B 461 -37.19 -21.85 -15.56
CA ILE B 461 -37.40 -20.41 -15.73
C ILE B 461 -38.39 -20.12 -16.86
N MET B 462 -38.40 -20.96 -17.91
CA MET B 462 -39.20 -20.61 -19.09
C MET B 462 -39.82 -21.83 -19.77
N ASP B 463 -39.98 -22.95 -19.07
CA ASP B 463 -40.79 -24.06 -19.57
C ASP B 463 -42.25 -23.72 -19.27
N GLU B 464 -42.94 -23.17 -20.28
CA GLU B 464 -44.26 -22.60 -20.04
C GLU B 464 -45.21 -23.57 -19.35
N ASP B 465 -45.06 -24.87 -19.61
CA ASP B 465 -45.92 -25.85 -18.95
C ASP B 465 -45.87 -25.68 -17.44
N PHE B 466 -44.69 -25.39 -16.89
CA PHE B 466 -44.58 -25.08 -15.48
C PHE B 466 -45.06 -23.66 -15.18
N ASN B 467 -44.61 -22.70 -15.99
CA ASN B 467 -44.92 -21.29 -15.79
C ASN B 467 -44.63 -20.87 -14.36
N LEU B 468 -43.36 -21.04 -13.98
CA LEU B 468 -42.94 -20.75 -12.61
C LEU B 468 -43.08 -19.26 -12.30
N VAL B 469 -42.44 -18.42 -13.10
CA VAL B 469 -42.36 -16.99 -12.76
C VAL B 469 -43.74 -16.39 -12.65
N ASP B 470 -44.57 -16.55 -13.68
CA ASP B 470 -45.87 -15.89 -13.70
C ASP B 470 -46.73 -16.31 -12.51
N THR B 471 -46.79 -17.62 -12.25
CA THR B 471 -47.67 -18.10 -11.18
C THR B 471 -47.21 -17.62 -9.81
N ILE B 472 -45.90 -17.62 -9.56
CA ILE B 472 -45.43 -17.19 -8.24
C ILE B 472 -45.59 -15.68 -8.08
N LEU B 473 -45.46 -14.93 -9.17
CA LEU B 473 -45.70 -13.48 -9.10
C LEU B 473 -47.15 -13.19 -8.73
N LYS B 474 -48.09 -13.88 -9.40
CA LYS B 474 -49.50 -13.72 -9.05
C LYS B 474 -49.75 -14.05 -7.58
N LEU B 475 -49.18 -15.17 -7.11
CA LEU B 475 -49.35 -15.52 -5.70
C LEU B 475 -48.78 -14.45 -4.79
N SER B 476 -47.68 -13.82 -5.19
CA SER B 476 -47.07 -12.77 -4.37
C SER B 476 -48.00 -11.57 -4.23
N VAL B 477 -48.70 -11.22 -5.32
CA VAL B 477 -49.61 -10.07 -5.27
C VAL B 477 -50.63 -10.24 -4.16
N GLY B 478 -51.29 -11.39 -4.13
CA GLY B 478 -52.37 -11.62 -3.18
C GLY B 478 -51.93 -11.52 -1.73
N VAL B 479 -52.89 -11.64 -0.82
CA VAL B 479 -52.63 -11.60 0.61
C VAL B 479 -52.07 -12.96 1.04
N ILE B 480 -50.84 -12.97 1.55
CA ILE B 480 -50.17 -14.18 1.98
C ILE B 480 -49.27 -13.85 3.17
N PRO B 481 -48.82 -14.83 3.94
CA PRO B 481 -47.93 -14.52 5.07
C PRO B 481 -46.64 -13.89 4.60
N HIS B 482 -45.93 -13.25 5.54
CA HIS B 482 -44.64 -12.66 5.22
C HIS B 482 -43.67 -13.72 4.70
N ARG B 483 -43.72 -14.92 5.27
CA ARG B 483 -42.73 -15.94 4.90
C ARG B 483 -42.98 -16.45 3.48
N LEU B 484 -44.23 -16.65 3.10
CA LEU B 484 -44.52 -17.15 1.76
C LEU B 484 -44.07 -16.15 0.70
N ARG B 485 -44.38 -14.86 0.90
CA ARG B 485 -43.91 -13.84 -0.03
C ARG B 485 -42.38 -13.81 -0.07
N ALA B 486 -41.73 -13.92 1.08
CA ALA B 486 -40.27 -13.96 1.11
C ALA B 486 -39.74 -15.17 0.35
N CYS B 487 -40.44 -16.30 0.46
CA CYS B 487 -40.01 -17.49 -0.28
C CYS B 487 -40.11 -17.26 -1.78
N ILE B 488 -41.18 -16.58 -2.23
CA ILE B 488 -41.31 -16.25 -3.65
C ILE B 488 -40.15 -15.39 -4.10
N PHE B 489 -39.83 -14.35 -3.32
CA PHE B 489 -38.70 -13.50 -3.66
C PHE B 489 -37.40 -14.30 -3.73
N TYR B 490 -37.21 -15.24 -2.80
CA TYR B 490 -35.99 -16.05 -2.81
C TYR B 490 -35.96 -16.96 -4.04
N VAL B 491 -37.11 -17.48 -4.45
CA VAL B 491 -37.16 -18.26 -5.68
C VAL B 491 -36.73 -17.40 -6.86
N LEU B 492 -37.20 -16.15 -6.91
CA LEU B 492 -36.79 -15.26 -8.00
C LEU B 492 -35.30 -14.98 -7.94
N LYS B 493 -34.76 -14.75 -6.75
CA LYS B 493 -33.32 -14.52 -6.61
C LYS B 493 -32.54 -15.72 -7.14
N ALA B 494 -32.94 -16.93 -6.73
CA ALA B 494 -32.27 -18.12 -7.22
C ALA B 494 -32.33 -18.22 -8.74
N LEU B 495 -33.47 -17.83 -9.34
CA LEU B 495 -33.58 -17.85 -10.79
C LEU B 495 -32.67 -16.84 -11.46
N MET B 496 -32.20 -15.83 -10.72
CA MET B 496 -31.36 -14.77 -11.28
C MET B 496 -29.96 -14.75 -10.68
N ILE B 497 -29.58 -15.79 -9.94
CA ILE B 497 -28.21 -15.85 -9.41
C ILE B 497 -27.21 -15.91 -10.55
N ARG B 498 -27.50 -16.72 -11.57
CA ARG B 498 -26.76 -16.74 -12.82
C ARG B 498 -27.76 -16.51 -13.95
N LYS B 499 -27.36 -15.69 -14.93
CA LYS B 499 -28.32 -15.21 -15.91
C LYS B 499 -27.58 -14.74 -17.16
N THR B 500 -28.37 -14.46 -18.20
CA THR B 500 -27.90 -13.85 -19.42
C THR B 500 -28.66 -12.54 -19.64
N HIS B 501 -28.06 -11.64 -20.42
CA HIS B 501 -28.71 -10.35 -20.67
C HIS B 501 -30.10 -10.53 -21.24
N GLU B 502 -30.36 -11.63 -21.94
CA GLU B 502 -31.71 -11.91 -22.44
C GLU B 502 -32.64 -12.27 -21.30
N GLU B 503 -32.23 -13.22 -20.45
CA GLU B 503 -33.02 -13.55 -19.27
C GLU B 503 -33.15 -12.34 -18.35
N LEU B 504 -32.12 -11.50 -18.30
CA LEU B 504 -32.20 -10.28 -17.50
C LEU B 504 -33.32 -9.37 -18.00
N ASP B 505 -33.38 -9.16 -19.32
CA ASP B 505 -34.45 -8.34 -19.88
C ASP B 505 -35.82 -8.97 -19.63
N ALA B 506 -35.91 -10.29 -19.81
CA ALA B 506 -37.19 -10.97 -19.61
C ALA B 506 -37.67 -10.80 -18.17
N MET B 507 -36.79 -11.06 -17.21
CA MET B 507 -37.19 -10.93 -15.80
C MET B 507 -37.49 -9.48 -15.46
N TRP B 508 -36.75 -8.54 -16.04
CA TRP B 508 -37.03 -7.13 -15.77
C TRP B 508 -38.35 -6.69 -16.38
N ARG B 509 -38.71 -7.23 -17.54
CA ARG B 509 -40.03 -6.95 -18.09
C ARG B 509 -41.13 -7.48 -17.18
N TRP B 510 -40.96 -8.70 -16.67
CA TRP B 510 -41.98 -9.29 -15.82
C TRP B 510 -42.08 -8.57 -14.48
N VAL B 511 -40.93 -8.13 -13.94
CA VAL B 511 -40.96 -7.34 -12.72
C VAL B 511 -41.65 -6.00 -12.97
N GLU B 512 -41.43 -5.41 -14.15
CA GLU B 512 -42.08 -4.15 -14.49
C GLU B 512 -43.59 -4.32 -14.51
N ALA B 513 -44.08 -5.36 -15.18
CA ALA B 513 -45.53 -5.58 -15.24
C ALA B 513 -46.10 -5.94 -13.87
N TRP B 514 -45.31 -6.60 -13.03
CA TRP B 514 -45.79 -7.01 -11.71
C TRP B 514 -45.80 -5.84 -10.73
N MET B 515 -44.88 -4.89 -10.90
CA MET B 515 -44.84 -3.73 -10.02
C MET B 515 -45.84 -2.66 -10.45
N THR B 516 -45.95 -2.42 -11.75
CA THR B 516 -46.80 -1.33 -12.23
C THR B 516 -48.28 -1.66 -12.07
N ASN B 517 -48.68 -2.90 -12.38
CA ASN B 517 -50.08 -3.28 -12.31
C ASN B 517 -50.19 -4.67 -11.69
N PRO B 518 -51.03 -4.86 -10.66
CA PRO B 518 -51.17 -6.18 -10.04
C PRO B 518 -52.00 -7.14 -10.90
N PHE B 534 -59.68 2.56 -7.00
CA PHE B 534 -61.00 2.18 -6.48
C PHE B 534 -61.68 3.38 -5.81
N LEU B 535 -60.93 4.09 -4.97
CA LEU B 535 -61.47 5.27 -4.29
C LEU B 535 -62.05 6.24 -5.31
N GLY B 536 -61.21 6.74 -6.20
CA GLY B 536 -61.68 7.57 -7.30
C GLY B 536 -62.06 6.73 -8.49
N GLN B 537 -61.59 7.11 -9.68
CA GLN B 537 -61.85 6.32 -10.87
C GLN B 537 -60.88 5.15 -11.00
N THR B 538 -59.59 5.40 -10.76
CA THR B 538 -58.59 4.36 -10.91
C THR B 538 -57.30 4.82 -10.23
N PRO B 539 -56.45 3.90 -9.77
CA PRO B 539 -55.11 4.28 -9.31
C PRO B 539 -54.10 4.25 -10.44
N GLY B 540 -53.21 5.24 -10.43
CA GLY B 540 -52.19 5.36 -11.44
C GLY B 540 -51.11 4.29 -11.29
N PRO B 541 -50.19 4.23 -12.25
CA PRO B 541 -49.13 3.21 -12.16
C PRO B 541 -48.07 3.54 -11.12
N GLN B 542 -47.67 4.80 -11.00
CA GLN B 542 -46.66 5.16 -10.01
C GLN B 542 -47.19 4.95 -8.59
N GLU B 543 -48.48 5.18 -8.38
CA GLU B 543 -49.07 4.90 -7.06
C GLU B 543 -49.03 3.39 -6.77
N CYS B 544 -49.23 2.57 -7.80
CA CYS B 544 -49.09 1.12 -7.61
C CYS B 544 -47.69 0.77 -7.15
N MET B 545 -46.67 1.32 -7.81
CA MET B 545 -45.30 1.03 -7.42
C MET B 545 -45.01 1.50 -6.00
N GLU B 546 -45.55 2.67 -5.62
CA GLU B 546 -45.35 3.16 -4.27
C GLU B 546 -46.01 2.23 -3.26
N MET B 547 -47.19 1.69 -3.58
CA MET B 547 -47.83 0.73 -2.70
C MET B 547 -46.97 -0.52 -2.54
N MET B 548 -46.47 -1.06 -3.66
CA MET B 548 -45.60 -2.23 -3.59
C MET B 548 -44.39 -1.96 -2.71
N PHE B 549 -43.77 -0.79 -2.87
CA PHE B 549 -42.56 -0.49 -2.11
C PHE B 549 -42.87 -0.24 -0.63
N ARG B 550 -44.02 0.35 -0.31
CA ARG B 550 -44.31 0.66 1.09
C ARG B 550 -44.67 -0.60 1.87
N GLU B 551 -45.41 -1.52 1.26
CA GLU B 551 -45.73 -2.77 1.93
C GLU B 551 -44.46 -3.57 2.22
N PHE B 552 -43.59 -3.68 1.23
CA PHE B 552 -42.30 -4.33 1.44
C PHE B 552 -41.39 -3.40 2.23
N GLY B 553 -40.58 -3.98 3.10
CA GLY B 553 -39.73 -3.23 4.00
C GLY B 553 -40.32 -3.05 5.38
N THR B 554 -41.64 -3.20 5.53
CA THR B 554 -42.26 -3.12 6.85
C THR B 554 -41.92 -4.35 7.67
N GLY B 555 -42.10 -5.54 7.09
CA GLY B 555 -41.66 -6.76 7.72
C GLY B 555 -40.22 -7.10 7.37
N PHE B 556 -39.57 -7.87 8.25
CA PHE B 556 -38.17 -8.18 8.06
C PHE B 556 -37.96 -9.16 6.89
N GLU B 557 -38.77 -10.22 6.85
CA GLU B 557 -38.55 -11.27 5.85
C GLU B 557 -38.82 -10.74 4.44
N GLN B 558 -39.93 -10.02 4.26
CA GLN B 558 -40.19 -9.40 2.96
C GLN B 558 -39.04 -8.45 2.58
N SER B 559 -38.62 -7.62 3.53
CA SER B 559 -37.55 -6.67 3.27
C SER B 559 -36.28 -7.38 2.79
N ASN B 560 -35.78 -8.33 3.59
CA ASN B 560 -34.53 -8.99 3.26
C ASN B 560 -34.62 -9.69 1.90
N ALA B 561 -35.66 -10.48 1.69
CA ALA B 561 -35.76 -11.24 0.45
C ALA B 561 -35.86 -10.32 -0.76
N PHE B 562 -36.66 -9.27 -0.67
CA PHE B 562 -36.83 -8.36 -1.81
C PHE B 562 -35.54 -7.60 -2.09
N ILE B 563 -34.85 -7.15 -1.04
CA ILE B 563 -33.61 -6.40 -1.25
C ILE B 563 -32.53 -7.30 -1.82
N GLN B 564 -32.45 -8.55 -1.36
CA GLN B 564 -31.46 -9.47 -1.91
C GLN B 564 -31.77 -9.81 -3.36
N LEU B 565 -33.06 -9.88 -3.72
CA LEU B 565 -33.43 -10.08 -5.12
C LEU B 565 -32.97 -8.91 -5.97
N LEU B 566 -33.21 -7.68 -5.50
CA LEU B 566 -32.73 -6.50 -6.20
C LEU B 566 -31.22 -6.57 -6.39
N THR B 567 -30.49 -6.82 -5.30
CA THR B 567 -29.04 -6.95 -5.37
C THR B 567 -28.64 -7.95 -6.45
N THR B 568 -29.20 -9.16 -6.39
CA THR B 568 -28.88 -10.19 -7.38
C THR B 568 -29.16 -9.70 -8.79
N LEU B 569 -30.23 -8.91 -8.97
CA LEU B 569 -30.56 -8.41 -10.30
C LEU B 569 -29.52 -7.42 -10.81
N LEU B 570 -28.93 -6.63 -9.91
CA LEU B 570 -27.94 -5.64 -10.30
C LEU B 570 -26.54 -6.23 -10.45
N VAL B 571 -26.41 -7.55 -10.39
CA VAL B 571 -25.15 -8.23 -10.66
C VAL B 571 -25.10 -8.56 -12.16
N PRO B 572 -24.24 -7.92 -12.94
CA PRO B 572 -24.18 -8.22 -14.37
C PRO B 572 -24.03 -9.71 -14.61
N PRO B 573 -24.55 -10.22 -15.73
CA PRO B 573 -24.38 -11.65 -16.02
C PRO B 573 -22.94 -11.99 -16.37
N GLU B 574 -22.22 -11.07 -17.00
CA GLU B 574 -20.82 -11.30 -17.32
C GLU B 574 -20.01 -11.62 -16.06
N GLY B 575 -20.08 -10.73 -15.08
CA GLY B 575 -19.35 -10.89 -13.85
C GLY B 575 -19.17 -9.56 -13.14
N LEU B 576 -19.11 -9.58 -11.81
CA LEU B 576 -19.00 -8.33 -11.06
C LEU B 576 -17.78 -7.53 -11.51
N ASN B 577 -16.61 -8.15 -11.53
CA ASN B 577 -15.37 -7.48 -11.91
C ASN B 577 -15.10 -7.80 -13.38
N SER B 578 -15.46 -6.86 -14.25
CA SER B 578 -15.15 -6.96 -15.67
C SER B 578 -15.00 -5.53 -16.20
N LEU B 579 -14.91 -5.39 -17.52
CA LEU B 579 -14.84 -4.06 -18.11
C LEU B 579 -16.05 -3.23 -17.71
N ASN B 580 -17.23 -3.84 -17.71
CA ASN B 580 -18.46 -3.21 -17.23
C ASN B 580 -18.71 -1.88 -17.94
N ASP B 581 -18.81 -1.96 -19.27
CA ASP B 581 -19.20 -0.79 -20.05
C ASP B 581 -20.69 -0.54 -19.96
N SER B 582 -21.49 -1.61 -19.92
CA SER B 582 -22.94 -1.49 -19.97
C SER B 582 -23.48 -0.98 -18.63
N VAL B 583 -24.75 -0.60 -18.65
CA VAL B 583 -25.49 -0.23 -17.45
C VAL B 583 -26.06 -1.53 -16.87
N PRO B 584 -25.95 -1.76 -15.56
CA PRO B 584 -26.32 -3.08 -15.01
C PRO B 584 -27.74 -3.52 -15.34
N PHE B 585 -28.64 -2.60 -15.67
CA PHE B 585 -30.03 -2.93 -15.96
C PHE B 585 -30.41 -2.45 -17.35
N PRO B 586 -31.53 -2.94 -17.89
CA PRO B 586 -31.98 -2.47 -19.21
C PRO B 586 -32.29 -0.98 -19.19
N GLU B 587 -31.83 -0.29 -20.23
CA GLU B 587 -31.96 1.16 -20.27
C GLU B 587 -33.42 1.60 -20.31
N TRP B 588 -34.29 0.80 -20.92
CA TRP B 588 -35.68 1.17 -21.10
C TRP B 588 -36.52 0.99 -19.84
N LEU B 589 -35.91 0.58 -18.73
CA LEU B 589 -36.67 0.41 -17.49
C LEU B 589 -37.30 1.72 -17.02
N GLY B 590 -36.84 2.86 -17.54
CA GLY B 590 -37.29 4.16 -17.09
C GLY B 590 -38.20 4.89 -18.07
N SER B 591 -37.92 4.75 -19.37
CA SER B 591 -38.66 5.52 -20.37
C SER B 591 -40.16 5.37 -20.19
N SER B 592 -40.64 4.14 -20.02
CA SER B 592 -42.07 3.92 -19.83
C SER B 592 -42.53 4.57 -18.53
N ILE B 593 -43.70 5.22 -18.60
CA ILE B 593 -44.38 5.79 -17.45
C ILE B 593 -43.46 6.57 -16.53
N ARG B 594 -42.51 7.30 -17.11
CA ARG B 594 -41.71 8.31 -16.41
C ARG B 594 -41.33 7.86 -15.00
N THR B 595 -40.68 6.70 -14.91
CA THR B 595 -40.34 6.12 -13.62
C THR B 595 -38.87 6.35 -13.23
N LEU B 596 -38.12 7.14 -13.99
CA LEU B 596 -36.76 7.54 -13.64
C LEU B 596 -35.84 6.34 -13.50
N GLY B 597 -36.01 5.36 -14.38
CA GLY B 597 -35.05 4.26 -14.46
C GLY B 597 -35.06 3.41 -13.19
N ILE B 598 -33.87 3.23 -12.63
CA ILE B 598 -33.69 2.38 -11.44
C ILE B 598 -33.76 3.17 -10.14
N GLU B 599 -33.63 4.51 -10.19
CA GLU B 599 -33.62 5.30 -8.97
C GLU B 599 -34.72 4.92 -7.98
N PRO B 600 -35.93 4.56 -8.40
CA PRO B 600 -36.92 4.10 -7.42
C PRO B 600 -36.44 2.95 -6.55
N TYR B 601 -35.84 1.92 -7.15
CA TYR B 601 -35.40 0.76 -6.36
C TYR B 601 -34.30 1.14 -5.39
N VAL B 602 -33.32 1.94 -5.84
CA VAL B 602 -32.27 2.40 -4.94
C VAL B 602 -32.87 3.20 -3.80
N ASP B 603 -33.82 4.09 -4.11
CA ASP B 603 -34.46 4.89 -3.07
C ASP B 603 -35.18 4.00 -2.07
N PHE B 604 -35.84 2.94 -2.55
CA PHE B 604 -36.53 2.03 -1.65
C PHE B 604 -35.56 1.36 -0.69
N VAL B 605 -34.45 0.83 -1.21
CA VAL B 605 -33.49 0.12 -0.38
C VAL B 605 -32.92 1.05 0.68
N PHE B 606 -32.64 2.30 0.31
CA PHE B 606 -32.09 3.24 1.28
C PHE B 606 -33.15 3.68 2.30
N ASP B 607 -34.40 3.84 1.86
CA ASP B 607 -35.45 4.18 2.80
C ASP B 607 -35.67 3.07 3.81
N VAL B 608 -35.52 1.81 3.39
CA VAL B 608 -35.54 0.70 4.33
C VAL B 608 -34.34 0.76 5.26
N PHE B 609 -33.14 0.97 4.69
CA PHE B 609 -31.93 0.97 5.50
C PHE B 609 -31.96 2.05 6.58
N ALA B 610 -32.64 3.16 6.32
CA ALA B 610 -32.67 4.26 7.27
C ALA B 610 -33.98 4.31 8.06
N ASN B 611 -35.07 4.62 7.37
CA ASN B 611 -36.33 4.91 8.06
C ASN B 611 -36.98 3.65 8.61
N ARG B 612 -37.24 2.66 7.74
CA ARG B 612 -38.08 1.53 8.11
C ARG B 612 -37.29 0.37 8.69
N THR B 613 -35.99 0.52 8.95
CA THR B 613 -35.28 -0.45 9.76
C THR B 613 -35.38 -0.15 11.25
N LYS B 614 -35.80 1.06 11.60
CA LYS B 614 -36.09 1.37 13.00
C LYS B 614 -37.09 0.39 13.58
N ASP B 615 -38.03 -0.09 12.77
CA ASP B 615 -39.11 -0.94 13.26
C ASP B 615 -38.64 -2.33 13.66
N ILE B 616 -37.43 -2.73 13.28
CA ILE B 616 -36.92 -4.05 13.64
C ILE B 616 -36.40 -4.02 15.07
N SER B 617 -36.57 -5.14 15.77
CA SER B 617 -36.21 -5.25 17.17
C SER B 617 -35.12 -6.29 17.42
N ASP B 618 -35.28 -7.49 16.88
CA ASP B 618 -34.27 -8.53 17.10
C ASP B 618 -32.95 -8.07 16.50
N PRO B 619 -31.85 -8.10 17.28
CA PRO B 619 -30.57 -7.61 16.73
C PRO B 619 -30.08 -8.43 15.55
N SER B 620 -30.21 -9.76 15.59
CA SER B 620 -29.70 -10.59 14.51
C SER B 620 -30.38 -10.24 13.19
N GLN B 621 -31.71 -10.13 13.20
CA GLN B 621 -32.42 -9.74 12.00
C GLN B 621 -31.97 -8.36 11.51
N LEU B 622 -31.76 -7.42 12.44
CA LEU B 622 -31.31 -6.09 12.06
C LEU B 622 -29.96 -6.15 11.36
N ARG B 623 -29.04 -6.97 11.88
CA ARG B 623 -27.72 -7.08 11.27
C ARG B 623 -27.80 -7.71 9.89
N ILE B 624 -28.64 -8.74 9.73
CA ILE B 624 -28.78 -9.38 8.42
C ILE B 624 -29.39 -8.41 7.42
N LEU B 625 -30.38 -7.63 7.85
CA LEU B 625 -31.00 -6.67 6.95
C LEU B 625 -30.01 -5.60 6.52
N ARG B 626 -29.27 -5.04 7.48
CA ARG B 626 -28.28 -4.03 7.14
C ARG B 626 -27.20 -4.60 6.24
N LEU B 627 -26.84 -5.87 6.44
CA LEU B 627 -25.91 -6.53 5.54
C LEU B 627 -26.44 -6.56 4.11
N SER B 628 -27.72 -6.95 3.96
CA SER B 628 -28.32 -6.98 2.64
C SER B 628 -28.36 -5.61 2.00
N CYS B 629 -28.73 -4.59 2.78
CA CYS B 629 -28.77 -3.23 2.24
C CYS B 629 -27.39 -2.78 1.78
N LEU B 630 -26.37 -2.96 2.63
CA LEU B 630 -25.04 -2.52 2.27
C LEU B 630 -24.45 -3.34 1.13
N ASP B 631 -24.82 -4.62 1.04
CA ASP B 631 -24.42 -5.42 -0.12
C ASP B 631 -25.03 -4.85 -1.40
N PHE B 632 -26.30 -4.44 -1.34
CA PHE B 632 -26.92 -3.77 -2.48
C PHE B 632 -26.16 -2.52 -2.86
N VAL B 633 -25.80 -1.70 -1.87
CA VAL B 633 -25.09 -0.45 -2.14
C VAL B 633 -23.74 -0.73 -2.77
N MET B 634 -23.06 -1.79 -2.32
CA MET B 634 -21.76 -2.13 -2.90
C MET B 634 -21.91 -2.58 -4.35
N VAL B 635 -22.84 -3.52 -4.60
CA VAL B 635 -23.06 -3.98 -5.98
C VAL B 635 -23.37 -2.80 -6.89
N CYS B 636 -24.00 -1.75 -6.35
CA CYS B 636 -24.26 -0.56 -7.15
C CYS B 636 -22.97 0.20 -7.43
N LEU B 637 -22.17 0.45 -6.40
CA LEU B 637 -21.00 1.30 -6.52
C LEU B 637 -19.86 0.63 -7.26
N VAL B 638 -19.83 -0.70 -7.32
CA VAL B 638 -18.75 -1.40 -7.98
C VAL B 638 -18.82 -1.20 -9.50
N THR B 639 -19.96 -1.55 -10.09
CA THR B 639 -20.08 -1.56 -11.55
C THR B 639 -19.85 -0.18 -12.17
N PHE B 640 -19.80 0.88 -11.37
CA PHE B 640 -19.57 2.22 -11.90
C PHE B 640 -18.10 2.38 -12.25
N ASN B 641 -17.78 2.32 -13.53
CA ASN B 641 -16.41 2.48 -14.00
C ASN B 641 -16.10 3.97 -14.11
N GLU B 642 -15.28 4.48 -13.19
CA GLU B 642 -14.90 5.89 -13.24
C GLU B 642 -13.85 6.18 -14.30
N ASP B 643 -13.08 5.17 -14.72
CA ASP B 643 -12.10 5.38 -15.77
C ASP B 643 -12.77 5.85 -17.06
N LEU B 644 -13.89 5.22 -17.42
CA LEU B 644 -14.63 5.64 -18.61
C LEU B 644 -15.07 7.09 -18.48
N ILE B 645 -15.51 7.49 -17.30
CA ILE B 645 -16.02 8.86 -17.12
C ILE B 645 -14.89 9.86 -17.25
N VAL B 646 -13.76 9.61 -16.59
CA VAL B 646 -12.64 10.55 -16.64
C VAL B 646 -12.07 10.62 -18.04
N LEU B 647 -12.01 9.47 -18.75
CA LEU B 647 -11.49 9.48 -20.11
C LEU B 647 -12.38 10.31 -21.03
N GLY B 648 -13.69 10.02 -21.02
CA GLY B 648 -14.59 10.77 -21.89
C GLY B 648 -14.58 12.26 -21.64
N HIS B 649 -14.43 12.65 -20.36
CA HIS B 649 -14.43 14.07 -20.03
C HIS B 649 -13.15 14.75 -20.48
N GLU B 650 -12.01 14.07 -20.36
CA GLU B 650 -10.74 14.68 -20.75
C GLU B 650 -10.57 14.69 -22.27
N SER B 651 -10.81 13.56 -22.92
CA SER B 651 -10.67 13.46 -24.36
C SER B 651 -11.94 12.91 -25.00
N ILE B 655 -17.38 7.66 -28.24
CA ILE B 655 -18.46 7.67 -27.26
C ILE B 655 -19.53 6.65 -27.64
N ASP B 656 -20.14 6.85 -28.81
CA ASP B 656 -21.31 6.06 -29.20
C ASP B 656 -21.00 4.57 -29.15
N ASP B 657 -19.99 4.13 -29.89
CA ASP B 657 -19.67 2.71 -29.98
C ASP B 657 -18.46 2.30 -29.15
N ALA B 658 -17.63 3.26 -28.72
CA ALA B 658 -16.46 2.92 -27.93
C ALA B 658 -16.83 2.07 -26.73
N MET B 659 -17.90 2.43 -26.03
CA MET B 659 -18.39 1.67 -24.89
C MET B 659 -19.69 0.98 -25.25
N ALA B 660 -19.94 -0.16 -24.61
CA ALA B 660 -21.14 -0.95 -24.89
C ALA B 660 -22.41 -0.14 -24.68
N ALA B 661 -22.37 0.87 -23.82
CA ALA B 661 -23.55 1.68 -23.58
C ALA B 661 -23.86 2.56 -24.78
N THR B 662 -25.13 2.99 -24.86
CA THR B 662 -25.57 3.78 -26.01
C THR B 662 -24.82 5.11 -26.07
N ASN B 663 -24.71 5.80 -24.93
CA ASN B 663 -24.01 7.08 -24.89
C ASN B 663 -23.37 7.24 -23.52
N LEU B 664 -22.34 8.09 -23.47
CA LEU B 664 -21.66 8.34 -22.21
C LEU B 664 -22.60 8.98 -21.20
N ALA B 665 -23.28 10.06 -21.59
CA ALA B 665 -24.23 10.71 -20.69
C ALA B 665 -25.31 9.73 -20.26
N THR B 666 -25.74 8.85 -21.16
CA THR B 666 -26.72 7.82 -20.80
C THR B 666 -26.18 6.93 -19.68
N TYR B 667 -24.95 6.46 -19.82
CA TYR B 667 -24.35 5.62 -18.79
C TYR B 667 -24.25 6.37 -17.46
N VAL B 668 -23.91 7.66 -17.52
CA VAL B 668 -23.74 8.44 -16.29
C VAL B 668 -25.05 8.54 -15.54
N ARG B 669 -26.11 9.00 -16.21
CA ARG B 669 -27.34 9.30 -15.49
C ARG B 669 -28.11 8.03 -15.14
N LEU B 670 -28.17 7.06 -16.04
CA LEU B 670 -28.96 5.86 -15.76
C LEU B 670 -28.32 5.02 -14.65
N HIS B 671 -27.00 5.00 -14.58
CA HIS B 671 -26.34 4.14 -13.60
C HIS B 671 -26.77 4.53 -12.19
N PRO B 672 -27.05 3.56 -11.31
CA PRO B 672 -27.50 3.92 -9.96
C PRO B 672 -26.48 4.76 -9.20
N PHE B 673 -25.22 4.73 -9.60
CA PHE B 673 -24.18 5.48 -8.91
C PHE B 673 -24.61 6.92 -8.65
N SER B 674 -25.11 7.60 -9.70
CA SER B 674 -25.56 8.98 -9.53
C SER B 674 -26.48 9.13 -8.34
N ARG B 675 -27.41 8.19 -8.17
CA ARG B 675 -28.37 8.28 -7.06
C ARG B 675 -27.75 7.78 -5.76
N VAL B 676 -27.00 6.69 -5.80
CA VAL B 676 -26.46 6.10 -4.58
C VAL B 676 -25.62 7.13 -3.83
N MET B 677 -24.70 7.79 -4.53
CA MET B 677 -23.86 8.80 -3.89
C MET B 677 -24.70 9.84 -3.18
N GLU B 678 -25.78 10.31 -3.81
CA GLU B 678 -26.66 11.28 -3.18
C GLU B 678 -27.11 10.80 -1.81
N TRP B 679 -27.60 9.56 -1.74
CA TRP B 679 -28.00 8.98 -0.46
C TRP B 679 -26.86 9.05 0.55
N LEU B 680 -25.66 8.63 0.14
CA LEU B 680 -24.51 8.60 1.04
C LEU B 680 -24.19 9.96 1.63
N PHE B 681 -24.77 11.04 1.09
CA PHE B 681 -24.65 12.36 1.70
C PHE B 681 -25.80 12.67 2.64
N ASN B 682 -26.81 11.80 2.73
CA ASN B 682 -27.93 12.01 3.63
C ASN B 682 -27.52 11.68 5.06
N GLU B 683 -28.02 12.48 6.01
CA GLU B 683 -27.61 12.32 7.40
C GLU B 683 -28.11 11.02 7.99
N LYS B 684 -29.36 10.64 7.69
CA LYS B 684 -29.92 9.41 8.24
C LYS B 684 -29.09 8.20 7.81
N VAL B 685 -28.65 8.18 6.55
CA VAL B 685 -27.84 7.06 6.08
C VAL B 685 -26.53 7.00 6.86
N ILE B 686 -25.88 8.15 7.04
CA ILE B 686 -24.64 8.18 7.81
C ILE B 686 -24.87 7.69 9.23
N THR B 687 -25.98 8.13 9.85
CA THR B 687 -26.27 7.70 11.21
C THR B 687 -26.49 6.19 11.27
N SER B 688 -27.25 5.65 10.31
CA SER B 688 -27.47 4.21 10.27
C SER B 688 -26.16 3.45 10.08
N LEU B 689 -25.25 4.02 9.28
CA LEU B 689 -23.96 3.38 9.04
C LEU B 689 -23.16 3.29 10.34
N ILE B 690 -22.92 4.44 10.99
CA ILE B 690 -22.13 4.42 12.22
C ILE B 690 -22.86 3.69 13.33
N ASN B 691 -24.17 3.50 13.22
CA ASN B 691 -24.87 2.63 14.15
C ASN B 691 -24.57 1.16 13.83
N THR B 692 -24.49 0.82 12.54
CA THR B 692 -24.09 -0.53 12.16
C THR B 692 -22.68 -0.82 12.64
N ILE B 693 -21.77 0.14 12.48
CA ILE B 693 -20.39 -0.05 12.90
C ILE B 693 -20.33 -0.22 14.42
N HIS B 694 -20.84 0.76 15.15
CA HIS B 694 -20.79 0.73 16.61
C HIS B 694 -21.67 -0.40 17.13
N GLN B 695 -21.05 -1.41 17.73
CA GLN B 695 -21.76 -2.55 18.30
C GLN B 695 -21.13 -2.90 19.63
N ASP B 696 -21.63 -3.97 20.25
CA ASP B 696 -21.06 -4.45 21.50
C ASP B 696 -19.70 -5.09 21.22
N PRO B 697 -18.63 -4.64 21.90
CA PRO B 697 -17.30 -5.14 21.52
C PRO B 697 -17.07 -6.61 21.89
N ILE B 698 -17.54 -7.04 23.06
CA ILE B 698 -17.32 -8.43 23.46
C ILE B 698 -18.15 -9.37 22.59
N SER B 699 -19.42 -9.03 22.35
CA SER B 699 -20.24 -9.84 21.46
C SER B 699 -19.67 -9.83 20.04
N LEU B 700 -18.97 -8.76 19.66
CA LEU B 700 -18.37 -8.68 18.34
C LEU B 700 -17.15 -9.57 18.23
N GLY B 701 -16.21 -9.45 19.18
CA GLY B 701 -15.01 -10.27 19.14
C GLY B 701 -15.31 -11.75 19.31
N SER B 702 -16.23 -12.09 20.22
CA SER B 702 -16.56 -13.47 20.48
C SER B 702 -17.40 -14.09 19.36
N ALA B 703 -17.91 -13.29 18.44
CA ALA B 703 -18.74 -13.81 17.36
C ALA B 703 -17.88 -14.44 16.28
N SER B 704 -18.53 -15.11 15.33
CA SER B 704 -17.85 -15.75 14.23
C SER B 704 -17.51 -14.73 13.15
N PRO B 705 -16.38 -14.92 12.46
CA PRO B 705 -16.03 -13.97 11.38
C PRO B 705 -17.02 -13.98 10.23
N ASP B 706 -17.74 -15.09 10.04
CA ASP B 706 -18.71 -15.21 8.96
C ASP B 706 -20.12 -14.89 9.41
N SER B 707 -20.31 -14.51 10.67
CA SER B 707 -21.64 -14.16 11.15
C SER B 707 -22.00 -12.75 10.70
N PRO B 708 -23.29 -12.46 10.54
CA PRO B 708 -23.70 -11.11 10.11
C PRO B 708 -23.17 -10.00 11.01
N LEU B 709 -22.94 -10.29 12.29
CA LEU B 709 -22.47 -9.24 13.20
C LEU B 709 -21.17 -8.64 12.72
N VAL B 710 -20.27 -9.48 12.21
CA VAL B 710 -18.98 -8.99 11.71
C VAL B 710 -19.12 -8.50 10.27
N VAL B 711 -19.79 -9.30 9.42
CA VAL B 711 -19.85 -8.96 8.00
C VAL B 711 -20.61 -7.66 7.79
N SER B 712 -21.60 -7.37 8.63
CA SER B 712 -22.33 -6.11 8.50
C SER B 712 -21.41 -4.92 8.70
N ILE B 713 -20.61 -4.95 9.77
CA ILE B 713 -19.67 -3.86 10.03
C ILE B 713 -18.64 -3.78 8.90
N LEU B 714 -18.21 -4.93 8.38
CA LEU B 714 -17.24 -4.93 7.29
C LEU B 714 -17.82 -4.25 6.05
N ARG B 715 -19.08 -4.55 5.72
CA ARG B 715 -19.68 -3.93 4.54
C ARG B 715 -19.91 -2.44 4.76
N ALA B 716 -20.26 -2.05 5.99
CA ALA B 716 -20.43 -0.63 6.28
C ALA B 716 -19.12 0.12 6.11
N ILE B 717 -18.02 -0.44 6.61
CA ILE B 717 -16.70 0.16 6.41
C ILE B 717 -16.39 0.21 4.92
N GLN B 718 -16.69 -0.86 4.19
CA GLN B 718 -16.38 -0.89 2.76
C GLN B 718 -17.20 0.14 1.99
N VAL B 719 -18.45 0.37 2.41
CA VAL B 719 -19.26 1.40 1.76
C VAL B 719 -18.64 2.78 1.99
N MET B 720 -18.23 3.05 3.23
CA MET B 720 -17.59 4.33 3.53
C MET B 720 -16.33 4.51 2.70
N ILE B 721 -15.50 3.46 2.61
CA ILE B 721 -14.26 3.55 1.83
C ILE B 721 -14.57 3.88 0.38
N LYS B 722 -15.48 3.11 -0.24
CA LYS B 722 -15.80 3.33 -1.64
C LYS B 722 -16.38 4.72 -1.87
N ALA B 723 -17.14 5.23 -0.89
CA ALA B 723 -17.66 6.59 -1.02
C ALA B 723 -16.53 7.60 -1.05
N LEU B 724 -15.60 7.49 -0.10
CA LEU B 724 -14.44 8.39 -0.08
C LEU B 724 -13.63 8.29 -1.37
N GLU B 725 -13.58 7.10 -1.98
CA GLU B 725 -12.84 6.95 -3.23
C GLU B 725 -13.52 7.68 -4.37
N LEU B 726 -14.76 7.31 -4.67
CA LEU B 726 -15.48 7.84 -5.83
C LEU B 726 -16.11 9.20 -5.57
N GLN B 727 -15.92 9.77 -4.37
CA GLN B 727 -16.47 11.09 -4.09
C GLN B 727 -15.93 12.12 -5.09
N GLU B 728 -14.63 12.10 -5.36
CA GLU B 728 -14.04 13.08 -6.26
C GLU B 728 -14.65 12.99 -7.65
N THR B 729 -14.80 11.77 -8.17
CA THR B 729 -15.44 11.60 -9.48
C THR B 729 -16.87 12.13 -9.45
N TYR B 730 -17.60 11.85 -8.37
CA TYR B 730 -19.02 12.18 -8.32
C TYR B 730 -19.24 13.69 -8.31
N LEU B 731 -18.57 14.41 -7.41
CA LEU B 731 -18.88 15.82 -7.20
C LEU B 731 -18.58 16.66 -8.42
N HIS B 732 -17.62 16.25 -9.26
CA HIS B 732 -17.14 17.10 -10.34
C HIS B 732 -17.49 16.59 -11.73
N LEU B 733 -17.60 15.28 -11.93
CA LEU B 733 -17.87 14.72 -13.25
C LEU B 733 -19.25 14.11 -13.40
N VAL B 734 -19.97 13.86 -12.30
CA VAL B 734 -21.29 13.23 -12.34
C VAL B 734 -22.37 14.23 -11.92
N ARG B 735 -22.27 14.77 -10.71
CA ARG B 735 -23.29 15.68 -10.20
C ARG B 735 -23.62 16.82 -11.17
N PRO B 736 -22.65 17.50 -11.80
CA PRO B 736 -23.01 18.55 -12.75
C PRO B 736 -23.82 18.04 -13.93
N GLU B 737 -23.43 16.90 -14.50
CA GLU B 737 -24.18 16.35 -15.63
C GLU B 737 -25.62 16.03 -15.24
N VAL B 738 -25.81 15.47 -14.05
CA VAL B 738 -27.16 15.09 -13.61
C VAL B 738 -28.00 16.33 -13.35
N LEU B 739 -27.44 17.31 -12.64
CA LEU B 739 -28.18 18.54 -12.37
C LEU B 739 -28.47 19.32 -13.64
N ARG B 740 -27.67 19.11 -14.70
CA ARG B 740 -27.93 19.79 -15.96
C ARG B 740 -28.97 19.04 -16.79
N TYR B 741 -28.90 17.71 -16.80
CA TYR B 741 -29.87 16.93 -17.58
C TYR B 741 -31.26 17.00 -16.96
N GLN B 742 -31.34 17.06 -15.63
CA GLN B 742 -32.65 17.12 -14.99
C GLN B 742 -33.30 18.48 -15.21
N GLY B 743 -32.51 19.55 -15.29
CA GLY B 743 -33.08 20.84 -15.62
C GLY B 743 -33.49 20.94 -17.07
N GLU B 744 -32.68 20.40 -17.97
CA GLU B 744 -33.04 20.38 -19.39
C GLU B 744 -34.28 19.54 -19.63
N ALA B 745 -34.27 18.28 -19.19
CA ALA B 745 -35.40 17.40 -19.40
C ALA B 745 -36.62 17.80 -18.58
N GLY B 746 -36.42 18.58 -17.51
CA GLY B 746 -37.52 18.98 -16.66
C GLY B 746 -37.88 18.00 -15.57
N VAL B 747 -37.53 16.72 -15.74
CA VAL B 747 -37.85 15.74 -14.70
C VAL B 747 -37.13 16.10 -13.40
N ARG B 748 -37.69 15.67 -12.28
CA ARG B 748 -37.11 15.95 -10.98
C ARG B 748 -37.49 14.84 -10.01
N ARG B 749 -36.70 14.72 -8.94
CA ARG B 749 -36.98 13.76 -7.88
C ARG B 749 -36.51 14.36 -6.56
N LYS B 750 -37.07 13.84 -5.47
CA LYS B 750 -36.78 14.33 -4.14
C LYS B 750 -35.27 14.35 -3.89
N PRO B 751 -34.67 15.49 -3.53
CA PRO B 751 -33.24 15.53 -3.21
C PRO B 751 -33.00 15.05 -1.79
N VAL B 752 -32.37 13.87 -1.67
CA VAL B 752 -32.11 13.30 -0.36
C VAL B 752 -30.79 13.79 0.24
N ALA B 753 -29.85 14.25 -0.57
CA ALA B 753 -28.56 14.68 -0.06
C ALA B 753 -28.71 15.92 0.82
N ASN B 754 -27.94 15.95 1.91
CA ASN B 754 -27.97 17.07 2.83
C ASN B 754 -27.22 18.25 2.21
N ALA B 755 -27.94 19.35 1.96
CA ALA B 755 -27.36 20.50 1.29
C ALA B 755 -26.18 21.09 2.05
N ALA B 756 -26.08 20.83 3.35
CA ALA B 756 -24.98 21.37 4.13
C ALA B 756 -23.69 20.56 3.95
N TYR B 757 -23.82 19.28 3.61
CA TYR B 757 -22.65 18.43 3.40
C TYR B 757 -22.12 18.67 1.99
N SER B 758 -21.06 19.47 1.89
CA SER B 758 -20.37 19.67 0.63
C SER B 758 -19.36 18.55 0.33
N ALA B 759 -19.28 17.54 1.20
CA ALA B 759 -18.33 16.45 1.03
C ALA B 759 -18.65 15.38 2.06
N PHE B 760 -18.56 14.12 1.63
CA PHE B 760 -18.89 12.97 2.48
C PHE B 760 -18.29 13.11 3.87
N GLU B 761 -17.05 13.63 3.95
CA GLU B 761 -16.39 13.76 5.24
C GLU B 761 -17.20 14.62 6.20
N ASP B 762 -17.81 15.70 5.68
CA ASP B 762 -18.52 16.64 6.54
C ASP B 762 -19.57 15.97 7.42
N GLY B 763 -20.05 14.78 7.04
CA GLY B 763 -21.10 14.12 7.79
C GLY B 763 -20.60 13.25 8.92
N ILE B 764 -19.40 12.68 8.76
CA ILE B 764 -18.87 11.77 9.78
C ILE B 764 -18.01 12.47 10.83
N LEU B 765 -17.46 13.63 10.52
CA LEU B 765 -16.57 14.31 11.46
C LEU B 765 -17.29 14.87 12.68
N SER B 766 -18.62 14.98 12.64
CA SER B 766 -19.36 15.53 13.77
C SER B 766 -19.18 14.67 15.01
N HIS B 767 -19.63 13.42 14.94
CA HIS B 767 -19.46 12.46 16.03
C HIS B 767 -18.14 11.74 15.84
N LEU B 768 -17.24 11.84 16.82
CA LEU B 768 -15.88 11.34 16.69
C LEU B 768 -15.76 9.85 17.00
N SER B 769 -16.76 9.26 17.67
CA SER B 769 -16.63 7.91 18.19
C SER B 769 -16.26 6.88 17.14
N LEU B 770 -16.33 7.22 15.85
CA LEU B 770 -16.03 6.24 14.81
C LEU B 770 -14.58 5.76 14.90
N VAL B 771 -13.64 6.69 15.03
CA VAL B 771 -12.22 6.30 15.07
C VAL B 771 -11.96 5.33 16.22
N VAL B 772 -12.59 5.55 17.37
CA VAL B 772 -12.42 4.66 18.50
C VAL B 772 -12.88 3.25 18.14
N ASP B 773 -14.06 3.15 17.54
CA ASP B 773 -14.61 1.83 17.19
C ASP B 773 -13.66 1.07 16.27
N LEU B 774 -13.16 1.75 15.23
CA LEU B 774 -12.24 1.10 14.30
C LEU B 774 -11.00 0.59 15.03
N GLY B 775 -10.35 1.46 15.80
CA GLY B 775 -9.17 1.04 16.53
C GLY B 775 -9.43 -0.15 17.44
N LYS B 776 -10.56 -0.15 18.12
CA LYS B 776 -10.89 -1.27 19.01
C LYS B 776 -11.12 -2.55 18.22
N TYR B 777 -11.79 -2.44 17.06
CA TYR B 777 -12.06 -3.63 16.26
C TYR B 777 -10.78 -4.25 15.71
N CYS B 778 -9.72 -3.46 15.56
CA CYS B 778 -8.43 -4.01 15.15
C CYS B 778 -7.94 -5.05 16.15
N ASN B 779 -8.35 -4.92 17.42
CA ASN B 779 -7.90 -5.80 18.48
C ASN B 779 -8.67 -7.11 18.53
N LEU B 780 -9.69 -7.28 17.71
CA LEU B 780 -10.56 -8.44 17.77
C LEU B 780 -10.05 -9.63 16.96
N GLY B 781 -8.94 -9.46 16.24
CA GLY B 781 -8.33 -10.59 15.56
C GLY B 781 -9.11 -11.11 14.37
N HIS B 782 -9.75 -10.22 13.62
CA HIS B 782 -10.42 -10.56 12.37
C HIS B 782 -9.66 -9.88 11.24
N ALA B 783 -9.05 -10.68 10.38
CA ALA B 783 -8.14 -10.15 9.36
C ALA B 783 -8.86 -9.12 8.48
N GLU B 784 -9.88 -9.56 7.74
CA GLU B 784 -10.56 -8.67 6.80
C GLU B 784 -11.04 -7.41 7.50
N LEU B 785 -11.67 -7.56 8.67
CA LEU B 785 -12.18 -6.40 9.38
C LEU B 785 -11.04 -5.48 9.82
N THR B 786 -9.94 -6.05 10.30
CA THR B 786 -8.79 -5.23 10.72
C THR B 786 -8.26 -4.42 9.54
N LEU B 787 -8.02 -5.08 8.41
CA LEU B 787 -7.51 -4.35 7.24
C LEU B 787 -8.46 -3.23 6.83
N ALA B 788 -9.77 -3.53 6.78
CA ALA B 788 -10.74 -2.50 6.42
C ALA B 788 -10.68 -1.33 7.39
N CYS B 789 -10.67 -1.61 8.69
CA CYS B 789 -10.59 -0.54 9.68
C CYS B 789 -9.31 0.29 9.47
N LEU B 790 -8.19 -0.37 9.20
CA LEU B 790 -6.93 0.36 9.02
C LEU B 790 -6.98 1.26 7.80
N LYS B 791 -7.51 0.76 6.69
CA LYS B 791 -7.62 1.59 5.49
C LYS B 791 -8.58 2.76 5.72
N LEU B 792 -9.68 2.52 6.44
CA LEU B 792 -10.61 3.61 6.70
C LEU B 792 -9.99 4.66 7.60
N LEU B 793 -9.20 4.24 8.60
CA LEU B 793 -8.46 5.19 9.42
C LEU B 793 -7.47 5.99 8.58
N GLU B 794 -6.76 5.30 7.69
CA GLU B 794 -5.84 5.98 6.79
C GLU B 794 -6.54 7.12 6.05
N LYS B 795 -7.70 6.81 5.44
CA LYS B 795 -8.39 7.82 4.64
C LYS B 795 -9.08 8.86 5.52
N ILE B 796 -9.56 8.47 6.70
CA ILE B 796 -10.20 9.43 7.60
C ILE B 796 -9.20 10.46 8.08
N SER B 797 -7.96 10.04 8.35
CA SER B 797 -6.95 10.96 8.85
C SER B 797 -6.25 11.72 7.73
N THR B 798 -6.20 11.15 6.53
CA THR B 798 -5.51 11.82 5.41
C THR B 798 -6.34 12.95 4.83
N SER B 799 -7.67 12.85 4.89
CA SER B 799 -8.52 13.80 4.20
C SER B 799 -8.29 15.23 4.71
N SER B 800 -8.43 16.19 3.81
CA SER B 800 -8.26 17.60 4.16
C SER B 800 -9.39 18.07 5.06
N ARG B 801 -10.63 17.73 4.71
CA ARG B 801 -11.79 18.18 5.49
C ARG B 801 -11.65 17.79 6.95
N ILE B 802 -11.44 16.51 7.21
CA ILE B 802 -11.48 16.01 8.59
C ILE B 802 -10.36 16.62 9.41
N LEU B 803 -9.14 16.63 8.86
CA LEU B 803 -8.01 17.22 9.58
C LEU B 803 -8.24 18.69 9.84
N SER B 804 -8.81 19.41 8.88
CA SER B 804 -9.07 20.83 9.06
C SER B 804 -10.10 21.07 10.15
N ALA B 805 -11.11 20.19 10.25
CA ALA B 805 -12.17 20.38 11.22
C ALA B 805 -11.74 19.96 12.62
N TRP B 806 -10.93 18.91 12.72
CA TRP B 806 -10.56 18.38 14.04
C TRP B 806 -9.52 19.25 14.73
N SER B 807 -8.47 19.64 14.01
CA SER B 807 -7.36 20.39 14.60
C SER B 807 -7.21 21.75 13.92
N PRO B 808 -7.72 22.83 14.53
CA PRO B 808 -7.49 24.18 13.99
C PRO B 808 -6.02 24.58 14.06
N ARG B 816 -7.84 20.96 22.32
CA ARG B 816 -6.52 20.71 21.76
C ARG B 816 -6.63 20.06 20.38
N ASN B 817 -6.86 18.75 20.36
CA ASN B 817 -7.04 18.02 19.11
C ASN B 817 -8.07 16.92 19.37
N LYS B 818 -9.03 16.78 18.45
CA LYS B 818 -10.20 15.95 18.74
C LYS B 818 -9.86 14.47 18.73
N ALA B 819 -9.21 13.99 17.66
CA ALA B 819 -9.00 12.56 17.50
C ALA B 819 -8.22 11.98 18.69
N ILE B 820 -7.25 12.72 19.21
CA ILE B 820 -6.41 12.20 20.28
C ILE B 820 -7.21 12.09 21.57
N VAL B 821 -7.79 13.20 22.02
CA VAL B 821 -8.58 13.18 23.25
C VAL B 821 -9.70 12.15 23.15
N GLN B 822 -10.25 11.95 21.96
CA GLN B 822 -11.31 10.96 21.79
C GLN B 822 -10.78 9.55 22.04
N LEU B 823 -9.60 9.23 21.52
CA LEU B 823 -8.96 7.96 21.82
C LEU B 823 -8.56 7.83 23.28
N GLU B 824 -8.57 8.93 24.03
CA GLU B 824 -8.20 8.92 25.44
C GLU B 824 -9.40 8.89 26.37
N ARG B 825 -10.62 8.85 25.85
CA ARG B 825 -11.81 9.03 26.68
C ARG B 825 -11.87 7.96 27.78
N ASN B 826 -11.81 6.69 27.39
CA ASN B 826 -11.85 5.58 28.34
C ASN B 826 -10.56 4.76 28.31
N GLY B 827 -9.45 5.37 27.90
CA GLY B 827 -8.19 4.68 27.86
C GLY B 827 -8.02 3.74 26.69
N GLU B 828 -8.74 3.98 25.59
CA GLU B 828 -8.63 3.11 24.43
C GLU B 828 -7.32 3.34 23.68
N GLY B 829 -6.83 4.58 23.67
CA GLY B 829 -5.63 4.88 22.89
C GLY B 829 -4.47 3.98 23.21
N GLU B 830 -4.41 3.45 24.44
CA GLU B 830 -3.31 2.58 24.83
C GLU B 830 -3.57 1.12 24.47
N THR B 831 -4.79 0.63 24.67
CA THR B 831 -5.05 -0.78 24.39
C THR B 831 -4.94 -1.09 22.91
N ILE B 832 -5.29 -0.13 22.05
CA ILE B 832 -5.15 -0.36 20.61
C ILE B 832 -3.70 -0.19 20.18
N SER B 833 -2.96 0.73 20.81
CA SER B 833 -1.52 0.77 20.61
C SER B 833 -0.89 -0.56 20.97
N ALA B 834 -1.23 -1.10 22.14
CA ALA B 834 -0.75 -2.41 22.54
C ALA B 834 -1.12 -3.47 21.53
N SER B 835 -2.40 -3.50 21.11
CA SER B 835 -2.85 -4.50 20.15
C SER B 835 -2.05 -4.41 18.86
N LEU B 836 -1.91 -3.20 18.31
CA LEU B 836 -1.12 -3.03 17.09
C LEU B 836 0.32 -3.49 17.31
N SER B 837 0.89 -3.19 18.48
CA SER B 837 2.25 -3.64 18.78
C SER B 837 2.35 -5.15 18.68
N ALA B 838 1.50 -5.86 19.42
CA ALA B 838 1.48 -7.31 19.35
C ALA B 838 1.22 -7.80 17.92
N SER B 839 0.48 -7.00 17.14
CA SER B 839 0.19 -7.40 15.76
C SER B 839 1.44 -7.34 14.89
N ILE B 840 2.26 -6.30 15.05
CA ILE B 840 3.47 -6.17 14.24
C ILE B 840 4.63 -6.99 14.76
N MET B 841 4.42 -7.75 15.85
CA MET B 841 5.41 -8.71 16.33
C MET B 841 4.86 -10.14 16.29
N ALA B 842 3.80 -10.36 15.53
CA ALA B 842 3.27 -11.70 15.34
C ALA B 842 4.17 -12.49 14.38
N THR B 843 4.19 -13.80 14.57
CA THR B 843 4.99 -14.66 13.72
C THR B 843 4.49 -14.59 12.28
N LEU B 844 5.31 -15.12 11.37
CA LEU B 844 4.97 -15.21 9.96
C LEU B 844 5.16 -16.64 9.48
N ASP B 845 4.43 -16.99 8.43
CA ASP B 845 4.54 -18.31 7.81
C ASP B 845 5.39 -18.21 6.56
N PRO B 846 6.54 -18.89 6.47
CA PRO B 846 7.38 -18.71 5.28
C PRO B 846 6.71 -19.15 4.00
N ALA B 847 5.92 -20.24 4.04
CA ALA B 847 5.24 -20.69 2.83
C ALA B 847 4.23 -19.66 2.36
N LEU B 848 3.45 -19.09 3.28
CA LEU B 848 2.49 -18.03 2.97
C LEU B 848 3.10 -16.71 3.44
N ALA B 849 3.85 -16.07 2.55
CA ALA B 849 4.58 -14.86 2.89
C ALA B 849 3.83 -13.62 2.40
N ALA B 850 3.71 -13.47 1.08
CA ALA B 850 2.99 -12.33 0.53
C ALA B 850 1.53 -12.36 0.94
N SER B 851 0.91 -13.53 0.92
CA SER B 851 -0.50 -13.68 1.30
C SER B 851 -0.62 -14.22 2.71
N GLY B 852 -0.06 -13.47 3.65
CA GLY B 852 -0.11 -13.83 5.06
C GLY B 852 -0.95 -12.88 5.87
N GLU B 853 -1.99 -13.39 6.54
CA GLU B 853 -2.88 -12.52 7.31
C GLU B 853 -2.09 -11.63 8.27
N ASN B 854 -1.17 -12.24 9.02
CA ASN B 854 -0.32 -11.44 9.91
C ASN B 854 0.54 -10.46 9.11
N TYR B 855 1.07 -10.90 7.97
CA TYR B 855 1.89 -10.02 7.15
C TYR B 855 1.06 -8.87 6.58
N ARG B 856 -0.14 -9.18 6.07
CA ARG B 856 -0.97 -8.12 5.50
C ARG B 856 -1.41 -7.14 6.57
N VAL B 857 -1.75 -7.62 7.77
CA VAL B 857 -2.09 -6.71 8.86
C VAL B 857 -0.91 -5.82 9.18
N LYS B 858 0.30 -6.39 9.25
CA LYS B 858 1.50 -5.59 9.45
C LYS B 858 1.58 -4.46 8.43
N LEU B 859 1.56 -4.81 7.13
CA LEU B 859 1.66 -3.80 6.09
C LEU B 859 0.55 -2.76 6.22
N ALA B 860 -0.66 -3.19 6.59
CA ALA B 860 -1.76 -2.24 6.76
C ALA B 860 -1.46 -1.25 7.88
N ILE B 861 -0.99 -1.76 9.02
CA ILE B 861 -0.64 -0.88 10.13
C ILE B 861 0.43 0.10 9.71
N LEU B 862 1.48 -0.40 9.05
CA LEU B 862 2.57 0.47 8.63
C LEU B 862 2.09 1.50 7.62
N ASP B 863 1.23 1.09 6.68
CA ASP B 863 0.71 2.03 5.69
C ASP B 863 -0.13 3.11 6.37
N PHE B 864 -0.94 2.72 7.37
CA PHE B 864 -1.72 3.71 8.10
C PHE B 864 -0.81 4.72 8.79
N LEU B 865 0.19 4.23 9.51
CA LEU B 865 1.09 5.13 10.23
C LEU B 865 1.82 6.07 9.28
N TYR B 866 2.37 5.53 8.19
CA TYR B 866 3.10 6.36 7.25
C TYR B 866 2.20 7.41 6.60
N ALA B 867 0.98 7.00 6.22
CA ALA B 867 0.08 7.92 5.54
C ALA B 867 -0.40 9.02 6.49
N CYS B 868 -0.67 8.66 7.75
CA CYS B 868 -1.09 9.66 8.72
C CYS B 868 0.06 10.61 9.07
N LEU B 869 1.29 10.12 9.05
CA LEU B 869 2.43 10.96 9.38
C LEU B 869 2.84 11.86 8.23
N ARG B 870 2.73 11.37 6.99
CA ARG B 870 3.10 12.20 5.84
C ARG B 870 2.24 13.45 5.77
N ALA B 871 0.92 13.28 5.89
CA ALA B 871 0.01 14.41 5.94
C ALA B 871 0.07 15.07 7.31
N THR B 872 0.14 16.40 7.32
CA THR B 872 0.26 17.15 8.57
C THR B 872 1.38 16.55 9.43
N PRO B 873 2.64 16.68 8.99
CA PRO B 873 3.73 16.01 9.71
C PRO B 873 4.20 16.75 10.95
N ASP B 874 4.18 18.07 10.91
CA ASP B 874 4.72 18.89 12.00
C ASP B 874 3.73 19.09 13.15
N GLN B 875 2.61 18.39 13.14
CA GLN B 875 1.62 18.48 14.21
C GLN B 875 1.31 17.09 14.74
N PRO B 876 0.96 16.97 16.02
CA PRO B 876 0.64 15.65 16.57
C PRO B 876 -0.63 15.09 15.94
N THR B 877 -0.56 13.80 15.60
CA THR B 877 -1.68 13.13 14.95
C THR B 877 -2.05 11.86 15.69
N ILE B 878 -2.93 11.06 15.09
CA ILE B 878 -3.32 9.79 15.70
C ILE B 878 -2.12 8.85 15.78
N ALA B 879 -1.32 8.79 14.71
CA ALA B 879 -0.17 7.88 14.69
C ALA B 879 0.81 8.20 15.81
N HIS B 880 1.11 9.48 16.01
CA HIS B 880 2.05 9.85 17.07
C HIS B 880 1.57 9.37 18.43
N GLN B 881 0.29 9.54 18.73
CA GLN B 881 -0.26 9.01 19.97
C GLN B 881 -0.11 7.50 20.04
N LEU B 882 -0.60 6.81 19.00
CA LEU B 882 -0.58 5.35 19.01
C LEU B 882 0.83 4.79 19.13
N LEU B 883 1.85 5.56 18.73
CA LEU B 883 3.23 5.09 18.84
C LEU B 883 3.73 5.12 20.27
N GLY B 884 3.14 5.94 21.13
CA GLY B 884 3.54 6.06 22.52
C GLY B 884 3.90 7.47 22.95
N PHE B 885 4.04 8.41 22.03
CA PHE B 885 4.41 9.77 22.40
C PHE B 885 3.24 10.47 23.10
N HIS B 886 3.56 11.32 24.06
CA HIS B 886 2.57 12.15 24.74
C HIS B 886 2.36 13.42 23.94
N CYS B 887 1.12 13.66 23.53
CA CYS B 887 0.80 14.75 22.59
C CYS B 887 0.25 15.94 23.37
N GLU B 888 1.11 16.92 23.62
CA GLU B 888 0.68 18.21 24.13
C GLU B 888 0.39 19.15 22.95
N LEU B 889 -0.20 20.31 23.26
CA LEU B 889 -0.55 21.25 22.21
C LEU B 889 0.68 21.64 21.39
N SER B 890 0.79 21.07 20.19
CA SER B 890 1.89 21.37 19.27
C SER B 890 3.25 21.03 19.89
N LYS B 891 3.29 19.90 20.60
CA LYS B 891 4.52 19.46 21.24
C LYS B 891 4.38 17.99 21.59
N LEU B 892 5.49 17.26 21.52
CA LEU B 892 5.53 15.84 21.82
C LEU B 892 6.54 15.58 22.93
N GLY B 893 6.12 14.82 23.94
CA GLY B 893 7.01 14.38 24.99
C GLY B 893 6.81 12.90 25.28
N ILE B 894 7.30 12.43 26.42
CA ILE B 894 7.11 11.04 26.83
C ILE B 894 6.65 11.04 28.29
N GLU B 895 5.53 10.39 28.54
CA GLU B 895 4.99 10.35 29.90
C GLU B 895 5.74 9.31 30.71
N PRO B 896 6.28 9.67 31.88
CA PRO B 896 7.10 8.70 32.63
C PRO B 896 6.29 7.47 33.01
N LYS B 897 6.98 6.33 33.05
CA LYS B 897 6.43 5.05 33.46
C LYS B 897 5.38 4.53 32.49
N GLY B 898 5.20 5.17 31.34
CA GLY B 898 4.26 4.71 30.35
C GLY B 898 4.85 3.62 29.49
N PRO B 899 4.16 3.25 28.41
CA PRO B 899 4.70 2.20 27.53
C PRO B 899 6.00 2.62 26.85
N PHE B 900 6.06 3.84 26.32
CA PHE B 900 7.25 4.29 25.63
C PHE B 900 8.43 4.41 26.59
N ASP B 901 8.23 5.12 27.71
CA ASP B 901 9.31 5.34 28.66
C ASP B 901 9.87 4.03 29.23
N MET B 902 9.18 2.91 29.04
CA MET B 902 9.65 1.61 29.49
C MET B 902 9.92 0.65 28.34
N GLN B 903 9.95 1.14 27.10
CA GLN B 903 10.32 0.33 25.93
C GLN B 903 9.34 -0.83 25.73
N LYS B 904 8.05 -0.51 25.72
CA LYS B 904 7.00 -1.48 25.48
C LYS B 904 6.03 -1.04 24.39
N SER B 905 6.19 0.16 23.84
CA SER B 905 5.16 0.77 23.01
C SER B 905 5.21 0.23 21.60
N LEU B 906 4.41 0.82 20.71
CA LEU B 906 4.38 0.41 19.31
C LEU B 906 5.67 0.80 18.59
N PHE B 907 6.20 1.99 18.92
CA PHE B 907 7.45 2.43 18.31
C PHE B 907 8.58 1.44 18.58
N HIS B 908 8.73 1.03 19.84
CA HIS B 908 9.78 0.07 20.17
C HIS B 908 9.51 -1.29 19.55
N SER B 909 8.23 -1.62 19.34
CA SER B 909 7.91 -2.85 18.61
C SER B 909 8.38 -2.77 17.17
N LEU B 910 8.17 -1.61 16.52
CA LEU B 910 8.71 -1.40 15.19
C LEU B 910 10.22 -1.58 15.17
N LEU B 911 10.91 -0.94 16.13
CA LEU B 911 12.37 -1.09 16.19
C LEU B 911 12.76 -2.55 16.39
N ASN B 912 12.08 -3.26 17.29
CA ASN B 912 12.44 -4.64 17.56
C ASN B 912 12.34 -5.49 16.30
N VAL B 913 11.17 -5.47 15.66
CA VAL B 913 11.00 -6.26 14.43
C VAL B 913 12.00 -5.82 13.37
N LEU B 914 12.32 -4.53 13.33
CA LEU B 914 13.23 -4.02 12.30
C LEU B 914 14.65 -4.53 12.51
N ILE B 915 15.09 -4.66 13.77
CA ILE B 915 16.45 -5.09 14.03
C ILE B 915 16.61 -6.60 14.02
N THR B 916 15.53 -7.35 14.24
CA THR B 916 15.63 -8.80 14.38
C THR B 916 15.24 -9.57 13.13
N LEU B 917 14.68 -8.91 12.13
CA LEU B 917 14.25 -9.61 10.93
C LEU B 917 15.44 -10.00 10.07
N THR B 918 15.43 -11.23 9.58
CA THR B 918 16.50 -11.78 8.74
C THR B 918 16.05 -11.62 7.30
N VAL B 919 16.45 -10.52 6.67
CA VAL B 919 15.92 -10.17 5.36
C VAL B 919 16.24 -11.24 4.33
N SER B 920 17.49 -11.72 4.33
CA SER B 920 17.98 -12.62 3.29
C SER B 920 17.91 -14.06 3.78
N GLU B 921 17.02 -14.84 3.20
CA GLU B 921 16.99 -16.27 3.45
C GLU B 921 18.08 -16.95 2.63
N GLU B 922 18.52 -18.12 3.11
CA GLU B 922 19.71 -18.76 2.55
C GLU B 922 19.43 -19.36 1.19
N GLU B 923 18.36 -20.14 1.07
CA GLU B 923 18.06 -20.84 -0.17
C GLU B 923 17.87 -19.84 -1.31
N GLN B 924 16.81 -19.04 -1.25
CA GLN B 924 16.55 -17.98 -2.22
C GLN B 924 16.95 -16.66 -1.57
N GLY B 925 18.00 -16.04 -2.08
CA GLY B 925 18.53 -14.84 -1.44
C GLY B 925 17.56 -13.68 -1.53
N MET B 926 17.53 -12.88 -0.45
CA MET B 926 16.74 -11.66 -0.42
C MET B 926 15.27 -11.93 -0.72
N ARG B 927 14.53 -12.41 0.27
CA ARG B 927 13.09 -12.64 0.08
C ARG B 927 12.37 -11.30 0.02
N GLY B 928 11.53 -11.14 -1.01
CA GLY B 928 10.98 -9.83 -1.30
C GLY B 928 10.12 -9.26 -0.17
N TYR B 929 9.29 -10.11 0.44
CA TYR B 929 8.34 -9.60 1.42
C TYR B 929 9.05 -8.97 2.62
N LEU B 930 10.14 -9.60 3.10
CA LEU B 930 10.88 -9.01 4.21
C LEU B 930 11.54 -7.70 3.81
N VAL B 931 12.01 -7.61 2.57
CA VAL B 931 12.58 -6.34 2.09
C VAL B 931 11.52 -5.25 2.12
N THR B 932 10.37 -5.51 1.50
CA THR B 932 9.29 -4.52 1.50
C THR B 932 8.93 -4.11 2.92
N LEU B 933 8.80 -5.09 3.82
CA LEU B 933 8.44 -4.78 5.20
C LEU B 933 9.48 -3.85 5.83
N LYS B 934 10.77 -4.18 5.69
CA LYS B 934 11.81 -3.32 6.23
C LYS B 934 11.71 -1.91 5.68
N TYR B 935 11.38 -1.76 4.39
CA TYR B 935 11.24 -0.44 3.80
C TYR B 935 10.09 0.33 4.47
N ARG B 936 8.94 -0.33 4.63
CA ARG B 936 7.79 0.33 5.26
C ARG B 936 8.16 0.85 6.65
N VAL B 937 8.84 0.02 7.44
CA VAL B 937 9.20 0.42 8.79
C VAL B 937 10.21 1.56 8.75
N LEU B 938 11.21 1.46 7.87
CA LEU B 938 12.27 2.46 7.83
C LEU B 938 11.74 3.81 7.38
N ARG B 939 10.83 3.82 6.40
CA ARG B 939 10.27 5.10 5.95
C ARG B 939 9.39 5.73 7.03
N ILE B 940 8.68 4.91 7.82
CA ILE B 940 7.95 5.43 8.96
C ILE B 940 8.90 6.14 9.92
N LEU B 941 9.96 5.43 10.34
CA LEU B 941 10.95 6.04 11.22
C LEU B 941 11.55 7.28 10.57
N GLN B 942 11.79 7.24 9.26
CA GLN B 942 12.39 8.38 8.58
C GLN B 942 11.51 9.63 8.69
N LEU B 943 10.24 9.50 8.33
CA LEU B 943 9.32 10.62 8.51
C LEU B 943 9.24 11.04 9.96
N LEU B 944 9.43 10.10 10.89
CA LEU B 944 9.37 10.42 12.30
C LEU B 944 10.51 11.37 12.69
N TRP B 945 11.76 10.94 12.49
CA TRP B 945 12.89 11.73 12.94
C TRP B 945 13.27 12.85 11.98
N LYS B 946 12.58 12.98 10.85
CA LYS B 946 12.80 14.14 9.98
C LYS B 946 12.08 15.37 10.51
N SER B 947 10.85 15.21 10.96
CA SER B 947 10.08 16.34 11.46
C SER B 947 10.73 16.90 12.73
N PRO B 948 10.73 18.22 12.92
CA PRO B 948 11.45 18.78 14.07
C PRO B 948 10.87 18.38 15.40
N LEU B 949 9.54 18.32 15.53
CA LEU B 949 8.93 17.95 16.81
C LEU B 949 9.42 16.59 17.28
N SER B 950 9.27 15.57 16.44
CA SER B 950 9.63 14.22 16.83
C SER B 950 11.14 13.99 16.81
N ALA B 951 11.87 14.72 15.97
CA ALA B 951 13.29 14.47 15.74
C ALA B 951 14.05 14.16 17.03
N SER B 952 14.09 15.11 17.96
CA SER B 952 14.91 14.96 19.17
C SER B 952 14.65 13.63 19.86
N LEU B 953 13.39 13.34 20.16
CA LEU B 953 13.07 12.15 20.94
C LEU B 953 13.42 10.88 20.18
N VAL B 954 13.02 10.81 18.90
CA VAL B 954 13.28 9.61 18.10
C VAL B 954 14.77 9.34 18.02
N MET B 955 15.56 10.39 17.75
CA MET B 955 17.01 10.20 17.62
C MET B 955 17.63 9.76 18.94
N ASP B 956 17.19 10.35 20.05
CA ASP B 956 17.70 9.96 21.36
C ASP B 956 17.42 8.48 21.63
N GLU B 957 16.19 8.04 21.40
CA GLU B 957 15.83 6.65 21.67
C GLU B 957 16.55 5.69 20.72
N LEU B 958 16.78 6.12 19.48
CA LEU B 958 17.51 5.27 18.53
C LEU B 958 18.97 5.11 18.95
N ARG B 959 19.57 6.19 19.47
CA ARG B 959 20.93 6.09 19.99
C ARG B 959 20.99 5.18 21.21
N ALA B 960 20.03 5.34 22.13
CA ALA B 960 20.02 4.52 23.34
C ALA B 960 19.88 3.04 23.05
N THR B 961 19.32 2.69 21.90
CA THR B 961 19.04 1.30 21.56
C THR B 961 20.10 0.68 20.65
N ASN B 962 21.17 1.43 20.33
CA ASN B 962 22.18 0.94 19.40
C ASN B 962 21.55 0.50 18.08
N PHE B 963 20.51 1.24 17.67
CA PHE B 963 19.81 0.93 16.42
C PHE B 963 20.78 0.80 15.26
N LEU B 964 21.65 1.80 15.09
CA LEU B 964 22.58 1.81 13.98
C LEU B 964 23.38 0.52 13.90
N PHE B 965 23.97 0.12 15.03
CA PHE B 965 24.87 -1.03 15.02
C PHE B 965 24.15 -2.30 14.60
N HIS B 966 22.90 -2.47 15.02
CA HIS B 966 22.13 -3.63 14.58
C HIS B 966 21.85 -3.55 13.08
N MET B 967 21.47 -2.38 12.59
CA MET B 967 21.15 -2.24 11.16
C MET B 967 22.37 -2.57 10.30
N LEU B 968 23.49 -1.88 10.55
CA LEU B 968 24.71 -2.20 9.81
C LEU B 968 25.07 -3.67 9.93
N LEU B 969 24.66 -4.32 11.03
CA LEU B 969 25.00 -5.72 11.23
C LEU B 969 24.21 -6.63 10.30
N ARG B 970 22.94 -6.32 10.07
CA ARG B 970 22.06 -7.17 9.27
C ARG B 970 21.84 -6.65 7.86
N GLU B 971 22.62 -5.66 7.43
CA GLU B 971 22.51 -5.13 6.07
C GLU B 971 23.46 -5.91 5.16
N VAL B 972 22.89 -6.70 4.25
CA VAL B 972 23.69 -7.44 3.28
C VAL B 972 24.13 -6.49 2.17
N GLN B 973 25.31 -6.73 1.63
CA GLN B 973 25.81 -5.94 0.51
C GLN B 973 25.42 -6.60 -0.80
N ILE B 974 25.18 -5.78 -1.81
CA ILE B 974 24.71 -6.26 -3.10
C ILE B 974 25.89 -6.77 -3.91
N GLN B 975 25.67 -7.87 -4.62
CA GLN B 975 26.63 -8.43 -5.55
C GLN B 975 25.90 -8.82 -6.83
N PRO B 976 26.59 -8.83 -7.97
CA PRO B 976 25.92 -9.24 -9.22
C PRO B 976 25.31 -10.63 -9.14
N GLN B 977 25.99 -11.58 -8.50
CA GLN B 977 25.49 -12.94 -8.43
C GLN B 977 24.38 -13.12 -7.39
N LEU B 978 24.15 -12.14 -6.52
CA LEU B 978 23.12 -12.25 -5.51
C LEU B 978 21.75 -12.40 -6.18
N PRO B 979 21.06 -13.52 -6.02
CA PRO B 979 19.72 -13.66 -6.60
C PRO B 979 18.66 -13.00 -5.73
N TRP B 980 17.74 -12.30 -6.39
CA TRP B 980 16.60 -11.69 -5.72
C TRP B 980 15.37 -12.54 -6.04
N ASP B 981 14.98 -13.38 -5.08
CA ASP B 981 13.90 -14.34 -5.29
C ASP B 981 14.20 -15.26 -6.47
N GLY B 982 15.47 -15.65 -6.60
CA GLY B 982 15.86 -16.57 -7.65
C GLY B 982 15.97 -15.95 -9.02
N GLN B 983 16.36 -14.68 -9.12
CA GLN B 983 16.49 -14.00 -10.40
C GLN B 983 17.68 -13.05 -10.32
N LEU B 984 18.67 -13.27 -11.19
CA LEU B 984 19.80 -12.36 -11.28
C LEU B 984 19.36 -11.02 -11.87
N VAL B 985 20.20 -10.01 -11.69
CA VAL B 985 19.86 -8.67 -12.18
C VAL B 985 19.85 -8.66 -13.70
N THR B 986 20.94 -9.10 -14.33
CA THR B 986 21.04 -9.24 -15.78
C THR B 986 20.41 -8.04 -16.50
N GLY B 987 20.84 -6.85 -16.12
CA GLY B 987 20.46 -5.66 -16.85
C GLY B 987 18.97 -5.36 -16.87
N CYS B 988 18.60 -4.47 -17.81
CA CYS B 988 17.26 -3.89 -17.85
C CYS B 988 16.15 -4.93 -17.86
N GLU B 989 16.43 -6.16 -18.29
CA GLU B 989 15.35 -7.12 -18.49
C GLU B 989 14.76 -7.65 -17.19
N PHE B 990 15.31 -7.29 -16.03
CA PHE B 990 14.85 -7.82 -14.75
C PHE B 990 13.74 -6.99 -14.12
N LEU B 991 13.45 -5.81 -14.65
CA LEU B 991 12.53 -4.89 -14.00
C LEU B 991 11.09 -5.39 -13.95
N LEU B 992 10.72 -6.33 -14.81
CA LEU B 992 9.31 -6.67 -14.96
C LEU B 992 8.78 -7.56 -13.85
N SER B 993 9.61 -8.44 -13.30
CA SER B 993 9.16 -9.30 -12.21
C SER B 993 9.00 -8.49 -10.93
N ASP B 994 7.99 -8.87 -10.13
CA ASP B 994 7.70 -8.14 -8.90
C ASP B 994 8.94 -8.01 -8.02
N ALA B 995 9.89 -8.94 -8.13
CA ALA B 995 11.12 -8.83 -7.37
C ALA B 995 11.80 -7.48 -7.61
N SER B 996 11.58 -6.89 -8.78
CA SER B 996 12.11 -5.55 -9.05
C SER B 996 11.79 -4.59 -7.92
N LEU B 997 10.53 -4.56 -7.50
CA LEU B 997 10.13 -3.68 -6.40
C LEU B 997 10.99 -3.92 -5.17
N ALA B 998 11.24 -5.18 -4.84
CA ALA B 998 12.08 -5.50 -3.68
C ALA B 998 13.42 -4.79 -3.77
N TYR B 999 14.12 -4.96 -4.90
CA TYR B 999 15.38 -4.26 -5.11
C TYR B 999 15.23 -2.76 -4.84
N ILE B 1000 14.24 -2.13 -5.46
CA ILE B 1000 14.00 -0.70 -5.25
C ILE B 1000 13.84 -0.43 -3.75
N ASP B 1001 12.92 -1.17 -3.11
CA ASP B 1001 12.68 -0.98 -1.69
C ASP B 1001 13.98 -1.07 -0.89
N TYR B 1002 14.81 -2.07 -1.19
CA TYR B 1002 16.04 -2.24 -0.43
C TYR B 1002 16.95 -1.04 -0.58
N LEU B 1003 17.06 -0.49 -1.81
CA LEU B 1003 17.81 0.74 -2.00
C LEU B 1003 17.31 1.83 -1.07
N ALA B 1004 15.99 2.07 -1.07
CA ALA B 1004 15.41 3.05 -0.17
C ALA B 1004 15.79 2.76 1.27
N SER B 1005 15.67 1.50 1.70
CA SER B 1005 16.10 1.13 3.04
C SER B 1005 17.53 1.57 3.30
N ARG B 1006 18.46 1.19 2.42
CA ARG B 1006 19.85 1.62 2.54
C ARG B 1006 19.94 3.13 2.71
N ALA B 1007 19.31 3.88 1.80
CA ALA B 1007 19.35 5.34 1.88
C ALA B 1007 18.93 5.83 3.26
N ALA B 1008 17.79 5.37 3.74
CA ALA B 1008 17.31 5.78 5.06
C ALA B 1008 18.36 5.52 6.13
N ILE B 1009 18.92 4.31 6.15
CA ILE B 1009 19.95 3.97 7.11
C ILE B 1009 21.09 4.99 7.05
N PHE B 1010 21.67 5.17 5.87
CA PHE B 1010 22.80 6.08 5.73
C PHE B 1010 22.45 7.48 6.22
N GLU B 1011 21.25 7.96 5.89
CA GLU B 1011 20.86 9.29 6.34
C GLU B 1011 20.94 9.40 7.86
N TYR B 1012 20.40 8.42 8.57
CA TYR B 1012 20.48 8.41 10.02
C TYR B 1012 21.93 8.48 10.48
N ILE B 1013 22.78 7.61 9.93
CA ILE B 1013 24.20 7.58 10.31
C ILE B 1013 24.79 8.99 10.24
N GLY B 1014 24.68 9.61 9.07
CA GLY B 1014 25.19 10.96 8.87
C GLY B 1014 24.74 11.90 9.97
N LYS B 1015 23.42 12.04 10.13
CA LYS B 1015 22.89 12.86 11.22
C LYS B 1015 23.50 12.46 12.55
N GLU B 1016 23.41 11.17 12.88
CA GLU B 1016 23.96 10.68 14.15
C GLU B 1016 25.40 11.16 14.34
N LEU B 1017 26.29 10.81 13.42
CA LEU B 1017 27.68 11.22 13.53
C LEU B 1017 27.79 12.72 13.73
N CYS B 1018 27.16 13.49 12.84
CA CYS B 1018 27.19 14.95 12.97
C CYS B 1018 26.64 15.39 14.32
N SER B 1019 25.46 14.87 14.69
CA SER B 1019 24.85 15.27 15.97
C SER B 1019 25.70 14.85 17.15
N VAL B 1020 26.47 13.76 17.00
CA VAL B 1020 27.39 13.36 18.07
C VAL B 1020 28.59 14.29 18.12
N SER B 1021 29.07 14.73 16.95
CA SER B 1021 30.33 15.47 16.90
C SER B 1021 30.17 16.90 17.38
N GLN B 1022 29.06 17.56 17.04
CA GLN B 1022 28.94 18.99 17.32
C GLN B 1022 28.70 19.26 18.80
N ASN B 1023 27.76 18.54 19.41
CA ASN B 1023 27.35 18.89 20.78
C ASN B 1023 28.48 18.65 21.77
N ARG B 1024 29.19 17.53 21.65
CA ARG B 1024 30.32 17.20 22.52
C ARG B 1024 31.19 16.18 21.79
N ILE B 1025 32.19 15.65 22.50
CA ILE B 1025 33.05 14.60 21.97
C ILE B 1025 32.94 13.38 22.87
N PRO B 1026 31.85 12.62 22.80
CA PRO B 1026 31.77 11.35 23.53
C PRO B 1026 32.52 10.24 22.80
N SER B 1027 32.60 9.10 23.47
CA SER B 1027 33.26 7.93 22.91
C SER B 1027 32.40 7.19 21.89
N ILE B 1028 31.26 7.77 21.49
CA ILE B 1028 30.40 7.11 20.51
C ILE B 1028 30.96 7.27 19.10
N LYS B 1029 31.64 8.39 18.81
CA LYS B 1029 32.24 8.56 17.50
C LYS B 1029 33.18 7.41 17.17
N ARG B 1030 33.98 6.99 18.15
CA ARG B 1030 34.86 5.83 17.95
C ARG B 1030 34.07 4.62 17.50
N GLN B 1031 32.96 4.33 18.19
CA GLN B 1031 32.14 3.18 17.81
C GLN B 1031 31.57 3.34 16.41
N ILE B 1032 31.08 4.54 16.09
CA ILE B 1032 30.52 4.78 14.76
C ILE B 1032 31.58 4.50 13.70
N PHE B 1033 32.78 5.06 13.88
CA PHE B 1033 33.82 4.91 12.87
C PHE B 1033 34.27 3.45 12.76
N ASP B 1034 34.39 2.76 13.88
CA ASP B 1034 34.76 1.34 13.82
C ASP B 1034 33.71 0.54 13.07
N ALA B 1035 32.42 0.82 13.32
CA ALA B 1035 31.37 0.08 12.64
C ALA B 1035 31.36 0.39 11.14
N LEU B 1036 31.64 1.63 10.77
CA LEU B 1036 31.74 1.97 9.35
C LEU B 1036 32.97 1.32 8.71
N ASN B 1037 33.94 0.88 9.51
CA ASN B 1037 35.10 0.15 9.03
C ASN B 1037 34.94 -1.35 9.18
N GLY B 1038 33.77 -1.82 9.60
CA GLY B 1038 33.53 -3.24 9.74
C GLY B 1038 33.89 -3.81 11.09
N GLN B 1039 33.70 -3.07 12.17
CA GLN B 1039 34.07 -3.54 13.50
C GLN B 1039 33.14 -2.90 14.53
N ILE B 1040 32.61 -3.73 15.43
CA ILE B 1040 31.78 -3.27 16.54
C ILE B 1040 32.39 -3.82 17.82
N PHE B 1041 32.75 -2.93 18.74
CA PHE B 1041 33.43 -3.31 19.97
C PHE B 1041 32.49 -3.42 21.17
N VAL B 1042 31.18 -3.51 20.93
CA VAL B 1042 30.24 -3.74 22.03
C VAL B 1042 30.65 -4.99 22.80
N ASP B 1043 31.03 -6.04 22.09
CA ASP B 1043 31.64 -7.22 22.69
C ASP B 1043 33.15 -7.05 22.66
N GLU B 1044 33.78 -7.19 23.81
CA GLU B 1044 35.19 -6.82 23.94
C GLU B 1044 36.12 -7.87 23.34
N GLU B 1045 35.73 -9.15 23.39
CA GLU B 1045 36.64 -10.20 22.96
C GLU B 1045 36.91 -10.14 21.46
N ALA B 1046 35.85 -10.12 20.66
CA ALA B 1046 36.00 -10.16 19.20
C ALA B 1046 35.01 -9.20 18.54
N PRO B 1047 35.49 -8.20 17.79
CA PRO B 1047 34.56 -7.30 17.09
C PRO B 1047 34.04 -7.92 15.81
N LEU B 1048 32.72 -8.10 15.72
CA LEU B 1048 32.13 -8.69 14.54
C LEU B 1048 32.51 -7.89 13.29
N THR B 1049 32.55 -8.58 12.16
CA THR B 1049 33.00 -8.00 10.91
C THR B 1049 31.79 -7.60 10.06
N ILE B 1050 31.77 -6.34 9.63
CA ILE B 1050 30.74 -5.83 8.73
C ILE B 1050 31.42 -5.36 7.45
N PRO B 1051 30.79 -5.45 6.29
CA PRO B 1051 31.36 -4.80 5.11
C PRO B 1051 31.59 -3.32 5.36
N SER B 1052 32.78 -2.85 4.98
CA SER B 1052 33.12 -1.45 5.17
C SER B 1052 32.21 -0.57 4.32
N ILE B 1053 32.04 0.67 4.77
CA ILE B 1053 31.18 1.62 4.06
C ILE B 1053 31.55 1.64 2.57
N PHE B 1054 32.85 1.55 2.27
CA PHE B 1054 33.26 1.53 0.87
C PHE B 1054 32.90 0.20 0.21
N ASP B 1055 32.91 -0.90 0.97
CA ASP B 1055 32.41 -2.15 0.43
C ASP B 1055 30.90 -2.09 0.22
N PHE B 1056 30.19 -1.36 1.07
CA PHE B 1056 28.75 -1.18 0.87
C PHE B 1056 28.44 -0.42 -0.41
N PHE B 1057 29.39 0.35 -0.93
CA PHE B 1057 29.19 1.13 -2.16
C PHE B 1057 29.28 0.20 -3.36
N ASP B 1058 28.22 -0.59 -3.54
CA ASP B 1058 28.10 -1.48 -4.69
C ASP B 1058 26.84 -1.22 -5.51
N PHE B 1059 25.92 -0.39 -5.02
CA PHE B 1059 24.65 -0.17 -5.70
C PHE B 1059 24.81 0.44 -7.09
N ILE B 1060 25.96 1.05 -7.38
CA ILE B 1060 26.22 1.63 -8.69
C ILE B 1060 27.17 0.70 -9.44
N ASN B 1061 26.61 -0.13 -10.32
CA ASN B 1061 27.37 -0.88 -11.31
C ASN B 1061 26.73 -0.56 -12.65
N THR B 1062 27.32 0.42 -13.36
CA THR B 1062 26.69 0.98 -14.56
C THR B 1062 26.59 -0.02 -15.70
N ASP B 1063 27.07 -1.24 -15.52
CA ASP B 1063 26.94 -2.25 -16.57
C ASP B 1063 25.48 -2.62 -16.84
N TYR B 1064 24.58 -2.39 -15.89
CA TYR B 1064 23.18 -2.74 -16.10
C TYR B 1064 22.56 -1.88 -17.19
N LYS B 1065 22.90 -0.60 -17.23
CA LYS B 1065 22.33 0.35 -18.19
C LYS B 1065 20.80 0.34 -18.10
N TRP B 1066 20.32 0.63 -16.88
CA TRP B 1066 18.89 0.69 -16.63
C TRP B 1066 18.20 1.68 -17.56
N GLU B 1067 18.78 2.89 -17.68
CA GLU B 1067 18.09 3.99 -18.34
C GLU B 1067 17.69 3.63 -19.77
N GLU B 1068 18.64 3.12 -20.55
CA GLU B 1068 18.41 2.90 -21.98
C GLU B 1068 17.66 1.60 -22.17
N ILE B 1069 16.35 1.70 -22.38
CA ILE B 1069 15.51 0.55 -22.66
C ILE B 1069 15.01 0.68 -24.10
N PRO B 1070 14.70 -0.41 -24.79
CA PRO B 1070 14.21 -0.30 -26.16
C PRO B 1070 12.73 0.04 -26.22
N SER B 1071 12.34 0.66 -27.33
CA SER B 1071 10.94 0.97 -27.59
C SER B 1071 10.32 -0.08 -28.52
N PRO B 1072 9.10 -0.53 -28.24
CA PRO B 1072 8.53 -1.62 -29.05
C PRO B 1072 8.18 -1.20 -30.47
N HIS B 1073 7.73 -2.17 -31.27
CA HIS B 1073 7.43 -1.91 -32.68
C HIS B 1073 6.11 -1.18 -32.84
N PHE B 1074 5.03 -1.75 -32.33
CA PHE B 1074 3.68 -1.23 -32.50
C PHE B 1074 3.36 -1.04 -33.98
N THR B 1075 3.39 -2.16 -34.71
CA THR B 1075 2.90 -2.17 -36.08
C THR B 1075 1.41 -1.84 -36.09
N TYR B 1076 0.64 -2.50 -35.24
CA TYR B 1076 -0.75 -2.15 -34.97
C TYR B 1076 -0.79 -1.11 -33.86
N LEU B 1077 -1.83 -0.27 -33.89
CA LEU B 1077 -1.99 0.82 -32.92
C LEU B 1077 -0.71 1.65 -32.79
N LYS B 1078 -0.06 1.89 -33.93
CA LYS B 1078 1.24 2.57 -33.94
C LYS B 1078 1.27 3.78 -33.01
N ASP B 1079 0.30 4.68 -33.14
CA ASP B 1079 0.24 5.86 -32.28
C ASP B 1079 -0.98 5.82 -31.38
N LEU B 1080 -1.08 4.81 -30.53
CA LEU B 1080 -2.13 4.77 -29.51
C LEU B 1080 -1.76 5.76 -28.41
N ASP B 1081 -2.64 6.72 -28.16
CA ASP B 1081 -2.31 7.83 -27.27
C ASP B 1081 -2.12 7.35 -25.83
N LEU B 1082 -1.23 8.03 -25.12
CA LEU B 1082 -0.97 7.80 -23.71
C LEU B 1082 -1.11 9.11 -22.93
N GLY B 1083 -2.08 9.93 -23.33
CA GLY B 1083 -2.25 11.25 -22.76
C GLY B 1083 -2.91 11.20 -21.39
N PRO B 1084 -4.06 10.52 -21.29
CA PRO B 1084 -4.68 10.35 -19.97
C PRO B 1084 -3.75 9.73 -18.95
N CYS B 1085 -2.82 8.88 -19.39
CA CYS B 1085 -1.89 8.24 -18.47
C CYS B 1085 -1.07 9.28 -17.71
N ILE B 1086 -0.51 10.25 -18.42
CA ILE B 1086 0.24 11.33 -17.80
C ILE B 1086 0.34 12.50 -18.77
N GLY B 1093 9.51 13.04 -13.34
CA GLY B 1093 9.62 12.61 -14.72
C GLY B 1093 8.33 12.03 -15.26
N VAL B 1094 8.40 11.38 -16.41
CA VAL B 1094 7.23 10.78 -17.04
C VAL B 1094 6.92 9.48 -16.32
N HIS B 1095 5.82 9.46 -15.57
CA HIS B 1095 5.37 8.29 -14.81
C HIS B 1095 3.96 7.94 -15.26
N TYR B 1096 3.83 6.85 -16.01
CA TYR B 1096 2.56 6.46 -16.60
C TYR B 1096 1.64 5.83 -15.56
N ASP B 1097 0.34 5.96 -15.80
CA ASP B 1097 -0.69 5.31 -14.99
C ASP B 1097 -1.24 4.14 -15.81
N ILE B 1098 -0.81 2.93 -15.46
CA ILE B 1098 -1.10 1.77 -16.31
C ILE B 1098 -2.58 1.41 -16.29
N ARG B 1099 -3.29 1.73 -15.21
CA ARG B 1099 -4.71 1.40 -15.15
C ARG B 1099 -5.47 2.03 -16.31
N LYS B 1100 -5.29 3.34 -16.50
CA LYS B 1100 -5.98 4.04 -17.59
C LYS B 1100 -5.51 3.55 -18.95
N ALA B 1101 -4.23 3.23 -19.07
CA ALA B 1101 -3.74 2.65 -20.32
C ALA B 1101 -4.43 1.33 -20.63
N GLN B 1102 -4.55 0.46 -19.62
CA GLN B 1102 -5.15 -0.85 -19.83
C GLN B 1102 -6.63 -0.72 -20.18
N GLU B 1103 -7.34 0.21 -19.54
CA GLU B 1103 -8.73 0.45 -19.91
C GLU B 1103 -8.84 0.95 -21.35
N ILE B 1104 -7.91 1.82 -21.75
CA ILE B 1104 -7.88 2.26 -23.15
C ILE B 1104 -7.75 1.07 -24.08
N LEU B 1105 -6.81 0.16 -23.78
CA LEU B 1105 -6.62 -1.01 -24.62
C LEU B 1105 -7.89 -1.84 -24.71
N ALA B 1106 -8.56 -2.04 -23.57
CA ALA B 1106 -9.77 -2.87 -23.57
C ALA B 1106 -10.86 -2.24 -24.43
N LEU B 1107 -11.12 -0.95 -24.24
CA LEU B 1107 -12.19 -0.30 -25.00
C LEU B 1107 -11.82 -0.13 -26.47
N LYS B 1108 -10.53 -0.02 -26.78
CA LYS B 1108 -10.13 0.06 -28.19
C LYS B 1108 -10.26 -1.30 -28.87
N ARG B 1109 -10.01 -2.39 -28.14
CA ARG B 1109 -10.25 -3.72 -28.69
C ARG B 1109 -11.73 -3.92 -28.98
N LYS B 1110 -12.60 -3.50 -28.06
CA LYS B 1110 -14.03 -3.59 -28.29
C LYS B 1110 -14.45 -2.73 -29.48
N GLU B 1111 -13.95 -1.51 -29.55
CA GLU B 1111 -14.25 -0.62 -30.66
C GLU B 1111 -13.85 -1.27 -31.98
N TYR B 1112 -12.63 -1.81 -32.04
CA TYR B 1112 -12.16 -2.46 -33.26
C TYR B 1112 -12.95 -3.71 -33.58
N GLU B 1113 -13.37 -4.46 -32.54
CA GLU B 1113 -14.16 -5.65 -32.75
C GLU B 1113 -15.47 -5.34 -33.45
N HIS B 1114 -16.12 -4.24 -33.06
CA HIS B 1114 -17.45 -3.92 -33.59
C HIS B 1114 -17.40 -3.70 -35.10
N SER B 1115 -16.34 -3.06 -35.60
CA SER B 1115 -16.25 -2.78 -37.03
C SER B 1115 -16.11 -4.06 -37.85
N GLN B 1116 -15.73 -5.17 -37.23
CA GLN B 1116 -15.61 -6.45 -37.93
C GLN B 1116 -14.64 -6.34 -39.10
N LEU B 1117 -13.34 -6.41 -38.80
CA LEU B 1117 -12.29 -6.44 -39.82
C LEU B 1117 -11.25 -7.44 -39.36
N ALA B 1118 -11.24 -8.62 -39.97
CA ALA B 1118 -10.32 -9.70 -39.60
C ALA B 1118 -10.41 -9.99 -38.10
N THR B 1119 -11.58 -10.47 -37.70
CA THR B 1119 -11.86 -10.74 -36.29
C THR B 1119 -11.34 -12.10 -35.86
N PRO B 1120 -11.61 -13.18 -36.60
CA PRO B 1120 -11.22 -14.51 -36.09
C PRO B 1120 -9.73 -14.77 -36.11
N GLU B 1121 -9.02 -14.26 -37.11
CA GLU B 1121 -7.62 -14.59 -37.33
C GLU B 1121 -6.66 -13.53 -36.77
N PHE B 1122 -6.86 -12.27 -37.14
CA PHE B 1122 -5.96 -11.19 -36.76
C PHE B 1122 -6.06 -10.83 -35.29
N LEU B 1123 -6.99 -11.42 -34.54
CA LEU B 1123 -7.18 -11.03 -33.15
C LEU B 1123 -5.98 -11.42 -32.29
N GLU B 1124 -5.41 -12.60 -32.53
CA GLU B 1124 -4.29 -13.05 -31.70
C GLU B 1124 -3.15 -12.03 -31.71
N THR B 1125 -2.89 -11.40 -32.86
CA THR B 1125 -1.85 -10.39 -32.93
C THR B 1125 -2.19 -9.16 -32.11
N VAL B 1126 -3.48 -8.81 -32.01
CA VAL B 1126 -3.89 -7.69 -31.18
C VAL B 1126 -3.64 -7.99 -29.72
N GLU B 1127 -3.98 -9.19 -29.27
CA GLU B 1127 -3.69 -9.57 -27.88
C GLU B 1127 -2.20 -9.45 -27.59
N LEU B 1128 -1.36 -9.99 -28.48
CA LEU B 1128 0.08 -9.90 -28.30
C LEU B 1128 0.52 -8.45 -28.20
N GLU B 1129 0.02 -7.59 -29.09
CA GLU B 1129 0.37 -6.17 -29.04
C GLU B 1129 -0.01 -5.57 -27.70
N GLU B 1130 -1.23 -5.83 -27.23
CA GLU B 1130 -1.67 -5.28 -25.95
C GLU B 1130 -0.71 -5.69 -24.84
N LYS B 1131 -0.38 -6.98 -24.75
CA LYS B 1131 0.49 -7.45 -23.68
C LYS B 1131 1.88 -6.83 -23.78
N VAL B 1132 2.42 -6.71 -25.00
CA VAL B 1132 3.71 -6.06 -25.17
C VAL B 1132 3.66 -4.62 -24.70
N LEU B 1133 2.55 -3.93 -24.98
CA LEU B 1133 2.45 -2.51 -24.62
C LEU B 1133 2.44 -2.33 -23.11
N ILE B 1134 1.55 -3.03 -22.41
CA ILE B 1134 1.50 -2.89 -20.95
C ILE B 1134 2.79 -3.38 -20.32
N GLU B 1135 3.43 -4.40 -20.91
CA GLU B 1135 4.70 -4.88 -20.39
C GLU B 1135 5.76 -3.77 -20.45
N TRP B 1136 5.83 -3.05 -21.58
CA TRP B 1136 6.82 -1.99 -21.71
C TRP B 1136 6.52 -0.82 -20.78
N LEU B 1137 5.23 -0.52 -20.57
CA LEU B 1137 4.88 0.60 -19.69
C LEU B 1137 5.32 0.32 -18.26
N THR B 1138 5.03 -0.87 -17.73
CA THR B 1138 5.48 -1.23 -16.40
C THR B 1138 7.00 -1.13 -16.31
N VAL B 1139 7.70 -1.69 -17.31
CA VAL B 1139 9.16 -1.65 -17.31
C VAL B 1139 9.65 -0.21 -17.24
N ARG B 1140 9.03 0.68 -18.02
CA ARG B 1140 9.47 2.08 -18.02
C ARG B 1140 9.22 2.73 -16.66
N ASN B 1141 8.05 2.48 -16.07
CA ASN B 1141 7.75 3.03 -14.76
C ASN B 1141 8.77 2.57 -13.73
N ARG B 1142 9.06 1.26 -13.70
CA ARG B 1142 9.97 0.74 -12.69
C ARG B 1142 11.41 1.18 -12.95
N ALA B 1143 11.81 1.32 -14.21
CA ALA B 1143 13.12 1.86 -14.52
C ALA B 1143 13.28 3.27 -13.94
N ASN B 1144 12.28 4.13 -14.18
CA ASN B 1144 12.36 5.49 -13.67
C ASN B 1144 12.38 5.52 -12.15
N LEU B 1145 11.61 4.64 -11.52
CA LEU B 1145 11.58 4.61 -10.05
C LEU B 1145 12.91 4.08 -9.50
N LEU B 1146 13.50 3.09 -10.16
CA LEU B 1146 14.79 2.56 -9.71
C LEU B 1146 15.87 3.64 -9.80
N LEU B 1147 15.92 4.36 -10.92
CA LEU B 1147 16.89 5.43 -11.06
C LEU B 1147 16.73 6.48 -9.97
N THR B 1148 15.48 6.82 -9.64
CA THR B 1148 15.24 7.80 -8.57
C THR B 1148 15.78 7.28 -7.25
N ALA B 1149 15.51 6.01 -6.93
CA ALA B 1149 16.01 5.44 -5.68
C ALA B 1149 17.53 5.39 -5.66
N ARG B 1150 18.14 5.06 -6.80
CA ARG B 1150 19.60 4.99 -6.86
C ARG B 1150 20.22 6.35 -6.62
N LEU B 1151 19.70 7.39 -7.27
CA LEU B 1151 20.20 8.74 -7.06
C LEU B 1151 20.07 9.15 -5.60
N ASN B 1152 18.90 8.89 -5.00
CA ASN B 1152 18.68 9.26 -3.61
C ASN B 1152 19.66 8.52 -2.69
N LEU B 1153 19.84 7.22 -2.91
CA LEU B 1153 20.80 6.48 -2.12
C LEU B 1153 22.20 7.06 -2.26
N LEU B 1154 22.59 7.42 -3.49
CA LEU B 1154 23.92 7.96 -3.70
C LEU B 1154 24.11 9.28 -2.97
N GLN B 1155 23.11 10.18 -3.05
CA GLN B 1155 23.18 11.42 -2.29
C GLN B 1155 23.39 11.13 -0.80
N ALA B 1156 22.66 10.15 -0.27
CA ALA B 1156 22.84 9.78 1.12
C ALA B 1156 24.26 9.29 1.38
N TRP B 1157 24.76 8.40 0.52
CA TRP B 1157 26.09 7.84 0.71
C TRP B 1157 27.16 8.92 0.61
N ALA B 1158 27.07 9.78 -0.40
CA ALA B 1158 28.04 10.86 -0.54
C ALA B 1158 28.03 11.78 0.68
N ASN B 1159 26.84 12.15 1.14
CA ASN B 1159 26.75 13.00 2.33
C ASN B 1159 27.34 12.30 3.55
N LEU B 1160 27.06 10.99 3.70
CA LEU B 1160 27.64 10.24 4.80
C LEU B 1160 29.16 10.33 4.78
N LEU B 1161 29.78 10.00 3.64
CA LEU B 1161 31.22 10.05 3.53
C LEU B 1161 31.75 11.47 3.74
N LEU B 1162 31.00 12.47 3.28
CA LEU B 1162 31.43 13.86 3.46
C LEU B 1162 31.50 14.21 4.94
N VAL B 1163 30.43 13.90 5.69
CA VAL B 1163 30.43 14.16 7.12
C VAL B 1163 31.58 13.43 7.80
N MET B 1164 31.81 12.17 7.42
CA MET B 1164 32.95 11.42 7.94
C MET B 1164 34.24 12.20 7.73
N ILE B 1165 34.47 12.66 6.50
CA ILE B 1165 35.74 13.31 6.16
C ILE B 1165 36.01 14.48 7.09
N GLU B 1166 35.04 15.38 7.26
CA GLU B 1166 35.26 16.53 8.11
C GLU B 1166 35.23 16.16 9.59
N SER B 1167 34.15 15.50 10.02
CA SER B 1167 33.98 15.15 11.43
C SER B 1167 34.69 13.83 11.70
N ASN B 1168 35.99 13.93 11.96
CA ASN B 1168 36.79 12.77 12.33
C ASN B 1168 37.95 13.23 13.20
N ASP B 1169 38.55 12.27 13.90
CA ASP B 1169 39.68 12.52 14.79
C ASP B 1169 40.88 11.66 14.40
N PHE B 1170 40.99 11.33 13.12
CA PHE B 1170 42.11 10.51 12.65
C PHE B 1170 43.44 11.24 12.84
N LYS B 1171 44.51 10.46 12.78
CA LYS B 1171 45.85 10.99 12.59
C LYS B 1171 46.25 10.85 11.13
N SER B 1172 47.41 11.39 10.79
CA SER B 1172 47.82 11.46 9.39
C SER B 1172 47.94 10.07 8.77
N THR B 1173 48.61 9.16 9.46
CA THR B 1173 48.86 7.83 8.87
C THR B 1173 47.58 7.09 8.55
N PRO B 1174 46.60 6.96 9.46
CA PRO B 1174 45.33 6.34 9.07
C PRO B 1174 44.52 7.20 8.11
N LYS B 1175 44.66 8.53 8.21
CA LYS B 1175 43.86 9.41 7.35
C LYS B 1175 44.20 9.20 5.87
N MET B 1176 45.48 9.11 5.54
CA MET B 1176 45.88 8.93 4.14
C MET B 1176 45.29 7.64 3.58
N ALA B 1177 45.40 6.54 4.33
CA ALA B 1177 44.85 5.27 3.87
C ALA B 1177 43.33 5.32 3.78
N PHE B 1178 42.69 6.06 4.69
CA PHE B 1178 41.24 6.22 4.63
C PHE B 1178 40.81 6.93 3.35
N LEU B 1179 41.52 7.99 2.97
CA LEU B 1179 41.18 8.71 1.75
C LEU B 1179 41.56 7.91 0.50
N LEU B 1180 42.57 7.05 0.60
CA LEU B 1180 42.89 6.16 -0.52
C LEU B 1180 41.73 5.21 -0.77
N GLN B 1181 41.18 4.61 0.28
CA GLN B 1181 40.01 3.75 0.12
C GLN B 1181 38.86 4.52 -0.52
N ALA B 1182 38.62 5.76 -0.07
CA ALA B 1182 37.55 6.56 -0.63
C ALA B 1182 37.74 6.76 -2.13
N LEU B 1183 38.96 7.13 -2.53
CA LEU B 1183 39.24 7.30 -3.96
C LEU B 1183 39.06 6.00 -4.72
N GLN B 1184 39.65 4.91 -4.20
CA GLN B 1184 39.49 3.61 -4.84
C GLN B 1184 38.03 3.28 -5.08
N ALA B 1185 37.13 3.74 -4.21
CA ALA B 1185 35.72 3.41 -4.33
C ALA B 1185 35.02 4.29 -5.35
N ILE B 1186 35.20 5.61 -5.24
CA ILE B 1186 34.41 6.54 -6.04
C ILE B 1186 34.95 6.75 -7.45
N LEU B 1187 36.23 6.44 -7.69
CA LEU B 1187 36.84 6.85 -8.95
C LEU B 1187 36.36 6.01 -10.13
N PRO B 1188 36.50 4.68 -10.12
CA PRO B 1188 36.03 3.89 -11.26
C PRO B 1188 34.64 4.28 -11.73
N THR B 1189 33.75 4.60 -10.80
CA THR B 1189 32.42 5.07 -11.17
C THR B 1189 32.50 6.43 -11.86
N LEU B 1190 33.14 7.40 -11.21
CA LEU B 1190 33.16 8.76 -11.73
C LEU B 1190 33.87 8.86 -13.08
N GLU B 1191 34.74 7.91 -13.42
CA GLU B 1191 35.42 7.94 -14.71
C GLU B 1191 34.63 7.23 -15.79
N ALA B 1192 33.97 6.12 -15.45
CA ALA B 1192 33.20 5.37 -16.44
C ALA B 1192 31.81 5.95 -16.64
N PHE B 1193 31.23 6.54 -15.60
CA PHE B 1193 29.87 7.04 -15.66
C PHE B 1193 29.79 8.49 -16.13
N SER B 1194 30.92 9.20 -16.21
CA SER B 1194 30.89 10.60 -16.64
C SER B 1194 30.14 10.78 -17.95
N SER B 1195 30.12 9.74 -18.80
CA SER B 1195 29.43 9.84 -20.08
C SER B 1195 27.93 9.63 -19.95
N LEU B 1196 27.49 8.91 -18.93
CA LEU B 1196 26.09 8.54 -18.81
C LEU B 1196 25.22 9.70 -18.38
N LYS B 1197 25.15 9.98 -17.08
CA LYS B 1197 24.25 10.99 -16.53
C LYS B 1197 25.04 11.94 -15.64
N SER B 1198 24.36 12.98 -15.16
CA SER B 1198 24.99 14.07 -14.42
C SER B 1198 24.62 14.12 -12.94
N ASP B 1199 23.42 13.67 -12.57
CA ASP B 1199 22.99 13.79 -11.18
C ASP B 1199 23.94 13.07 -10.24
N GLU B 1200 24.33 11.85 -10.60
CA GLU B 1200 25.28 11.10 -9.78
C GLU B 1200 26.68 11.68 -9.89
N ALA B 1201 27.06 12.12 -11.09
CA ALA B 1201 28.40 12.69 -11.29
C ALA B 1201 28.63 13.89 -10.39
N PHE B 1202 27.58 14.68 -10.13
CA PHE B 1202 27.74 15.85 -9.26
C PHE B 1202 28.09 15.43 -7.84
N GLU B 1203 27.40 14.41 -7.31
CA GLU B 1203 27.68 13.96 -5.94
C GLU B 1203 29.10 13.40 -5.84
N LEU B 1204 29.48 12.55 -6.79
CA LEU B 1204 30.82 11.96 -6.73
C LEU B 1204 31.91 12.99 -6.99
N ALA B 1205 31.62 14.00 -7.82
CA ALA B 1205 32.63 15.02 -8.11
C ALA B 1205 32.89 15.90 -6.91
N ARG B 1206 31.84 16.25 -6.15
CA ARG B 1206 32.03 17.15 -5.02
C ARG B 1206 32.60 16.44 -3.81
N VAL B 1207 32.32 15.15 -3.63
CA VAL B 1207 32.99 14.39 -2.58
C VAL B 1207 34.48 14.25 -2.92
N ALA B 1208 34.80 14.07 -4.20
CA ALA B 1208 36.20 14.07 -4.61
C ALA B 1208 36.84 15.42 -4.38
N LYS B 1209 36.13 16.51 -4.72
CA LYS B 1209 36.65 17.84 -4.49
C LYS B 1209 37.03 18.05 -3.03
N VAL B 1210 36.06 17.85 -2.12
CA VAL B 1210 36.32 18.08 -0.70
C VAL B 1210 37.43 17.16 -0.21
N LEU B 1211 37.38 15.88 -0.60
CA LEU B 1211 38.44 14.95 -0.21
C LEU B 1211 39.81 15.50 -0.57
N LEU B 1212 39.98 15.91 -1.82
CA LEU B 1212 41.27 16.46 -2.25
C LEU B 1212 41.60 17.75 -1.51
N TRP B 1213 40.60 18.51 -1.11
CA TRP B 1213 40.85 19.81 -0.50
C TRP B 1213 41.12 19.72 1.00
N LYS B 1214 40.68 18.66 1.67
CA LYS B 1214 41.02 18.46 3.08
C LYS B 1214 42.43 17.90 3.26
N LEU B 1215 43.20 17.78 2.18
CA LEU B 1215 44.59 17.36 2.26
C LEU B 1215 45.52 18.57 2.39
N GLU B 1228 55.84 2.30 4.14
CA GLU B 1228 54.41 2.38 4.41
C GLU B 1228 53.82 3.67 3.83
N GLN B 1229 54.35 4.81 4.27
CA GLN B 1229 53.82 6.10 3.82
C GLN B 1229 53.94 6.27 2.32
N PHE B 1230 54.99 5.72 1.71
CA PHE B 1230 55.18 5.91 0.27
C PHE B 1230 54.13 5.14 -0.53
N THR B 1231 53.89 3.88 -0.18
CA THR B 1231 52.90 3.10 -0.90
C THR B 1231 51.54 3.78 -0.87
N VAL B 1232 51.14 4.30 0.29
CA VAL B 1232 49.86 5.01 0.40
C VAL B 1232 49.89 6.28 -0.44
N GLY B 1233 50.88 7.13 -0.20
CA GLY B 1233 50.94 8.40 -0.91
C GLY B 1233 51.08 8.22 -2.42
N ASN B 1234 51.69 7.12 -2.86
CA ASN B 1234 51.84 6.88 -4.29
C ASN B 1234 50.50 6.47 -4.91
N LEU B 1235 49.82 5.50 -4.30
CA LEU B 1235 48.49 5.14 -4.76
C LEU B 1235 47.55 6.33 -4.74
N ILE B 1236 47.73 7.25 -3.79
CA ILE B 1236 46.92 8.45 -3.75
C ILE B 1236 47.23 9.34 -4.95
N GLY B 1237 48.51 9.64 -5.18
CA GLY B 1237 48.87 10.42 -6.35
C GLY B 1237 48.43 9.77 -7.65
N ASP B 1238 48.51 8.45 -7.71
CA ASP B 1238 47.99 7.73 -8.88
C ASP B 1238 46.51 8.00 -9.07
N LYS B 1239 45.72 7.80 -8.02
CA LYS B 1239 44.28 8.08 -8.12
C LYS B 1239 44.03 9.54 -8.46
N LEU B 1240 44.80 10.45 -7.87
CA LEU B 1240 44.60 11.88 -8.14
C LEU B 1240 44.86 12.19 -9.61
N PHE B 1241 45.84 11.52 -10.22
CA PHE B 1241 46.08 11.73 -11.65
C PHE B 1241 44.95 11.15 -12.49
N GLN B 1242 44.44 9.97 -12.10
CA GLN B 1242 43.25 9.45 -12.75
C GLN B 1242 42.12 10.48 -12.72
N LEU B 1243 41.87 11.06 -11.55
CA LEU B 1243 40.84 12.08 -11.41
C LEU B 1243 41.12 13.27 -12.31
N PHE B 1244 42.38 13.71 -12.34
CA PHE B 1244 42.73 14.86 -13.19
C PHE B 1244 42.43 14.56 -14.66
N GLN B 1245 42.78 13.36 -15.12
CA GLN B 1245 42.54 13.02 -16.53
C GLN B 1245 41.05 12.95 -16.83
N LEU B 1246 40.26 12.33 -15.94
CA LEU B 1246 38.83 12.23 -16.19
C LEU B 1246 38.17 13.61 -16.13
N CYS B 1247 38.64 14.47 -15.23
CA CYS B 1247 38.11 15.84 -15.19
C CYS B 1247 38.42 16.57 -16.48
N LEU B 1248 39.64 16.43 -16.99
CA LEU B 1248 39.99 17.04 -18.27
C LEU B 1248 39.09 16.50 -19.39
N SER B 1249 38.89 15.18 -19.43
CA SER B 1249 38.07 14.59 -20.47
C SER B 1249 36.63 15.09 -20.39
N ALA B 1250 36.13 15.33 -19.18
CA ALA B 1250 34.76 15.80 -19.03
C ALA B 1250 34.63 17.27 -19.43
N ILE B 1251 35.62 18.08 -19.08
CA ILE B 1251 35.57 19.50 -19.43
C ILE B 1251 35.69 19.69 -20.94
N SER B 1252 36.49 18.85 -21.59
CA SER B 1252 36.69 18.98 -23.03
C SER B 1252 35.44 18.62 -23.82
N GLN B 1253 34.48 17.92 -23.20
CA GLN B 1253 33.27 17.49 -23.88
C GLN B 1253 32.03 18.29 -23.45
N CYS B 1254 32.23 19.36 -22.68
CA CYS B 1254 31.14 20.23 -22.24
C CYS B 1254 29.97 19.40 -21.69
N SER B 1255 30.29 18.62 -20.66
CA SER B 1255 29.32 17.71 -20.05
C SER B 1255 28.72 18.33 -18.79
N GLY B 1256 27.50 17.91 -18.48
CA GLY B 1256 26.84 18.34 -17.26
C GLY B 1256 26.54 19.84 -17.24
N THR B 1257 26.03 20.27 -16.09
CA THR B 1257 25.66 21.67 -15.87
C THR B 1257 26.85 22.48 -15.38
N PRO B 1258 26.79 23.81 -15.47
CA PRO B 1258 27.93 24.64 -15.07
C PRO B 1258 28.41 24.37 -13.65
N GLU B 1259 27.53 23.85 -12.79
CA GLU B 1259 27.95 23.60 -11.41
C GLU B 1259 28.87 22.39 -11.33
N LEU B 1260 28.54 21.32 -12.08
CA LEU B 1260 29.45 20.17 -12.14
C LEU B 1260 30.79 20.57 -12.74
N ARG B 1261 30.78 21.49 -13.71
CA ARG B 1261 32.02 21.95 -14.29
C ARG B 1261 32.81 22.83 -13.33
N SER B 1262 32.12 23.53 -12.42
CA SER B 1262 32.82 24.29 -11.38
C SER B 1262 33.55 23.35 -10.44
N LEU B 1263 32.92 22.25 -10.05
CA LEU B 1263 33.59 21.24 -9.23
C LEU B 1263 34.81 20.69 -9.94
N TYR B 1264 34.64 20.29 -11.21
CA TYR B 1264 35.78 19.83 -11.99
C TYR B 1264 36.92 20.86 -11.97
N TYR B 1265 36.58 22.13 -12.21
CA TYR B 1265 37.61 23.17 -12.24
C TYR B 1265 38.31 23.28 -10.90
N SER B 1266 37.56 23.21 -9.80
CA SER B 1266 38.19 23.23 -8.48
C SER B 1266 39.11 22.04 -8.29
N ILE B 1267 38.69 20.86 -8.75
CA ILE B 1267 39.55 19.67 -8.68
C ILE B 1267 40.84 19.92 -9.45
N CYS B 1268 40.72 20.33 -10.72
CA CYS B 1268 41.91 20.53 -11.53
C CYS B 1268 42.80 21.62 -10.95
N TYR B 1269 42.21 22.68 -10.42
CA TYR B 1269 43.01 23.79 -9.89
C TYR B 1269 43.92 23.31 -8.77
N ARG B 1270 43.37 22.54 -7.82
CA ARG B 1270 44.19 22.10 -6.69
C ARG B 1270 45.18 21.01 -7.11
N TYR B 1271 44.81 20.16 -8.07
CA TYR B 1271 45.76 19.16 -8.54
C TYR B 1271 46.96 19.80 -9.22
N LEU B 1272 46.80 21.02 -9.72
CA LEU B 1272 47.90 21.76 -10.33
C LEU B 1272 48.62 22.68 -9.35
N THR B 1273 47.90 23.20 -8.36
CA THR B 1273 48.51 24.14 -7.42
C THR B 1273 49.37 23.43 -6.38
N ALA B 1274 48.95 22.25 -5.93
CA ALA B 1274 49.60 21.57 -4.81
C ALA B 1274 50.38 20.34 -5.23
N VAL B 1275 49.77 19.42 -5.97
CA VAL B 1275 50.42 18.14 -6.26
C VAL B 1275 51.66 18.35 -7.11
N VAL B 1276 51.48 18.88 -8.32
CA VAL B 1276 52.62 19.03 -9.23
C VAL B 1276 53.58 20.10 -8.72
N ASP B 1277 53.05 21.19 -8.16
CA ASP B 1277 53.88 22.26 -7.62
C ASP B 1277 53.93 22.19 -6.09
N THR B 1294 64.79 16.37 -7.90
CA THR B 1294 63.34 16.53 -8.04
C THR B 1294 62.86 15.98 -9.38
N ARG B 1295 63.35 14.79 -9.75
CA ARG B 1295 62.97 14.21 -11.02
C ARG B 1295 61.52 13.77 -11.02
N SER B 1296 60.98 13.36 -9.87
CA SER B 1296 59.58 12.95 -9.82
C SER B 1296 58.65 14.11 -10.15
N VAL B 1297 58.98 15.32 -9.67
CA VAL B 1297 58.14 16.48 -9.94
C VAL B 1297 58.20 16.84 -11.42
N THR B 1298 59.38 16.71 -12.05
CA THR B 1298 59.49 17.03 -13.46
C THR B 1298 58.67 16.07 -14.30
N ASN B 1299 58.72 14.77 -13.99
CA ASN B 1299 57.91 13.80 -14.72
C ASN B 1299 56.42 14.06 -14.53
N ALA B 1300 56.02 14.43 -13.30
CA ALA B 1300 54.62 14.75 -13.05
C ALA B 1300 54.18 15.95 -13.88
N ARG B 1301 55.00 17.00 -13.90
CA ARG B 1301 54.68 18.17 -14.71
C ARG B 1301 54.64 17.81 -16.20
N ALA B 1302 55.54 16.93 -16.64
CA ALA B 1302 55.59 16.58 -18.06
C ALA B 1302 54.33 15.84 -18.48
N ARG B 1303 53.91 14.85 -17.70
CA ARG B 1303 52.72 14.08 -18.05
C ARG B 1303 51.45 14.93 -17.89
N THR B 1304 51.45 15.85 -16.92
CA THR B 1304 50.31 16.75 -16.77
C THR B 1304 50.15 17.62 -18.01
N LEU B 1305 51.25 18.20 -18.50
CA LEU B 1305 51.19 19.01 -19.70
C LEU B 1305 50.81 18.17 -20.92
N LYS B 1306 51.28 16.92 -20.98
CA LYS B 1306 50.88 16.03 -22.05
C LYS B 1306 49.37 15.84 -22.06
N ALA B 1307 48.79 15.56 -20.88
CA ALA B 1307 47.35 15.37 -20.80
C ALA B 1307 46.60 16.62 -21.24
N ILE B 1308 47.05 17.79 -20.80
CA ILE B 1308 46.40 19.04 -21.19
C ILE B 1308 46.47 19.22 -22.71
N THR B 1309 47.65 18.98 -23.29
CA THR B 1309 47.81 19.21 -24.72
C THR B 1309 47.02 18.21 -25.55
N LEU B 1310 46.79 17.00 -25.02
CA LEU B 1310 46.03 16.00 -25.75
C LEU B 1310 44.68 16.55 -26.19
N TYR B 1311 43.94 17.15 -25.26
CA TYR B 1311 42.65 17.73 -25.59
C TYR B 1311 42.83 19.09 -26.27
N GLY B 1312 43.69 19.93 -25.71
CA GLY B 1312 44.10 21.16 -26.36
C GLY B 1312 43.02 22.21 -26.51
N ASP B 1313 42.67 22.53 -27.75
CA ASP B 1313 41.83 23.69 -28.02
C ASP B 1313 40.44 23.53 -27.42
N ARG B 1314 39.86 22.34 -27.50
CA ARG B 1314 38.49 22.14 -27.02
C ARG B 1314 38.38 22.49 -25.54
N LEU B 1315 39.28 21.95 -24.73
CA LEU B 1315 39.20 22.19 -23.29
C LEU B 1315 39.31 23.67 -22.97
N LEU B 1316 40.33 24.34 -23.53
CA LEU B 1316 40.48 25.77 -23.29
C LEU B 1316 39.27 26.54 -23.81
N ASN B 1317 38.69 26.09 -24.93
CA ASN B 1317 37.52 26.76 -25.48
C ASN B 1317 36.35 26.71 -24.50
N VAL B 1318 36.12 25.56 -23.88
CA VAL B 1318 35.00 25.41 -22.95
C VAL B 1318 35.24 26.24 -21.70
N ILE B 1319 36.48 26.25 -21.20
CA ILE B 1319 36.78 27.00 -19.99
C ILE B 1319 36.62 28.49 -20.23
N CYS B 1320 37.04 28.97 -21.40
CA CYS B 1320 36.89 30.39 -21.71
C CYS B 1320 35.43 30.76 -21.94
N ASP B 1321 34.66 29.86 -22.57
CA ASP B 1321 33.23 30.09 -22.68
C ASP B 1321 32.58 30.15 -21.30
N ASP B 1322 33.03 29.29 -20.38
CA ASP B 1322 32.46 29.30 -19.04
C ASP B 1322 32.72 30.62 -18.34
N ALA B 1323 33.93 31.15 -18.47
CA ALA B 1323 34.20 32.49 -17.95
C ALA B 1323 33.21 33.49 -18.56
N TYR B 1324 33.05 34.61 -17.87
CA TYR B 1324 32.06 35.63 -18.24
C TYR B 1324 30.74 34.98 -18.67
N GLY B 1325 30.22 34.14 -17.78
CA GLY B 1325 29.02 33.39 -18.06
C GLY B 1325 27.89 33.65 -17.08
N SER B 1326 26.80 32.87 -17.19
CA SER B 1326 25.65 33.08 -16.33
C SER B 1326 25.96 32.73 -14.88
N ASP B 1327 26.52 31.55 -14.65
CA ASP B 1327 26.77 31.09 -13.28
C ASP B 1327 27.81 31.98 -12.62
N THR B 1328 27.63 32.21 -11.31
CA THR B 1328 28.51 33.11 -10.58
C THR B 1328 29.85 32.45 -10.25
N THR B 1329 29.81 31.21 -9.74
CA THR B 1329 31.03 30.55 -9.29
C THR B 1329 31.73 29.78 -10.39
N CYS B 1330 31.00 29.35 -11.42
CA CYS B 1330 31.65 28.64 -12.53
C CYS B 1330 32.67 29.53 -13.22
N GLN B 1331 32.30 30.76 -13.53
CA GLN B 1331 33.23 31.67 -14.22
C GLN B 1331 34.41 32.02 -13.32
N THR B 1332 34.17 32.15 -12.01
CA THR B 1332 35.27 32.39 -11.09
C THR B 1332 36.22 31.20 -11.05
N ALA B 1333 35.67 29.99 -10.91
CA ALA B 1333 36.51 28.80 -10.89
C ALA B 1333 37.26 28.63 -12.22
N ALA B 1334 36.58 28.95 -13.33
CA ALA B 1334 37.24 28.86 -14.64
C ALA B 1334 38.36 29.88 -14.75
N MET B 1335 38.15 31.09 -14.25
CA MET B 1335 39.20 32.10 -14.27
C MET B 1335 40.40 31.65 -13.47
N ILE B 1336 40.17 31.13 -12.27
CA ILE B 1336 41.28 30.68 -11.43
C ILE B 1336 41.97 29.48 -12.05
N LEU B 1337 41.22 28.61 -12.72
CA LEU B 1337 41.83 27.45 -13.36
C LEU B 1337 42.72 27.87 -14.51
N LEU B 1338 42.26 28.78 -15.37
CA LEU B 1338 43.09 29.28 -16.45
C LEU B 1338 44.37 29.92 -15.90
N ASN B 1339 44.26 30.65 -14.79
CA ASN B 1339 45.44 31.24 -14.17
C ASN B 1339 46.43 30.17 -13.74
N ALA B 1340 45.94 29.10 -13.11
CA ALA B 1340 46.82 28.01 -12.71
C ALA B 1340 47.40 27.30 -13.92
N LEU B 1341 46.59 27.14 -14.98
CA LEU B 1341 47.09 26.50 -16.20
C LEU B 1341 48.28 27.26 -16.77
N VAL B 1342 48.12 28.56 -17.00
CA VAL B 1342 49.20 29.34 -17.58
C VAL B 1342 50.41 29.38 -16.64
N HIS B 1343 50.17 29.38 -15.34
CA HIS B 1343 51.29 29.40 -14.39
C HIS B 1343 52.11 28.12 -14.47
N THR B 1344 51.42 26.97 -14.48
CA THR B 1344 52.14 25.69 -14.56
C THR B 1344 52.74 25.46 -15.93
N SER B 1345 52.20 26.09 -16.98
CA SER B 1345 52.80 25.99 -18.29
C SER B 1345 54.03 26.87 -18.43
N ARG B 1346 54.04 28.02 -17.77
CA ARG B 1346 55.26 28.84 -17.73
C ARG B 1346 56.35 28.16 -16.93
N ALA B 1347 56.01 27.60 -15.76
CA ALA B 1347 57.02 26.96 -14.91
C ALA B 1347 57.77 25.88 -15.67
N SER B 1348 57.16 25.31 -16.70
CA SER B 1348 57.81 24.28 -17.50
C SER B 1348 58.97 24.86 -18.31
N VAL B 1358 61.04 31.45 -25.17
CA VAL B 1358 60.37 32.13 -24.07
C VAL B 1358 58.93 32.47 -24.46
N ASP B 1359 58.01 31.53 -24.24
CA ASP B 1359 56.59 31.76 -24.49
C ASP B 1359 55.82 30.61 -23.84
N CYS B 1360 54.52 30.54 -24.13
CA CYS B 1360 53.65 29.50 -23.60
C CYS B 1360 52.60 29.14 -24.65
N PRO B 1361 52.34 27.84 -24.86
CA PRO B 1361 51.32 27.47 -25.85
C PRO B 1361 49.91 27.76 -25.39
N ILE B 1362 49.65 27.67 -24.09
CA ILE B 1362 48.32 27.97 -23.57
C ILE B 1362 47.97 29.43 -23.83
N ILE B 1363 48.94 30.32 -23.65
CA ILE B 1363 48.69 31.74 -23.89
C ILE B 1363 48.45 31.99 -25.38
N ASP B 1364 49.18 31.30 -26.25
CA ASP B 1364 48.94 31.42 -27.68
C ASP B 1364 47.54 30.93 -28.03
N ALA B 1365 47.11 29.81 -27.44
CA ALA B 1365 45.76 29.33 -27.67
C ALA B 1365 44.73 30.35 -27.20
N LEU B 1366 44.91 30.89 -25.99
CA LEU B 1366 44.00 31.92 -25.50
C LEU B 1366 43.93 33.10 -26.46
N ASN B 1367 45.07 33.49 -27.04
CA ASN B 1367 45.08 34.61 -27.96
C ASN B 1367 44.31 34.28 -29.24
N ARG B 1368 44.40 33.03 -29.71
CA ARG B 1368 43.68 32.65 -30.92
C ARG B 1368 42.18 32.57 -30.67
N LEU B 1369 41.78 32.12 -29.48
CA LEU B 1369 40.36 31.98 -29.14
C LEU B 1369 39.72 33.32 -28.76
N ASN B 1370 40.41 34.43 -28.96
CA ASN B 1370 39.89 35.77 -28.66
C ASN B 1370 39.51 35.92 -27.20
N PHE B 1371 40.11 35.12 -26.31
CA PHE B 1371 39.83 35.27 -24.89
C PHE B 1371 40.47 36.53 -24.33
N ILE B 1372 41.71 36.81 -24.75
CA ILE B 1372 42.39 38.01 -24.28
C ILE B 1372 41.68 39.26 -24.79
N GLY B 1373 41.19 39.22 -26.02
CA GLY B 1373 40.46 40.36 -26.56
C GLY B 1373 39.23 40.70 -25.74
N VAL B 1374 38.35 39.71 -25.54
CA VAL B 1374 37.14 39.95 -24.76
C VAL B 1374 37.50 40.29 -23.31
N LEU B 1375 38.61 39.74 -22.81
CA LEU B 1375 39.03 40.03 -21.45
C LEU B 1375 39.40 41.49 -21.29
N VAL B 1376 40.24 42.01 -22.20
CA VAL B 1376 40.60 43.42 -22.15
C VAL B 1376 39.36 44.28 -22.32
N ASP B 1377 38.46 43.89 -23.21
CA ASP B 1377 37.21 44.63 -23.38
C ASP B 1377 36.41 44.68 -22.08
N SER B 1378 36.31 43.55 -21.38
CA SER B 1378 35.62 43.54 -20.10
C SER B 1378 36.29 44.45 -19.07
N LEU B 1379 37.58 44.76 -19.26
CA LEU B 1379 38.24 45.69 -18.35
C LEU B 1379 37.55 47.04 -18.35
N LYS B 1380 36.88 47.39 -19.44
CA LYS B 1380 36.05 48.59 -19.45
C LYS B 1380 34.92 48.45 -18.44
N GLU B 1381 34.47 49.58 -17.91
CA GLU B 1381 33.38 49.62 -16.95
C GLU B 1381 33.65 48.69 -15.77
N ILE B 1382 34.92 48.52 -15.40
CA ILE B 1382 35.28 47.67 -14.28
C ILE B 1382 34.82 48.28 -12.96
N LEU B 1383 34.63 49.60 -12.91
CA LEU B 1383 34.21 50.23 -11.67
C LEU B 1383 32.86 49.68 -11.19
N ASN B 1384 31.96 49.37 -12.13
CA ASN B 1384 30.64 48.86 -11.75
C ASN B 1384 30.76 47.52 -11.02
N GLU B 1385 31.57 46.61 -11.56
CA GLU B 1385 31.71 45.29 -10.95
C GLU B 1385 32.25 45.41 -9.53
N TRP B 1386 33.41 46.05 -9.37
CA TRP B 1386 34.04 46.18 -8.07
C TRP B 1386 33.31 47.20 -7.20
N ALA B 1409 34.42 40.82 -0.32
CA ALA B 1409 33.70 39.61 0.03
C ALA B 1409 32.61 39.31 -0.99
N SER B 1410 32.21 40.32 -1.75
CA SER B 1410 31.18 40.14 -2.76
C SER B 1410 31.64 39.13 -3.80
N PRO B 1411 30.72 38.35 -4.38
CA PRO B 1411 31.14 37.40 -5.42
C PRO B 1411 31.72 38.08 -6.66
N SER B 1412 31.11 39.19 -7.09
CA SER B 1412 31.65 39.92 -8.22
C SER B 1412 33.04 40.47 -7.91
N GLN B 1413 33.30 40.83 -6.64
CA GLN B 1413 34.60 41.38 -6.28
C GLN B 1413 35.69 40.31 -6.42
N GLN B 1414 35.43 39.11 -5.91
CA GLN B 1414 36.43 38.04 -6.03
C GLN B 1414 36.58 37.59 -7.48
N TYR B 1415 35.50 37.62 -8.26
CA TYR B 1415 35.61 37.29 -9.67
C TYR B 1415 36.54 38.27 -10.39
N THR B 1416 36.35 39.57 -10.13
CA THR B 1416 37.24 40.57 -10.71
C THR B 1416 38.66 40.40 -10.20
N SER B 1417 38.82 40.00 -8.93
CA SER B 1417 40.16 39.75 -8.39
C SER B 1417 40.85 38.64 -9.16
N ALA B 1418 40.16 37.53 -9.38
CA ALA B 1418 40.73 36.45 -10.19
C ALA B 1418 40.96 36.90 -11.62
N LYS B 1419 40.04 37.70 -12.16
CA LYS B 1419 40.21 38.21 -13.52
C LYS B 1419 41.48 39.04 -13.62
N LEU B 1420 41.70 39.94 -12.68
CA LEU B 1420 42.90 40.78 -12.72
C LEU B 1420 44.16 39.98 -12.42
N ALA B 1421 44.06 38.95 -11.58
CA ALA B 1421 45.21 38.09 -11.34
C ALA B 1421 45.61 37.34 -12.61
N LEU B 1422 44.63 36.89 -13.39
CA LEU B 1422 44.93 36.25 -14.67
C LEU B 1422 45.59 37.25 -15.62
N LEU B 1423 45.04 38.45 -15.72
CA LEU B 1423 45.66 39.48 -16.56
C LEU B 1423 47.11 39.72 -16.14
N LEU B 1424 47.37 39.79 -14.83
CA LEU B 1424 48.73 40.01 -14.36
C LEU B 1424 49.64 38.87 -14.77
N GLN B 1425 49.23 37.63 -14.52
CA GLN B 1425 50.08 36.49 -14.85
C GLN B 1425 50.31 36.39 -16.35
N LEU B 1426 49.39 36.89 -17.17
CA LEU B 1426 49.60 36.90 -18.62
C LEU B 1426 50.61 37.97 -19.00
N CYS B 1427 50.48 39.18 -18.44
CA CYS B 1427 51.39 40.26 -18.76
C CYS B 1427 52.81 40.03 -18.27
N GLN B 1428 53.04 38.98 -17.47
CA GLN B 1428 54.39 38.72 -16.99
C GLN B 1428 55.33 38.33 -18.13
N THR B 1429 54.88 37.45 -19.02
CA THR B 1429 55.71 36.99 -20.11
C THR B 1429 55.75 38.02 -21.24
N ARG B 1430 56.60 37.73 -22.23
CA ARG B 1430 56.74 38.63 -23.38
C ARG B 1430 55.51 38.57 -24.28
N GLN B 1431 55.25 37.40 -24.87
CA GLN B 1431 54.13 37.30 -25.81
C GLN B 1431 52.79 37.46 -25.10
N GLY B 1432 52.71 37.07 -23.82
CA GLY B 1432 51.50 37.33 -23.07
C GLY B 1432 51.20 38.81 -22.97
N ALA B 1433 52.19 39.60 -22.53
CA ALA B 1433 52.00 41.04 -22.47
C ALA B 1433 51.70 41.62 -23.84
N LYS B 1434 52.35 41.09 -24.87
CA LYS B 1434 52.11 41.57 -26.23
C LYS B 1434 50.65 41.37 -26.62
N TYR B 1435 50.16 40.13 -26.53
CA TYR B 1435 48.79 39.85 -26.91
C TYR B 1435 47.80 40.69 -26.09
N VAL B 1436 48.11 40.93 -24.82
CA VAL B 1436 47.28 41.81 -24.00
C VAL B 1436 47.31 43.22 -24.57
N LEU B 1437 48.50 43.77 -24.76
CA LEU B 1437 48.64 45.16 -25.20
C LEU B 1437 48.08 45.38 -26.60
N GLN B 1438 48.10 44.36 -27.45
CA GLN B 1438 47.70 44.53 -28.84
C GLN B 1438 46.24 44.95 -28.96
N ALA B 1439 45.40 44.58 -28.01
CA ALA B 1439 43.96 44.83 -28.08
C ALA B 1439 43.56 46.05 -27.25
N ASN B 1440 44.24 47.17 -27.49
CA ASN B 1440 43.87 48.47 -26.92
C ASN B 1440 43.58 48.35 -25.42
N LEU B 1441 44.59 47.95 -24.66
CA LEU B 1441 44.43 47.85 -23.22
C LEU B 1441 44.30 49.23 -22.58
N PHE B 1442 45.23 50.13 -22.88
CA PHE B 1442 45.23 51.44 -22.24
C PHE B 1442 43.92 52.17 -22.47
N ARG B 1443 43.42 52.14 -23.71
CA ARG B 1443 42.15 52.80 -23.99
C ARG B 1443 41.02 52.18 -23.17
N ALA B 1444 41.05 50.86 -22.98
CA ALA B 1444 40.02 50.20 -22.20
C ALA B 1444 40.02 50.69 -20.76
N LEU B 1445 41.20 50.75 -20.13
CA LEU B 1445 41.26 51.17 -18.73
C LEU B 1445 41.05 52.66 -18.56
N GLU B 1446 41.33 53.47 -19.59
CA GLU B 1446 41.03 54.89 -19.49
C GLU B 1446 39.53 55.15 -19.61
N GLN B 1447 38.86 54.44 -20.51
CA GLN B 1447 37.41 54.55 -20.62
C GLN B 1447 36.73 54.11 -19.34
N SER B 1448 37.33 53.18 -18.59
CA SER B 1448 36.76 52.76 -17.32
C SER B 1448 36.80 53.87 -16.27
N GLY B 1449 37.64 54.88 -16.47
CA GLY B 1449 37.72 55.98 -15.53
C GLY B 1449 38.08 55.56 -14.12
N VAL B 1450 38.85 54.47 -13.98
CA VAL B 1450 39.20 53.99 -12.65
C VAL B 1450 40.16 54.97 -11.96
N PHE B 1451 41.00 55.66 -12.74
CA PHE B 1451 41.96 56.60 -12.17
C PHE B 1451 41.37 58.00 -12.13
N VAL B 1469 37.92 51.59 6.72
CA VAL B 1469 39.33 51.34 6.51
C VAL B 1469 39.52 50.15 5.58
N VAL B 1470 38.63 49.17 5.69
CA VAL B 1470 38.73 47.99 4.83
C VAL B 1470 38.27 48.30 3.41
N ALA B 1471 37.30 49.19 3.26
CA ALA B 1471 36.87 49.60 1.92
C ALA B 1471 38.00 50.30 1.17
N LEU B 1472 38.73 51.16 1.87
CA LEU B 1472 39.90 51.80 1.26
C LEU B 1472 40.99 50.77 0.96
N GLU B 1473 41.10 49.73 1.79
CA GLU B 1473 42.07 48.68 1.51
C GLU B 1473 41.72 47.93 0.24
N ARG B 1474 40.43 47.65 0.03
CA ARG B 1474 40.02 46.96 -1.19
C ARG B 1474 40.21 47.86 -2.41
N HIS B 1475 39.91 49.15 -2.29
CA HIS B 1475 40.12 50.06 -3.40
C HIS B 1475 41.60 50.16 -3.76
N TYR B 1476 42.46 50.23 -2.75
CA TYR B 1476 43.90 50.26 -3.01
C TYR B 1476 44.37 48.94 -3.61
N ALA B 1477 43.75 47.82 -3.23
CA ALA B 1477 44.11 46.54 -3.82
C ALA B 1477 43.75 46.50 -5.30
N LEU B 1478 42.60 47.07 -5.66
CA LEU B 1478 42.23 47.16 -7.07
C LEU B 1478 43.22 48.01 -7.85
N LEU B 1479 43.56 49.18 -7.30
CA LEU B 1479 44.54 50.03 -7.95
C LEU B 1479 45.90 49.34 -8.06
N VAL B 1480 46.29 48.58 -7.04
CA VAL B 1480 47.55 47.84 -7.08
C VAL B 1480 47.51 46.83 -8.22
N ALA B 1481 46.45 46.04 -8.29
CA ALA B 1481 46.32 45.05 -9.37
C ALA B 1481 46.41 45.73 -10.74
N LEU B 1482 45.70 46.83 -10.92
CA LEU B 1482 45.75 47.54 -12.20
C LEU B 1482 47.14 48.08 -12.48
N ALA B 1483 47.75 48.73 -11.49
CA ALA B 1483 49.10 49.26 -11.69
C ALA B 1483 50.09 48.14 -12.00
N ARG B 1484 49.92 46.97 -11.35
CA ARG B 1484 50.81 45.85 -11.60
C ARG B 1484 50.62 45.31 -13.01
N VAL B 1485 49.37 45.23 -13.47
CA VAL B 1485 49.11 44.83 -14.85
C VAL B 1485 49.82 45.77 -15.81
N VAL B 1486 49.65 47.08 -15.61
CA VAL B 1486 50.28 48.06 -16.49
C VAL B 1486 51.79 47.90 -16.47
N GLY B 1487 52.38 47.83 -15.27
CA GLY B 1487 53.82 47.75 -15.17
C GLY B 1487 54.38 46.51 -15.84
N ALA B 1488 53.77 45.35 -15.56
CA ALA B 1488 54.25 44.11 -16.16
C ALA B 1488 54.17 44.16 -17.68
N ALA B 1489 53.07 44.67 -18.21
CA ALA B 1489 52.90 44.71 -19.67
C ALA B 1489 53.96 45.61 -20.30
N VAL B 1490 54.25 46.76 -19.68
CA VAL B 1490 55.24 47.68 -20.24
C VAL B 1490 56.62 47.04 -20.23
N THR B 1491 57.06 46.55 -19.07
CA THR B 1491 58.41 46.03 -18.94
C THR B 1491 58.62 44.72 -19.69
N ALA B 1492 57.54 44.06 -20.10
CA ALA B 1492 57.68 42.74 -20.72
C ALA B 1492 58.21 42.83 -22.15
N ARG B 1493 57.45 43.46 -23.04
CA ARG B 1493 57.83 43.47 -24.45
C ARG B 1493 59.06 44.35 -24.68
N GLY B 1494 58.98 45.63 -24.29
CA GLY B 1494 60.12 46.51 -24.40
C GLY B 1494 59.78 47.94 -24.75
N ALA B 1495 60.57 48.54 -25.63
CA ALA B 1495 60.51 49.97 -25.91
C ALA B 1495 59.37 50.35 -26.83
N HIS B 1496 58.57 49.40 -27.31
CA HIS B 1496 57.45 49.74 -28.17
C HIS B 1496 56.29 50.35 -27.39
N ASN B 1497 56.25 50.17 -26.07
CA ASN B 1497 55.15 50.64 -25.25
C ASN B 1497 55.60 51.56 -24.13
N ILE B 1498 56.89 51.91 -24.06
CA ILE B 1498 57.35 52.84 -23.03
C ILE B 1498 56.70 54.20 -23.23
N VAL B 1499 56.42 54.57 -24.47
CA VAL B 1499 55.71 55.83 -24.73
C VAL B 1499 54.33 55.79 -24.07
N GLN B 1500 53.67 54.63 -24.12
CA GLN B 1500 52.37 54.50 -23.48
C GLN B 1500 52.49 54.64 -21.96
N GLY B 1501 53.55 54.09 -21.39
CA GLY B 1501 53.76 54.23 -19.95
C GLY B 1501 54.03 55.67 -19.54
N ARG B 1502 54.79 56.40 -20.36
CA ARG B 1502 55.04 57.81 -20.07
C ARG B 1502 53.76 58.62 -20.13
N LYS B 1503 52.92 58.36 -21.13
CA LYS B 1503 51.64 59.07 -21.22
C LYS B 1503 50.73 58.71 -20.06
N PHE B 1504 50.75 57.45 -19.62
CA PHE B 1504 49.92 57.04 -18.51
C PHE B 1504 50.33 57.73 -17.22
N LEU B 1505 51.65 57.88 -17.01
CA LEU B 1505 52.13 58.54 -15.79
C LEU B 1505 51.91 60.04 -15.85
N THR B 1506 52.10 60.65 -17.02
CA THR B 1506 51.91 62.09 -17.15
C THR B 1506 50.43 62.46 -17.09
N GLN B 1507 49.57 61.64 -17.70
CA GLN B 1507 48.15 61.93 -17.71
C GLN B 1507 47.49 61.71 -16.36
N HIS B 1508 48.08 60.86 -15.51
CA HIS B 1508 47.56 60.60 -14.17
C HIS B 1508 48.55 61.04 -13.09
N ARG B 1509 49.45 61.97 -13.41
CA ARG B 1509 50.40 62.46 -12.42
C ARG B 1509 49.64 63.11 -11.25
N GLY B 1510 50.35 63.29 -10.15
CA GLY B 1510 49.74 63.75 -8.92
C GLY B 1510 49.24 62.60 -8.08
N LEU B 1511 48.49 61.68 -8.70
CA LEU B 1511 48.15 60.43 -8.03
C LEU B 1511 49.41 59.68 -7.62
N VAL B 1512 50.33 59.49 -8.57
CA VAL B 1512 51.61 58.85 -8.24
C VAL B 1512 52.32 59.63 -7.15
N VAL B 1513 52.28 60.97 -7.22
CA VAL B 1513 52.91 61.79 -6.20
C VAL B 1513 52.21 61.59 -4.86
N HIS B 1514 50.88 61.54 -4.88
CA HIS B 1514 50.11 61.31 -3.65
C HIS B 1514 50.54 60.02 -2.97
N VAL B 1515 50.60 58.92 -3.73
CA VAL B 1515 50.93 57.62 -3.16
C VAL B 1515 52.37 57.62 -2.65
N LEU B 1516 53.30 58.10 -3.47
CA LEU B 1516 54.71 58.07 -3.09
C LEU B 1516 54.99 58.94 -1.86
N LYS B 1517 54.20 60.00 -1.66
CA LYS B 1517 54.36 60.80 -0.46
C LYS B 1517 53.72 60.14 0.75
N LYS B 1518 52.58 59.46 0.54
CA LYS B 1518 51.89 58.82 1.66
C LYS B 1518 52.72 57.67 2.23
N ASN B 1519 53.18 56.76 1.37
CA ASN B 1519 53.94 55.62 1.85
C ASN B 1519 55.24 56.05 2.54
N ALA B 1520 55.80 57.18 2.13
CA ALA B 1520 57.02 57.69 2.73
C ALA B 1520 56.71 58.71 3.83
N ILE B 1549 44.16 48.59 13.91
CA ILE B 1549 45.56 48.27 13.71
C ILE B 1549 45.70 47.30 12.54
N LEU B 1550 44.99 46.16 12.62
CA LEU B 1550 45.06 45.15 11.57
C LEU B 1550 44.70 45.76 10.22
N ALA B 1551 43.54 46.42 10.13
CA ALA B 1551 43.13 47.03 8.88
C ALA B 1551 44.07 48.16 8.47
N GLN B 1552 44.58 48.91 9.45
CA GLN B 1552 45.51 49.98 9.13
C GLN B 1552 46.82 49.44 8.58
N GLN B 1553 47.34 48.36 9.18
CA GLN B 1553 48.55 47.74 8.64
C GLN B 1553 48.31 47.21 7.24
N ALA B 1554 47.14 46.62 7.00
CA ALA B 1554 46.83 46.13 5.66
C ALA B 1554 46.75 47.27 4.66
N LEU B 1555 46.12 48.38 5.05
CA LEU B 1555 46.01 49.52 4.14
C LEU B 1555 47.38 50.13 3.86
N GLU B 1556 48.20 50.28 4.89
CA GLU B 1556 49.53 50.86 4.69
C GLU B 1556 50.38 49.96 3.80
N GLU B 1557 50.28 48.64 3.96
CA GLU B 1557 50.99 47.73 3.09
C GLU B 1557 50.52 47.86 1.66
N ARG B 1558 49.21 48.02 1.47
CA ARG B 1558 48.68 48.21 0.11
C ARG B 1558 49.21 49.50 -0.50
N ILE B 1559 49.27 50.58 0.29
CA ILE B 1559 49.84 51.83 -0.20
C ILE B 1559 51.30 51.62 -0.58
N GLU B 1560 52.06 50.90 0.26
CA GLU B 1560 53.45 50.61 -0.06
C GLU B 1560 53.56 49.84 -1.37
N GLU B 1561 52.69 48.86 -1.58
CA GLU B 1561 52.72 48.09 -2.82
C GLU B 1561 52.38 48.97 -4.02
N LEU B 1562 51.40 49.85 -3.88
CA LEU B 1562 51.04 50.75 -4.97
C LEU B 1562 52.19 51.70 -5.28
N ALA B 1563 52.83 52.24 -4.24
CA ALA B 1563 54.02 53.07 -4.45
C ALA B 1563 55.11 52.30 -5.17
N GLU B 1564 55.36 51.05 -4.74
CA GLU B 1564 56.36 50.23 -5.40
C GLU B 1564 56.01 50.00 -6.86
N ALA B 1565 54.72 49.76 -7.14
CA ALA B 1565 54.31 49.51 -8.52
C ALA B 1565 54.54 50.74 -9.40
N PHE B 1566 54.14 51.91 -8.92
CA PHE B 1566 54.36 53.13 -9.69
C PHE B 1566 55.85 53.43 -9.84
N MET B 1567 56.63 53.17 -8.79
CA MET B 1567 58.07 53.37 -8.90
C MET B 1567 58.68 52.43 -9.92
N LEU B 1568 58.25 51.16 -9.91
CA LEU B 1568 58.75 50.21 -10.90
C LEU B 1568 58.40 50.65 -12.32
N LEU B 1569 57.14 51.03 -12.54
CA LEU B 1569 56.74 51.51 -13.86
C LEU B 1569 57.56 52.73 -14.28
N ILE B 1570 57.78 53.66 -13.34
CA ILE B 1570 58.54 54.87 -13.65
C ILE B 1570 59.94 54.52 -14.15
N THR B 1571 60.69 53.76 -13.34
CA THR B 1571 62.09 53.51 -13.67
C THR B 1571 62.23 52.63 -14.90
N ALA B 1572 61.33 51.65 -15.06
CA ALA B 1572 61.39 50.78 -16.23
C ALA B 1572 61.05 51.55 -17.51
N THR B 1573 60.21 52.56 -17.41
CA THR B 1573 59.87 53.40 -18.55
C THR B 1573 60.85 54.54 -18.74
N GLY B 1574 61.53 54.97 -17.68
CA GLY B 1574 62.49 56.05 -17.78
C GLY B 1574 61.88 57.43 -17.73
N PHE B 1575 60.87 57.63 -16.87
CA PHE B 1575 60.24 58.94 -16.75
C PHE B 1575 61.22 59.98 -16.21
N LEU B 1576 62.29 59.55 -15.54
CA LEU B 1576 63.34 60.48 -15.16
C LEU B 1576 63.98 61.11 -16.39
N GLU B 1577 64.23 60.31 -17.42
CA GLU B 1577 64.85 60.83 -18.63
C GLU B 1577 64.01 61.93 -19.27
N TYR B 1578 62.68 61.84 -19.15
CA TYR B 1578 61.82 62.85 -19.76
C TYR B 1578 61.86 64.14 -18.96
N GLU B 1579 61.96 64.06 -17.64
CA GLU B 1579 62.00 65.25 -16.78
C GLU B 1579 60.78 66.12 -17.01
#